data_4FMB
#
_entry.id   4FMB
#
_cell.length_a   186.118
_cell.length_b   127.311
_cell.length_c   107.325
_cell.angle_alpha   90.00
_cell.angle_beta   94.45
_cell.angle_gamma   90.00
#
_symmetry.space_group_name_H-M   'C 1 2 1'
#
loop_
_entity.id
_entity.type
_entity.pdbx_description
1 polymer 'Cysteine protease-like virA'
2 polymer 'Ras-related protein Rab-1A'
3 non-polymer 'ALUMINUM FLUORIDE'
4 non-polymer "GUANOSINE-5'-DIPHOSPHATE"
5 non-polymer 'MAGNESIUM ION'
6 water water
#
loop_
_entity_poly.entity_id
_entity_poly.type
_entity_poly.pdbx_seq_one_letter_code
_entity_poly.pdbx_strand_id
1 'polypeptide(L)'
;GPLGSIYSPHETLAEKHSEKKLMDSFSPSLSQDKMDGEFAHANIDGISIRLCLNKGICSVFYLDGDKIQSTQLSSKEYNN
LLSSLPPKQFNLGKVHTITAPVSGNFKTHKPAPEVIETAINCCTSIIPNDDYFHVKDTDFNSVWHDIYRDIRASDSNSTK
IYFNNIEIPLKLIADLINELGINEFIDSKKELQMLSYNQVNKIINSNFPQQDLCFQTEKLLFTSLFQDPAFISALTSAFW
QSLHITSSSVEHIYAQIMSENIENRLNFMPEQRVINNCGHIIKINAVVPKNDTAISASGGRAYEVSSSILPSHITCNGVG
INKIETSYLVHAGTLPSSEGLRNAIPPESRQVSFAIISPDV
;
A,C,E
2 'polypeptide(L)'
;PEYDALFKLLLIGDSGVGKSCLLLRFADDTYTESYISTIGVDFKIRTIELDGKTIKLQIWDTAGQERFRTITSSYYRGAH
GIIVVYDVTDQESFNNVKQWLQEIDRYASENVNKLLVGNKCDLTTKKVVDYTTAKEFADSLGIPFLETSAKNATNVEQSF
MTMAAEIKKRM
;
B,D,F
#
loop_
_chem_comp.id
_chem_comp.type
_chem_comp.name
_chem_comp.formula
AF3 non-polymer 'ALUMINUM FLUORIDE' 'Al F3'
GDP RNA linking GUANOSINE-5'-DIPHOSPHATE 'C10 H15 N5 O11 P2'
MG non-polymer 'MAGNESIUM ION' 'Mg 2'
#
# COMPACT_ATOMS: atom_id res chain seq x y z
N GLY A 1 29.36 -0.80 47.49
CA GLY A 1 29.15 -0.70 45.98
C GLY A 1 29.97 0.31 45.18
N PRO A 2 30.13 1.56 45.66
CA PRO A 2 29.55 2.01 46.93
C PRO A 2 28.01 2.00 46.89
N LEU A 3 27.42 2.44 45.78
CA LEU A 3 25.98 2.44 45.67
C LEU A 3 25.40 1.16 45.10
N GLY A 4 26.13 0.07 45.23
CA GLY A 4 25.65 -1.20 44.72
C GLY A 4 26.32 -1.59 43.40
N SER A 5 25.65 -2.45 42.66
CA SER A 5 26.18 -2.91 41.39
C SER A 5 25.64 -2.08 40.26
N ILE A 6 26.35 -2.11 39.15
CA ILE A 6 25.95 -1.37 37.97
C ILE A 6 25.04 -2.20 37.06
N TYR A 7 25.06 -3.52 37.23
CA TYR A 7 24.25 -4.42 36.41
C TYR A 7 22.75 -4.12 36.44
N SER A 8 22.10 -4.06 35.28
CA SER A 8 20.66 -3.83 35.26
C SER A 8 20.01 -4.89 34.38
N PRO A 9 19.09 -5.67 34.96
CA PRO A 9 18.34 -6.75 34.31
C PRO A 9 17.62 -6.30 33.06
N HIS A 10 17.18 -5.05 33.09
CA HIS A 10 16.45 -4.47 31.99
C HIS A 10 17.30 -4.44 30.73
N GLU A 11 18.52 -3.91 30.85
CA GLU A 11 19.44 -3.81 29.73
C GLU A 11 19.72 -5.17 29.15
N THR A 12 19.77 -6.18 30.00
CA THR A 12 20.02 -7.53 29.53
C THR A 12 18.85 -7.98 28.68
N LEU A 13 17.66 -8.02 29.26
CA LEU A 13 16.47 -8.44 28.53
C LEU A 13 16.39 -7.72 27.22
N ALA A 14 16.84 -6.47 27.21
CA ALA A 14 16.76 -5.66 26.01
C ALA A 14 17.66 -6.15 24.90
N GLU A 15 18.89 -6.49 25.22
CA GLU A 15 19.80 -6.93 24.19
C GLU A 15 19.82 -8.45 24.04
N LYS A 16 19.02 -9.12 24.85
CA LYS A 16 19.00 -10.56 24.84
C LYS A 16 17.77 -11.15 24.14
N HIS A 17 16.63 -10.49 24.21
CA HIS A 17 15.42 -11.00 23.56
C HIS A 17 14.73 -9.90 22.79
N SER A 18 13.87 -10.31 21.87
CA SER A 18 13.11 -9.35 21.05
C SER A 18 12.21 -8.49 21.94
N GLU A 19 11.52 -7.54 21.32
CA GLU A 19 10.63 -6.69 22.08
C GLU A 19 9.34 -7.46 22.33
N LYS A 20 8.85 -8.14 21.30
CA LYS A 20 7.62 -8.91 21.44
C LYS A 20 7.84 -10.13 22.33
N LYS A 21 8.98 -10.79 22.21
CA LYS A 21 9.25 -11.97 23.04
C LYS A 21 9.05 -11.59 24.50
N LEU A 22 9.49 -10.37 24.82
CA LEU A 22 9.42 -9.82 26.17
C LEU A 22 7.98 -9.61 26.61
N MET A 23 7.23 -8.90 25.78
CA MET A 23 5.85 -8.63 26.07
C MET A 23 5.03 -9.89 26.15
N ASP A 24 5.21 -10.79 25.19
CA ASP A 24 4.43 -12.03 25.20
C ASP A 24 4.67 -12.85 26.45
N SER A 25 5.76 -12.57 27.14
CA SER A 25 6.09 -13.28 28.35
C SER A 25 5.30 -12.77 29.58
N PHE A 26 4.54 -11.70 29.40
CA PHE A 26 3.76 -11.14 30.51
C PHE A 26 2.39 -11.77 30.59
N SER A 27 1.94 -12.02 31.82
CA SER A 27 0.64 -12.63 32.05
C SER A 27 -0.02 -11.87 33.19
N PRO A 28 -1.36 -11.94 33.27
CA PRO A 28 -2.05 -11.23 34.36
C PRO A 28 -1.77 -11.92 35.69
N SER A 29 -1.49 -11.12 36.71
CA SER A 29 -1.18 -11.62 38.06
C SER A 29 -2.44 -11.83 38.87
N LEU A 30 -2.76 -13.09 39.11
CA LEU A 30 -3.95 -13.46 39.86
C LEU A 30 -3.57 -14.03 41.22
N SER A 31 -2.32 -14.48 41.34
CA SER A 31 -1.79 -15.05 42.58
C SER A 31 -2.15 -14.25 43.85
N GLN A 32 -2.15 -14.95 44.97
CA GLN A 32 -2.47 -14.34 46.26
C GLN A 32 -1.26 -13.56 46.79
N ASP A 33 -0.06 -14.08 46.51
CA ASP A 33 1.19 -13.47 46.93
C ASP A 33 1.83 -12.66 45.81
N LYS A 34 1.16 -11.57 45.45
CA LYS A 34 1.66 -10.69 44.42
C LYS A 34 1.92 -9.32 45.03
N MET A 35 2.94 -8.62 44.54
CA MET A 35 3.23 -7.31 45.07
C MET A 35 1.98 -6.42 45.01
N ASP A 36 1.95 -5.42 45.87
CA ASP A 36 0.82 -4.52 45.94
C ASP A 36 0.60 -3.78 44.66
N GLY A 37 -0.52 -4.03 44.02
CA GLY A 37 -0.81 -3.34 42.78
C GLY A 37 -0.24 -4.03 41.58
N GLU A 38 0.30 -5.23 41.76
CA GLU A 38 0.88 -6.01 40.65
C GLU A 38 -0.27 -6.45 39.73
N PHE A 39 -0.28 -6.04 38.47
CA PHE A 39 -1.38 -6.48 37.62
C PHE A 39 -0.93 -7.50 36.61
N ALA A 40 0.39 -7.57 36.39
CA ALA A 40 0.99 -8.51 35.46
C ALA A 40 2.41 -8.83 35.87
N HIS A 41 2.91 -9.97 35.39
CA HIS A 41 4.27 -10.42 35.68
C HIS A 41 4.85 -11.22 34.53
N ALA A 42 6.14 -11.47 34.58
CA ALA A 42 6.81 -12.24 33.55
C ALA A 42 8.10 -12.82 34.11
N ASN A 43 8.53 -13.93 33.54
CA ASN A 43 9.76 -14.59 33.98
C ASN A 43 10.57 -15.02 32.78
N ILE A 44 11.77 -14.50 32.65
CA ILE A 44 12.64 -14.91 31.56
C ILE A 44 14.07 -14.79 32.02
N ASP A 45 14.78 -15.91 31.98
CA ASP A 45 16.18 -15.94 32.37
C ASP A 45 16.39 -15.70 33.86
N GLY A 46 15.66 -16.44 34.70
CA GLY A 46 15.81 -16.29 36.13
C GLY A 46 15.42 -14.94 36.72
N ILE A 47 14.95 -14.04 35.85
CA ILE A 47 14.52 -12.73 36.32
C ILE A 47 12.99 -12.78 36.34
N SER A 48 12.40 -11.94 37.19
CA SER A 48 10.95 -11.87 37.31
C SER A 48 10.54 -10.41 37.28
N ILE A 49 9.93 -9.98 36.19
CA ILE A 49 9.51 -8.59 36.10
C ILE A 49 8.09 -8.53 36.65
N ARG A 50 7.74 -7.43 37.33
CA ARG A 50 6.40 -7.24 37.88
C ARG A 50 5.89 -5.89 37.48
N LEU A 51 4.73 -5.84 36.85
CA LEU A 51 4.16 -4.55 36.45
C LEU A 51 3.07 -4.15 37.45
N CYS A 52 3.45 -3.27 38.37
CA CYS A 52 2.56 -2.78 39.42
C CYS A 52 1.97 -1.43 39.09
N LEU A 53 0.82 -1.16 39.68
CA LEU A 53 0.12 0.10 39.44
C LEU A 53 -0.39 0.59 40.78
N ASN A 54 0.05 1.78 41.20
CA ASN A 54 -0.36 2.37 42.48
C ASN A 54 -0.53 3.88 42.37
N LYS A 55 -1.66 4.38 42.84
CA LYS A 55 -1.91 5.81 42.77
C LYS A 55 -1.98 6.19 41.30
N GLY A 56 -2.33 5.20 40.47
CA GLY A 56 -2.45 5.45 39.03
C GLY A 56 -1.11 5.63 38.34
N ILE A 57 -0.04 5.20 39.02
CA ILE A 57 1.32 5.29 38.47
C ILE A 57 1.95 3.91 38.40
N CYS A 58 2.31 3.53 37.19
CA CYS A 58 2.89 2.23 36.93
C CYS A 58 4.39 2.21 37.10
N SER A 59 4.87 1.20 37.81
CA SER A 59 6.30 1.04 38.05
C SER A 59 6.71 -0.42 37.76
N VAL A 60 7.91 -0.59 37.19
CA VAL A 60 8.40 -1.90 36.83
C VAL A 60 9.40 -2.43 37.84
N PHE A 61 9.17 -3.64 38.31
CA PHE A 61 10.05 -4.25 39.30
C PHE A 61 10.79 -5.42 38.70
N TYR A 62 12.10 -5.45 38.91
CA TYR A 62 12.92 -6.55 38.43
C TYR A 62 13.48 -7.25 39.67
N LEU A 63 13.12 -8.52 39.81
CA LEU A 63 13.57 -9.33 40.92
C LEU A 63 14.54 -10.36 40.38
N ASP A 64 15.82 -10.19 40.73
CA ASP A 64 16.88 -11.08 40.27
C ASP A 64 17.43 -11.81 41.49
N GLY A 65 16.88 -12.99 41.76
CA GLY A 65 17.31 -13.75 42.92
C GLY A 65 16.78 -13.13 44.19
N ASP A 66 17.51 -12.14 44.71
CA ASP A 66 17.16 -11.44 45.93
C ASP A 66 17.18 -9.93 45.75
N LYS A 67 18.08 -9.43 44.89
CA LYS A 67 18.14 -7.99 44.66
C LYS A 67 16.82 -7.56 44.05
N ILE A 68 16.42 -6.34 44.38
CA ILE A 68 15.19 -5.77 43.88
C ILE A 68 15.45 -4.36 43.36
N GLN A 69 14.94 -4.07 42.17
CA GLN A 69 15.11 -2.78 41.56
C GLN A 69 13.80 -2.42 40.91
N SER A 70 13.51 -1.14 40.83
CA SER A 70 12.27 -0.70 40.23
C SER A 70 12.42 0.61 39.47
N THR A 71 11.49 0.84 38.55
CA THR A 71 11.49 2.05 37.74
C THR A 71 10.07 2.54 37.66
N GLN A 72 9.87 3.81 37.94
CA GLN A 72 8.54 4.36 37.87
C GLN A 72 8.43 4.86 36.42
N LEU A 73 7.31 4.56 35.77
CA LEU A 73 7.09 4.97 34.39
C LEU A 73 6.32 6.26 34.24
N SER A 74 6.81 7.14 33.38
CA SER A 74 6.15 8.40 33.12
C SER A 74 4.81 8.07 32.48
N SER A 75 3.95 9.08 32.34
CA SER A 75 2.63 8.88 31.73
C SER A 75 2.82 8.30 30.33
N LYS A 76 3.62 8.97 29.51
CA LYS A 76 3.86 8.51 28.14
C LYS A 76 4.43 7.10 28.14
N GLU A 77 5.42 6.85 29.00
CA GLU A 77 6.04 5.53 29.07
C GLU A 77 4.98 4.45 29.34
N TYR A 78 4.05 4.75 30.26
CA TYR A 78 3.00 3.81 30.62
C TYR A 78 2.05 3.59 29.47
N ASN A 79 1.53 4.68 28.90
CA ASN A 79 0.60 4.55 27.78
C ASN A 79 1.21 3.71 26.69
N ASN A 80 2.54 3.74 26.63
CA ASN A 80 3.23 2.97 25.62
C ASN A 80 3.22 1.52 26.06
N LEU A 81 3.48 1.31 27.34
CA LEU A 81 3.50 -0.04 27.89
C LEU A 81 2.19 -0.73 27.54
N LEU A 82 1.09 -0.07 27.79
CA LEU A 82 -0.22 -0.66 27.49
C LEU A 82 -0.36 -0.86 26.00
N SER A 83 0.19 0.09 25.24
CA SER A 83 0.12 0.03 23.79
C SER A 83 0.90 -1.15 23.21
N SER A 84 1.72 -1.79 24.03
CA SER A 84 2.52 -2.92 23.56
C SER A 84 2.39 -4.19 24.40
N LEU A 85 1.33 -4.29 25.19
CA LEU A 85 1.11 -5.45 26.03
C LEU A 85 0.33 -6.46 25.23
N PRO A 86 0.49 -7.75 25.55
CA PRO A 86 -0.16 -8.89 24.90
C PRO A 86 -1.67 -8.72 24.96
N PRO A 87 -2.38 -9.20 23.95
CA PRO A 87 -3.84 -9.05 23.98
C PRO A 87 -4.53 -9.89 25.07
N LYS A 88 -4.25 -9.59 26.34
CA LYS A 88 -4.88 -10.34 27.40
C LYS A 88 -5.77 -9.42 28.22
N GLN A 89 -6.29 -9.94 29.35
CA GLN A 89 -7.15 -9.17 30.23
C GLN A 89 -6.43 -8.84 31.53
N PHE A 90 -6.02 -7.59 31.67
CA PHE A 90 -5.33 -7.14 32.87
C PHE A 90 -6.23 -6.26 33.68
N ASN A 91 -5.93 -6.19 34.96
CA ASN A 91 -6.69 -5.37 35.89
C ASN A 91 -6.05 -3.98 35.91
N LEU A 92 -6.30 -3.17 34.88
CA LEU A 92 -5.70 -1.84 34.80
C LEU A 92 -6.55 -0.83 35.53
N GLY A 93 -7.69 -1.30 36.05
CA GLY A 93 -8.60 -0.45 36.78
C GLY A 93 -9.07 0.82 36.06
N LYS A 94 -9.12 0.79 34.74
CA LYS A 94 -9.54 1.96 33.96
C LYS A 94 -9.56 1.60 32.47
N VAL A 95 -10.54 2.06 31.72
CA VAL A 95 -10.53 1.72 30.29
C VAL A 95 -9.64 2.69 29.58
N HIS A 96 -8.53 2.18 29.05
CA HIS A 96 -7.56 3.00 28.36
C HIS A 96 -7.87 3.15 26.88
N THR A 97 -7.10 3.98 26.21
CA THR A 97 -7.30 4.19 24.79
C THR A 97 -5.98 4.08 24.02
N ILE A 98 -5.92 3.10 23.12
CA ILE A 98 -4.73 2.88 22.32
C ILE A 98 -4.90 3.62 21.00
N THR A 99 -3.83 4.24 20.53
CA THR A 99 -3.91 4.96 19.28
C THR A 99 -3.19 4.23 18.16
N ALA A 100 -3.90 4.08 17.06
CA ALA A 100 -3.39 3.38 15.90
C ALA A 100 -2.59 4.25 14.94
N PRO A 101 -1.64 3.63 14.22
CA PRO A 101 -0.76 4.24 13.23
C PRO A 101 -1.51 4.60 11.95
N VAL A 102 -2.44 5.55 12.06
CA VAL A 102 -3.21 6.02 10.91
C VAL A 102 -4.06 7.21 11.32
N SER A 103 -4.16 8.19 10.45
CA SER A 103 -4.93 9.40 10.71
C SER A 103 -6.38 9.18 10.31
N GLY A 104 -7.26 9.19 11.30
CA GLY A 104 -8.67 8.96 11.02
C GLY A 104 -9.32 10.15 10.33
N ASN A 105 -10.52 9.94 9.79
CA ASN A 105 -11.30 10.98 9.14
C ASN A 105 -12.76 10.57 9.39
N PHE A 106 -13.71 11.47 9.14
CA PHE A 106 -15.12 11.16 9.38
C PHE A 106 -15.88 10.92 8.08
N LYS A 107 -15.23 10.23 7.15
CA LYS A 107 -15.84 9.93 5.86
C LYS A 107 -15.54 8.51 5.41
N THR A 108 -15.73 7.56 6.31
CA THR A 108 -15.53 6.14 6.00
C THR A 108 -16.62 5.34 6.70
N HIS A 109 -16.91 4.16 6.13
CA HIS A 109 -17.92 3.29 6.69
C HIS A 109 -17.38 2.27 7.73
N LYS A 110 -16.06 2.08 7.77
CA LYS A 110 -15.44 1.13 8.69
C LYS A 110 -14.06 1.58 9.16
N PRO A 111 -13.58 1.04 10.29
CA PRO A 111 -12.28 1.36 10.87
C PRO A 111 -11.18 0.98 9.90
N ALA A 112 -10.12 1.78 9.88
CA ALA A 112 -9.00 1.52 8.99
C ALA A 112 -8.28 0.23 9.36
N PRO A 113 -7.79 -0.50 8.35
CA PRO A 113 -7.08 -1.78 8.53
C PRO A 113 -6.14 -1.79 9.73
N GLU A 114 -5.56 -0.62 10.01
CA GLU A 114 -4.60 -0.43 11.10
C GLU A 114 -5.30 -0.40 12.44
N VAL A 115 -6.51 0.14 12.45
CA VAL A 115 -7.27 0.24 13.67
C VAL A 115 -7.67 -1.17 14.11
N ILE A 116 -8.14 -1.95 13.15
CA ILE A 116 -8.57 -3.31 13.40
C ILE A 116 -7.40 -4.15 13.92
N GLU A 117 -6.29 -4.10 13.19
CA GLU A 117 -5.11 -4.83 13.58
C GLU A 117 -4.73 -4.47 15.02
N THR A 118 -4.66 -3.17 15.29
CA THR A 118 -4.30 -2.67 16.62
C THR A 118 -5.19 -3.26 17.71
N ALA A 119 -6.50 -3.23 17.42
CA ALA A 119 -7.58 -3.70 18.28
C ALA A 119 -7.45 -5.17 18.63
N ILE A 120 -7.33 -5.97 17.58
CA ILE A 120 -7.21 -7.42 17.66
C ILE A 120 -6.07 -7.88 18.54
N ASN A 121 -5.07 -7.03 18.67
CA ASN A 121 -3.90 -7.40 19.46
C ASN A 121 -3.59 -6.60 20.70
N CYS A 122 -4.43 -5.63 21.04
CA CYS A 122 -4.13 -4.87 22.24
C CYS A 122 -4.79 -5.49 23.46
N CYS A 123 -4.23 -5.21 24.63
CA CYS A 123 -4.78 -5.72 25.86
C CYS A 123 -6.00 -4.91 26.28
N THR A 124 -6.74 -5.48 27.23
CA THR A 124 -7.97 -4.89 27.73
C THR A 124 -7.99 -4.81 29.26
N SER A 125 -8.81 -3.88 29.76
CA SER A 125 -8.95 -3.67 31.19
C SER A 125 -10.21 -4.31 31.76
N ILE A 126 -10.03 -5.15 32.78
CA ILE A 126 -11.12 -5.87 33.42
C ILE A 126 -12.08 -4.98 34.18
N ILE A 127 -13.36 -5.35 34.13
CA ILE A 127 -14.43 -4.65 34.83
C ILE A 127 -14.92 -5.63 35.90
N PRO A 128 -14.67 -5.32 37.18
CA PRO A 128 -15.09 -6.16 38.31
C PRO A 128 -16.51 -6.67 38.24
N ASN A 129 -16.61 -8.00 38.21
CA ASN A 129 -17.86 -8.73 38.12
C ASN A 129 -18.26 -9.31 39.48
N ASP A 130 -18.89 -8.49 40.32
CA ASP A 130 -19.31 -8.90 41.67
C ASP A 130 -20.82 -8.99 41.81
N ASP A 131 -21.53 -8.02 41.23
CA ASP A 131 -22.98 -7.95 41.28
C ASP A 131 -23.54 -8.68 40.05
N TYR A 132 -22.84 -9.73 39.62
CA TYR A 132 -23.24 -10.50 38.44
C TYR A 132 -24.73 -10.85 38.44
N PHE A 133 -25.32 -10.87 37.25
CA PHE A 133 -26.73 -11.19 37.11
C PHE A 133 -26.92 -12.69 37.24
N HIS A 134 -28.18 -13.10 37.36
CA HIS A 134 -28.52 -14.50 37.50
C HIS A 134 -28.98 -15.07 36.19
N VAL A 135 -28.80 -16.37 36.03
CA VAL A 135 -29.19 -17.05 34.81
C VAL A 135 -30.65 -16.84 34.48
N LYS A 136 -30.95 -16.38 33.27
CA LYS A 136 -32.34 -16.22 32.83
C LYS A 136 -32.56 -17.23 31.73
N ASP A 137 -33.81 -17.55 31.46
CA ASP A 137 -34.11 -18.55 30.45
C ASP A 137 -33.98 -18.03 29.03
N THR A 138 -33.94 -16.72 28.88
CA THR A 138 -33.78 -16.13 27.55
C THR A 138 -32.28 -16.07 27.20
N ASP A 139 -31.43 -16.57 28.09
CA ASP A 139 -29.99 -16.59 27.87
C ASP A 139 -29.69 -17.59 26.74
N PHE A 140 -28.75 -17.21 25.86
CA PHE A 140 -28.32 -18.00 24.69
C PHE A 140 -29.50 -18.43 23.82
N ASN A 141 -30.61 -17.73 23.92
CA ASN A 141 -31.76 -18.07 23.12
C ASN A 141 -31.45 -17.93 21.63
N SER A 142 -30.63 -16.94 21.27
CA SER A 142 -30.28 -16.69 19.87
C SER A 142 -28.92 -17.23 19.43
N VAL A 143 -28.28 -17.99 20.29
CA VAL A 143 -26.97 -18.52 19.97
C VAL A 143 -26.84 -19.08 18.56
N TRP A 144 -27.69 -20.03 18.17
CA TRP A 144 -27.54 -20.61 16.83
C TRP A 144 -27.56 -19.59 15.71
N HIS A 145 -28.55 -18.69 15.75
CA HIS A 145 -28.71 -17.67 14.72
C HIS A 145 -27.51 -16.76 14.65
N ASP A 146 -26.97 -16.38 15.79
CA ASP A 146 -25.82 -15.49 15.82
C ASP A 146 -24.59 -16.05 15.10
N ILE A 147 -24.12 -17.23 15.53
CA ILE A 147 -22.95 -17.84 14.90
C ILE A 147 -23.18 -18.04 13.42
N TYR A 148 -24.41 -18.36 13.05
CA TYR A 148 -24.72 -18.56 11.65
C TYR A 148 -24.47 -17.29 10.85
N ARG A 149 -25.13 -16.20 11.22
CA ARG A 149 -25.01 -14.92 10.54
C ARG A 149 -23.57 -14.41 10.51
N ASP A 150 -22.85 -14.59 11.61
CA ASP A 150 -21.46 -14.15 11.70
C ASP A 150 -20.59 -14.93 10.72
N ILE A 151 -20.54 -16.26 10.86
CA ILE A 151 -19.74 -17.11 9.97
C ILE A 151 -20.21 -16.98 8.54
N ARG A 152 -21.51 -16.80 8.35
CA ARG A 152 -22.08 -16.66 7.00
C ARG A 152 -21.37 -15.53 6.25
N ALA A 153 -21.34 -14.35 6.86
CA ALA A 153 -20.69 -13.20 6.26
C ALA A 153 -19.24 -13.08 6.71
N SER A 154 -18.54 -14.19 6.87
CA SER A 154 -17.15 -14.16 7.31
C SER A 154 -16.23 -13.66 6.19
N ASP A 155 -16.68 -13.83 4.95
CA ASP A 155 -15.93 -13.40 3.75
C ASP A 155 -15.70 -11.89 3.71
N SER A 156 -16.49 -11.14 4.48
CA SER A 156 -16.40 -9.69 4.56
C SER A 156 -16.48 -9.29 6.05
N ASN A 157 -15.92 -10.15 6.88
CA ASN A 157 -15.94 -9.99 8.34
C ASN A 157 -14.54 -10.11 8.88
N SER A 158 -14.19 -9.28 9.84
CA SER A 158 -12.84 -9.37 10.41
C SER A 158 -12.75 -10.51 11.41
N THR A 159 -13.74 -11.40 11.36
CA THR A 159 -13.85 -12.56 12.25
C THR A 159 -12.78 -13.62 12.04
N LYS A 160 -12.23 -14.11 13.15
CA LYS A 160 -11.22 -15.13 13.11
C LYS A 160 -11.37 -16.06 14.30
N ILE A 161 -11.25 -17.37 14.06
CA ILE A 161 -11.36 -18.34 15.15
C ILE A 161 -10.06 -19.12 15.30
N TYR A 162 -9.52 -19.14 16.52
CA TYR A 162 -8.26 -19.82 16.79
C TYR A 162 -8.39 -20.88 17.86
N PHE A 163 -7.62 -21.96 17.72
CA PHE A 163 -7.58 -23.03 18.70
C PHE A 163 -6.12 -23.27 19.03
N ASN A 164 -5.66 -22.77 20.16
CA ASN A 164 -4.28 -22.90 20.56
C ASN A 164 -3.36 -22.29 19.51
N ASN A 165 -3.62 -21.02 19.21
CA ASN A 165 -2.86 -20.22 18.26
C ASN A 165 -2.81 -20.86 16.88
N ILE A 166 -3.80 -21.69 16.61
CA ILE A 166 -3.89 -22.36 15.33
C ILE A 166 -5.19 -21.90 14.71
N GLU A 167 -5.08 -21.05 13.67
CA GLU A 167 -6.26 -20.55 12.99
C GLU A 167 -7.07 -21.67 12.35
N ILE A 168 -8.34 -21.73 12.72
CA ILE A 168 -9.26 -22.71 12.20
C ILE A 168 -9.92 -22.08 10.98
N PRO A 169 -9.66 -22.60 9.78
CA PRO A 169 -10.20 -22.12 8.52
C PRO A 169 -11.71 -21.87 8.56
N LEU A 170 -12.13 -20.66 8.21
CA LEU A 170 -13.56 -20.33 8.24
C LEU A 170 -14.40 -21.28 7.41
N LYS A 171 -13.85 -21.73 6.29
CA LYS A 171 -14.54 -22.67 5.40
C LYS A 171 -14.91 -23.88 6.26
N LEU A 172 -13.90 -24.46 6.93
CA LEU A 172 -14.09 -25.61 7.78
C LEU A 172 -15.25 -25.39 8.76
N ILE A 173 -15.20 -24.28 9.49
CA ILE A 173 -16.24 -23.93 10.46
C ILE A 173 -17.57 -23.75 9.77
N ALA A 174 -17.52 -23.38 8.49
CA ALA A 174 -18.72 -23.14 7.70
C ALA A 174 -19.48 -24.44 7.45
N ASP A 175 -18.72 -25.50 7.19
CA ASP A 175 -19.27 -26.83 6.90
C ASP A 175 -19.61 -27.54 8.19
N LEU A 176 -18.78 -27.31 9.22
CA LEU A 176 -19.00 -27.92 10.53
C LEU A 176 -20.33 -27.41 11.05
N ILE A 177 -20.42 -26.09 11.15
CA ILE A 177 -21.61 -25.39 11.63
C ILE A 177 -22.85 -25.92 10.90
N ASN A 178 -22.70 -26.23 9.62
CA ASN A 178 -23.80 -26.76 8.82
C ASN A 178 -24.07 -28.24 9.11
N GLU A 179 -23.05 -29.10 8.98
CA GLU A 179 -23.22 -30.53 9.25
C GLU A 179 -23.79 -30.76 10.64
N LEU A 180 -23.72 -29.74 11.49
CA LEU A 180 -24.26 -29.80 12.83
C LEU A 180 -25.75 -29.44 12.81
N GLY A 181 -26.20 -28.91 11.67
CA GLY A 181 -27.59 -28.57 11.54
C GLY A 181 -27.91 -27.10 11.72
N ILE A 182 -26.90 -26.24 11.75
CA ILE A 182 -27.17 -24.82 11.92
C ILE A 182 -27.30 -24.13 10.57
N ASN A 183 -28.48 -23.58 10.33
CA ASN A 183 -28.76 -22.90 9.08
C ASN A 183 -29.78 -21.78 9.27
N GLU A 184 -30.14 -21.14 8.17
CA GLU A 184 -31.08 -20.04 8.18
C GLU A 184 -32.26 -20.27 9.13
N PHE A 185 -32.96 -21.39 8.93
CA PHE A 185 -34.11 -21.74 9.77
C PHE A 185 -33.85 -22.97 10.63
N ILE A 186 -33.49 -22.75 11.88
CA ILE A 186 -33.23 -23.86 12.80
C ILE A 186 -33.94 -23.47 14.08
N ASP A 187 -34.33 -24.45 14.89
CA ASP A 187 -35.05 -24.12 16.11
C ASP A 187 -34.15 -23.51 17.18
N SER A 188 -34.49 -22.29 17.61
CA SER A 188 -33.72 -21.56 18.62
C SER A 188 -33.40 -22.41 19.83
N LYS A 189 -34.41 -23.08 20.36
CA LYS A 189 -34.24 -23.91 21.53
C LYS A 189 -33.81 -25.34 21.23
N LYS A 190 -33.33 -25.60 20.01
CA LYS A 190 -32.89 -26.94 19.65
C LYS A 190 -31.60 -27.38 20.32
N GLU A 191 -31.36 -28.69 20.33
CA GLU A 191 -30.15 -29.26 20.91
C GLU A 191 -29.37 -29.94 19.80
N LEU A 192 -28.13 -29.52 19.60
CA LEU A 192 -27.33 -30.08 18.55
C LEU A 192 -26.92 -31.52 18.82
N GLN A 193 -26.92 -32.30 17.75
CA GLN A 193 -26.55 -33.70 17.81
C GLN A 193 -25.14 -33.83 17.25
N MET A 194 -24.26 -34.53 17.97
CA MET A 194 -22.89 -34.73 17.52
C MET A 194 -22.81 -35.34 16.14
N LEU A 195 -21.61 -35.45 15.60
CA LEU A 195 -21.46 -36.01 14.27
C LEU A 195 -20.73 -37.36 14.26
N SER A 196 -21.10 -38.20 13.30
CA SER A 196 -20.51 -39.53 13.17
C SER A 196 -19.08 -39.39 12.66
N TYR A 197 -18.31 -40.46 12.76
CA TYR A 197 -16.93 -40.41 12.29
C TYR A 197 -16.90 -40.04 10.81
N ASN A 198 -17.94 -40.41 10.07
CA ASN A 198 -18.00 -40.10 8.64
C ASN A 198 -18.21 -38.61 8.42
N GLN A 199 -19.18 -38.05 9.13
CA GLN A 199 -19.49 -36.63 8.99
C GLN A 199 -18.26 -35.77 9.16
N VAL A 200 -17.52 -35.96 10.26
CA VAL A 200 -16.33 -35.15 10.45
C VAL A 200 -15.34 -35.38 9.32
N ASN A 201 -15.24 -36.62 8.83
CA ASN A 201 -14.30 -36.91 7.74
C ASN A 201 -14.75 -36.26 6.44
N LYS A 202 -16.06 -36.25 6.21
CA LYS A 202 -16.62 -35.62 5.03
C LYS A 202 -16.13 -34.19 5.07
N ILE A 203 -16.34 -33.55 6.22
CA ILE A 203 -15.94 -32.18 6.46
C ILE A 203 -14.44 -32.01 6.32
N ILE A 204 -13.69 -32.60 7.25
CA ILE A 204 -12.25 -32.49 7.24
C ILE A 204 -11.64 -32.77 5.87
N ASN A 205 -12.18 -33.75 5.16
CA ASN A 205 -11.65 -34.08 3.84
C ASN A 205 -12.02 -33.07 2.76
N SER A 206 -13.08 -32.31 2.98
CA SER A 206 -13.48 -31.32 2.01
C SER A 206 -12.62 -30.07 2.13
N ASN A 207 -11.75 -30.04 3.12
CA ASN A 207 -10.88 -28.89 3.33
C ASN A 207 -9.42 -29.26 3.41
N PHE A 208 -9.14 -30.56 3.50
CA PHE A 208 -7.78 -31.05 3.60
C PHE A 208 -7.50 -32.19 2.63
N PRO A 209 -6.52 -32.00 1.75
CA PRO A 209 -6.18 -33.05 0.78
C PRO A 209 -5.61 -34.26 1.53
N GLN A 210 -6.18 -35.45 1.31
CA GLN A 210 -5.70 -36.66 1.99
C GLN A 210 -4.28 -37.03 1.59
N GLN A 211 -3.84 -36.48 0.46
CA GLN A 211 -2.49 -36.75 -0.03
C GLN A 211 -1.56 -35.64 0.45
N ASP A 212 -1.96 -34.96 1.52
CA ASP A 212 -1.17 -33.86 2.05
C ASP A 212 -0.27 -34.25 3.21
N LEU A 213 0.88 -33.60 3.30
CA LEU A 213 1.83 -33.88 4.35
C LEU A 213 1.89 -32.63 5.22
N CYS A 214 1.61 -31.48 4.61
CA CYS A 214 1.62 -30.18 5.27
C CYS A 214 0.85 -29.88 6.57
N PHE A 215 -0.48 -29.91 6.45
CA PHE A 215 -1.40 -29.65 7.54
C PHE A 215 -1.91 -31.01 7.96
N GLN A 216 -1.00 -31.92 8.22
CA GLN A 216 -1.38 -33.27 8.61
C GLN A 216 -1.81 -33.30 10.07
N THR A 217 -1.09 -32.53 10.89
CA THR A 217 -1.39 -32.45 12.32
C THR A 217 -2.70 -31.69 12.57
N GLU A 218 -2.87 -30.55 11.91
CA GLU A 218 -4.07 -29.74 12.04
C GLU A 218 -5.28 -30.63 11.73
N LYS A 219 -5.10 -31.52 10.77
CA LYS A 219 -6.13 -32.45 10.32
C LYS A 219 -6.64 -33.31 11.46
N LEU A 220 -5.73 -34.09 12.05
CA LEU A 220 -6.06 -34.99 13.16
C LEU A 220 -6.67 -34.24 14.33
N LEU A 221 -6.04 -33.13 14.70
CA LEU A 221 -6.53 -32.31 15.80
C LEU A 221 -8.01 -31.98 15.63
N PHE A 222 -8.34 -31.26 14.57
CA PHE A 222 -9.72 -30.88 14.33
C PHE A 222 -10.63 -32.09 14.24
N THR A 223 -10.09 -33.23 13.80
CA THR A 223 -10.91 -34.43 13.68
C THR A 223 -11.44 -34.84 15.04
N SER A 224 -10.59 -34.66 16.05
CA SER A 224 -10.96 -34.96 17.41
C SER A 224 -12.00 -33.93 17.89
N LEU A 225 -11.55 -32.68 18.07
CA LEU A 225 -12.40 -31.59 18.53
C LEU A 225 -13.84 -31.60 18.04
N PHE A 226 -14.03 -31.63 16.73
CA PHE A 226 -15.35 -31.60 16.14
C PHE A 226 -16.32 -32.66 16.68
N GLN A 227 -15.80 -33.64 17.41
CA GLN A 227 -16.66 -34.68 17.95
C GLN A 227 -17.00 -34.42 19.42
N ASP A 228 -16.16 -33.64 20.09
CA ASP A 228 -16.35 -33.31 21.52
C ASP A 228 -17.47 -32.28 21.69
N PRO A 229 -18.58 -32.67 22.36
CA PRO A 229 -19.73 -31.77 22.58
C PRO A 229 -19.32 -30.46 23.27
N ALA A 230 -18.43 -30.57 24.26
CA ALA A 230 -17.94 -29.40 24.97
C ALA A 230 -17.34 -28.40 23.98
N PHE A 231 -16.51 -28.88 23.06
CA PHE A 231 -15.89 -28.00 22.09
C PHE A 231 -16.95 -27.25 21.31
N ILE A 232 -17.87 -27.99 20.71
CA ILE A 232 -18.93 -27.37 19.94
C ILE A 232 -19.65 -26.30 20.75
N SER A 233 -19.76 -26.54 22.06
CA SER A 233 -20.41 -25.62 23.00
C SER A 233 -19.62 -24.33 23.10
N ALA A 234 -18.31 -24.49 23.28
CA ALA A 234 -17.39 -23.37 23.35
C ALA A 234 -17.50 -22.57 22.04
N LEU A 235 -17.10 -23.18 20.93
CA LEU A 235 -17.16 -22.52 19.65
C LEU A 235 -18.47 -21.75 19.44
N THR A 236 -19.60 -22.39 19.69
CA THR A 236 -20.88 -21.73 19.49
C THR A 236 -21.23 -20.67 20.54
N SER A 237 -21.01 -20.97 21.81
CA SER A 237 -21.33 -20.02 22.86
C SER A 237 -20.69 -18.67 22.57
N ALA A 238 -19.42 -18.72 22.18
CA ALA A 238 -18.63 -17.54 21.87
C ALA A 238 -19.24 -16.47 20.95
N PHE A 239 -20.29 -16.79 20.22
CA PHE A 239 -20.89 -15.79 19.34
C PHE A 239 -22.16 -15.16 19.89
N TRP A 240 -22.75 -15.74 20.94
CA TRP A 240 -24.00 -15.18 21.49
C TRP A 240 -23.88 -13.69 21.72
N GLN A 241 -24.69 -12.93 20.99
CA GLN A 241 -24.67 -11.48 21.04
C GLN A 241 -24.73 -10.77 22.39
N SER A 242 -25.02 -11.49 23.48
CA SER A 242 -25.09 -10.84 24.78
C SER A 242 -24.13 -11.40 25.80
N LEU A 243 -23.12 -12.11 25.30
CA LEU A 243 -22.14 -12.73 26.14
C LEU A 243 -21.45 -11.75 27.08
N HIS A 244 -21.27 -10.49 26.67
CA HIS A 244 -20.59 -9.53 27.56
C HIS A 244 -21.46 -8.86 28.61
N ILE A 245 -22.77 -8.84 28.41
CA ILE A 245 -23.66 -8.25 29.41
C ILE A 245 -23.70 -9.27 30.55
N THR A 246 -22.97 -9.01 31.63
CA THR A 246 -22.91 -9.91 32.79
C THR A 246 -23.19 -9.32 34.17
N SER A 247 -23.20 -7.99 34.30
CA SER A 247 -23.49 -7.36 35.59
C SER A 247 -23.80 -5.88 35.43
N SER A 248 -24.39 -5.29 36.47
CA SER A 248 -24.76 -3.89 36.43
C SER A 248 -23.52 -3.02 36.19
N SER A 249 -22.41 -3.39 36.83
CA SER A 249 -21.17 -2.67 36.66
C SER A 249 -20.89 -2.54 35.17
N VAL A 250 -20.67 -3.70 34.55
CA VAL A 250 -20.39 -3.78 33.13
C VAL A 250 -21.38 -2.91 32.35
N GLU A 251 -22.67 -3.06 32.65
CA GLU A 251 -23.72 -2.28 32.00
C GLU A 251 -23.47 -0.78 32.07
N HIS A 252 -23.11 -0.31 33.26
CA HIS A 252 -22.85 1.10 33.51
C HIS A 252 -21.78 1.60 32.54
N ILE A 253 -20.65 0.91 32.54
CA ILE A 253 -19.54 1.25 31.66
C ILE A 253 -19.99 1.16 30.21
N TYR A 254 -20.35 -0.06 29.79
CA TYR A 254 -20.80 -0.31 28.42
C TYR A 254 -21.79 0.74 27.97
N ALA A 255 -22.65 1.16 28.87
CA ALA A 255 -23.64 2.18 28.57
C ALA A 255 -22.95 3.48 28.21
N GLN A 256 -22.01 3.88 29.07
CA GLN A 256 -21.25 5.12 28.91
C GLN A 256 -20.49 5.18 27.61
N ILE A 257 -19.71 4.13 27.36
CA ILE A 257 -18.91 4.03 26.16
C ILE A 257 -19.80 4.17 24.91
N MET A 258 -21.00 3.62 24.97
CA MET A 258 -21.90 3.69 23.83
C MET A 258 -22.43 5.09 23.62
N SER A 259 -22.64 5.80 24.72
CA SER A 259 -23.13 7.17 24.66
C SER A 259 -22.11 8.02 23.94
N GLU A 260 -20.87 7.92 24.43
CA GLU A 260 -19.73 8.66 23.86
C GLU A 260 -19.61 8.36 22.37
N ASN A 261 -19.77 7.10 22.01
CA ASN A 261 -19.72 6.65 20.64
C ASN A 261 -20.82 7.38 19.83
N ILE A 262 -22.06 7.23 20.29
CA ILE A 262 -23.21 7.83 19.63
C ILE A 262 -23.09 9.35 19.52
N GLU A 263 -22.75 10.00 20.63
CA GLU A 263 -22.59 11.46 20.63
C GLU A 263 -21.69 11.87 19.45
N ASN A 264 -20.41 11.51 19.53
CA ASN A 264 -19.48 11.82 18.46
C ASN A 264 -20.02 11.46 17.10
N ARG A 265 -20.68 10.31 16.97
CA ARG A 265 -21.21 9.94 15.67
C ARG A 265 -22.26 10.94 15.19
N LEU A 266 -23.05 11.47 16.13
CA LEU A 266 -24.10 12.44 15.82
C LEU A 266 -23.52 13.76 15.34
N ASN A 267 -22.57 14.27 16.10
CA ASN A 267 -21.92 15.55 15.81
C ASN A 267 -20.96 15.50 14.61
N PHE A 268 -20.24 14.40 14.42
CA PHE A 268 -19.26 14.35 13.34
C PHE A 268 -19.57 13.62 12.06
N MET A 269 -20.60 12.79 12.07
CA MET A 269 -20.92 12.07 10.85
C MET A 269 -22.37 11.58 10.91
N PRO A 270 -23.30 12.50 10.67
CA PRO A 270 -24.73 12.19 10.70
C PRO A 270 -25.19 11.56 9.41
N GLU A 271 -24.47 11.86 8.34
CA GLU A 271 -24.86 11.32 7.05
C GLU A 271 -23.88 10.26 6.55
N GLN A 272 -23.01 9.80 7.44
CA GLN A 272 -22.03 8.80 7.08
C GLN A 272 -22.37 7.43 7.64
N ARG A 273 -22.50 6.43 6.76
CA ARG A 273 -22.83 5.06 7.15
C ARG A 273 -21.63 4.46 7.88
N VAL A 274 -21.86 3.75 8.98
CA VAL A 274 -20.78 3.13 9.74
C VAL A 274 -21.16 1.72 10.18
N ILE A 275 -20.36 0.71 9.82
CA ILE A 275 -20.72 -0.64 10.23
C ILE A 275 -20.76 -0.71 11.73
N ASN A 276 -21.71 -1.49 12.24
CA ASN A 276 -21.90 -1.65 13.67
C ASN A 276 -20.78 -2.48 14.30
N ASN A 277 -20.66 -3.73 13.85
CA ASN A 277 -19.63 -4.62 14.38
C ASN A 277 -18.67 -5.07 13.27
N CYS A 278 -17.40 -5.23 13.62
CA CYS A 278 -16.38 -5.65 12.66
C CYS A 278 -16.28 -7.17 12.64
N GLY A 279 -16.76 -7.81 13.69
CA GLY A 279 -16.69 -9.26 13.72
C GLY A 279 -16.30 -9.81 15.07
N HIS A 280 -15.90 -11.08 15.08
CA HIS A 280 -15.52 -11.75 16.31
C HIS A 280 -14.08 -12.26 16.26
N ILE A 281 -13.42 -12.29 17.41
CA ILE A 281 -12.08 -12.85 17.47
C ILE A 281 -12.14 -13.84 18.63
N ILE A 282 -12.42 -15.11 18.29
CA ILE A 282 -12.54 -16.15 19.29
C ILE A 282 -11.26 -16.98 19.41
N LYS A 283 -10.83 -17.26 20.64
CA LYS A 283 -9.63 -18.05 20.89
C LYS A 283 -9.95 -19.10 21.93
N ILE A 284 -9.91 -20.36 21.50
CA ILE A 284 -10.22 -21.50 22.38
C ILE A 284 -9.00 -22.38 22.63
N ASN A 285 -8.67 -22.57 23.91
CA ASN A 285 -7.54 -23.40 24.29
C ASN A 285 -8.02 -24.59 25.09
N ALA A 286 -7.40 -25.74 24.83
CA ALA A 286 -7.76 -26.95 25.54
C ALA A 286 -7.12 -26.84 26.92
N VAL A 287 -7.95 -26.90 27.96
CA VAL A 287 -7.47 -26.79 29.35
C VAL A 287 -6.54 -27.93 29.78
N VAL A 288 -5.42 -27.56 30.41
CA VAL A 288 -4.43 -28.53 30.89
C VAL A 288 -4.89 -29.32 32.12
N GLY A 299 -16.41 -38.63 28.86
CA GLY A 299 -16.49 -37.45 28.00
C GLY A 299 -15.19 -37.03 27.32
N GLY A 300 -14.49 -36.06 27.90
CA GLY A 300 -13.24 -35.59 27.34
C GLY A 300 -12.48 -34.58 28.19
N ARG A 301 -12.32 -33.37 27.65
CA ARG A 301 -11.60 -32.27 28.31
C ARG A 301 -12.45 -30.99 28.32
N ALA A 302 -12.05 -30.02 29.15
CA ALA A 302 -12.76 -28.75 29.26
C ALA A 302 -12.09 -27.71 28.38
N TYR A 303 -12.76 -26.59 28.14
CA TYR A 303 -12.18 -25.56 27.28
C TYR A 303 -12.30 -24.15 27.80
N GLU A 304 -11.22 -23.39 27.62
CA GLU A 304 -11.17 -22.00 28.01
C GLU A 304 -11.43 -21.18 26.76
N VAL A 305 -12.26 -20.16 26.88
CA VAL A 305 -12.61 -19.34 25.75
C VAL A 305 -12.38 -17.86 25.97
N SER A 306 -12.15 -17.17 24.86
CA SER A 306 -11.93 -15.75 24.88
C SER A 306 -12.59 -15.18 23.63
N SER A 307 -13.77 -14.60 23.80
CA SER A 307 -14.50 -14.07 22.68
C SER A 307 -14.50 -12.55 22.70
N SER A 308 -13.96 -11.95 21.64
CA SER A 308 -13.88 -10.51 21.53
C SER A 308 -14.67 -9.95 20.37
N ILE A 309 -15.44 -8.89 20.64
CA ILE A 309 -16.24 -8.23 19.62
C ILE A 309 -15.59 -6.90 19.28
N LEU A 310 -15.64 -6.53 18.01
CA LEU A 310 -15.03 -5.29 17.57
C LEU A 310 -16.08 -4.31 17.06
N PRO A 311 -16.93 -3.81 17.95
CA PRO A 311 -17.98 -2.85 17.57
C PRO A 311 -17.33 -1.51 17.23
N SER A 312 -17.76 -0.88 16.14
CA SER A 312 -17.21 0.42 15.74
C SER A 312 -17.45 1.41 16.86
N HIS A 313 -16.54 2.37 17.02
CA HIS A 313 -16.64 3.37 18.07
C HIS A 313 -16.03 4.68 17.62
N ILE A 314 -16.87 5.69 17.41
CA ILE A 314 -16.43 7.00 16.95
C ILE A 314 -15.78 7.88 18.00
N THR A 315 -14.61 8.43 17.67
CA THR A 315 -13.85 9.31 18.56
C THR A 315 -13.60 10.70 17.97
N CYS A 316 -12.80 11.50 18.65
CA CYS A 316 -12.51 12.85 18.16
C CYS A 316 -11.64 12.79 16.92
N ASN A 317 -10.99 11.65 16.69
CA ASN A 317 -10.13 11.50 15.53
C ASN A 317 -10.84 10.91 14.32
N GLY A 318 -11.61 9.84 14.52
CA GLY A 318 -12.30 9.20 13.42
C GLY A 318 -13.03 7.94 13.83
N VAL A 319 -13.18 7.00 12.90
CA VAL A 319 -13.87 5.74 13.18
C VAL A 319 -12.94 4.79 13.92
N GLY A 320 -13.22 4.58 15.21
CA GLY A 320 -12.42 3.68 16.02
C GLY A 320 -13.15 2.39 16.34
N ILE A 321 -12.61 1.61 17.29
CA ILE A 321 -13.23 0.36 17.68
C ILE A 321 -13.20 0.18 19.19
N ASN A 322 -14.29 -0.29 19.76
CA ASN A 322 -14.33 -0.54 21.21
C ASN A 322 -14.30 -2.06 21.36
N LYS A 323 -13.16 -2.59 21.77
CA LYS A 323 -13.00 -4.03 21.92
C LYS A 323 -13.58 -4.46 23.25
N ILE A 324 -14.45 -5.45 23.21
CA ILE A 324 -15.05 -5.98 24.42
C ILE A 324 -14.73 -7.46 24.40
N GLU A 325 -13.98 -7.90 25.39
CA GLU A 325 -13.54 -9.29 25.49
C GLU A 325 -14.16 -9.98 26.70
N THR A 326 -14.62 -11.20 26.49
CA THR A 326 -15.24 -12.00 27.54
C THR A 326 -14.51 -13.34 27.62
N SER A 327 -14.30 -13.84 28.83
CA SER A 327 -13.61 -15.11 28.98
C SER A 327 -14.33 -16.00 29.98
N TYR A 328 -14.47 -17.28 29.64
CA TYR A 328 -15.13 -18.20 30.55
C TYR A 328 -14.55 -19.57 30.41
N LEU A 329 -15.13 -20.54 31.11
CA LEU A 329 -14.63 -21.91 31.04
C LEU A 329 -15.72 -22.94 30.81
N VAL A 330 -15.69 -23.55 29.63
CA VAL A 330 -16.65 -24.56 29.29
C VAL A 330 -16.22 -25.92 29.84
N HIS A 331 -17.01 -26.45 30.78
CA HIS A 331 -16.75 -27.74 31.44
C HIS A 331 -16.89 -28.94 30.56
N ALA A 332 -15.98 -29.91 30.73
CA ALA A 332 -15.96 -31.14 29.93
C ALA A 332 -17.33 -31.70 29.59
N GLY A 333 -18.22 -31.71 30.55
CA GLY A 333 -19.55 -32.22 30.28
C GLY A 333 -20.48 -31.06 29.99
N THR A 334 -20.60 -30.68 28.73
CA THR A 334 -21.48 -29.57 28.36
C THR A 334 -22.17 -29.95 27.09
N LEU A 335 -23.42 -29.52 26.93
CA LEU A 335 -24.19 -29.85 25.75
C LEU A 335 -24.58 -28.64 24.90
N PRO A 336 -24.45 -28.76 23.58
CA PRO A 336 -24.77 -27.71 22.61
C PRO A 336 -26.26 -27.40 22.52
N SER A 337 -26.76 -26.55 23.41
CA SER A 337 -28.18 -26.17 23.41
C SER A 337 -28.37 -24.88 24.18
N SER A 338 -29.32 -24.07 23.73
CA SER A 338 -29.58 -22.80 24.38
C SER A 338 -29.62 -23.00 25.90
N GLU A 339 -30.20 -24.13 26.32
CA GLU A 339 -30.33 -24.46 27.73
C GLU A 339 -29.00 -24.84 28.35
N GLY A 340 -28.30 -25.78 27.72
CA GLY A 340 -27.02 -26.23 28.24
C GLY A 340 -26.02 -25.11 28.48
N LEU A 341 -25.95 -24.18 27.53
CA LEU A 341 -25.02 -23.06 27.62
C LEU A 341 -25.39 -22.00 28.66
N ARG A 342 -26.67 -21.62 28.74
CA ARG A 342 -27.08 -20.60 29.72
C ARG A 342 -26.89 -21.07 31.15
N ASN A 343 -26.62 -22.36 31.32
CA ASN A 343 -26.42 -22.94 32.65
C ASN A 343 -24.98 -23.31 32.95
N ALA A 344 -24.26 -23.82 31.95
CA ALA A 344 -22.86 -24.18 32.13
C ALA A 344 -22.01 -22.91 32.11
N ILE A 345 -22.48 -21.88 31.42
CA ILE A 345 -21.79 -20.61 31.31
C ILE A 345 -22.63 -19.45 31.87
N PRO A 346 -22.86 -19.46 33.20
CA PRO A 346 -23.65 -18.40 33.82
C PRO A 346 -22.87 -17.10 33.84
N PRO A 347 -23.56 -15.97 34.03
CA PRO A 347 -22.92 -14.66 34.08
C PRO A 347 -21.71 -14.57 35.04
N GLU A 348 -21.78 -15.25 36.18
CA GLU A 348 -20.68 -15.20 37.16
C GLU A 348 -19.42 -15.98 36.76
N SER A 349 -19.52 -16.83 35.75
CA SER A 349 -18.37 -17.59 35.32
C SER A 349 -17.65 -16.88 34.18
N ARG A 350 -18.17 -15.71 33.81
CA ARG A 350 -17.60 -14.93 32.72
C ARG A 350 -16.86 -13.70 33.24
N GLN A 351 -15.80 -13.30 32.53
CA GLN A 351 -15.04 -12.11 32.87
C GLN A 351 -14.99 -11.18 31.67
N VAL A 352 -15.52 -9.97 31.84
CA VAL A 352 -15.54 -8.99 30.78
C VAL A 352 -14.53 -7.88 31.02
N SER A 353 -13.96 -7.38 29.92
CA SER A 353 -12.95 -6.33 29.95
C SER A 353 -13.13 -5.46 28.71
N PHE A 354 -12.80 -4.17 28.86
CA PHE A 354 -12.92 -3.19 27.79
C PHE A 354 -11.61 -2.54 27.43
N ALA A 355 -11.61 -1.96 26.24
CA ALA A 355 -10.46 -1.24 25.71
C ALA A 355 -10.94 -0.46 24.49
N ILE A 356 -10.43 0.75 24.32
CA ILE A 356 -10.83 1.55 23.17
C ILE A 356 -9.63 1.82 22.27
N ILE A 357 -9.79 1.56 20.98
CA ILE A 357 -8.73 1.76 20.04
C ILE A 357 -9.12 2.88 19.08
N SER A 358 -8.35 3.97 19.05
CA SER A 358 -8.67 5.11 18.18
C SER A 358 -7.67 5.41 17.09
N PRO A 359 -8.13 6.06 16.00
CA PRO A 359 -7.22 6.41 14.91
C PRO A 359 -6.35 7.54 15.43
N ASP A 360 -5.67 8.23 14.54
CA ASP A 360 -4.84 9.34 14.99
C ASP A 360 -5.23 10.65 14.33
N VAL A 361 -4.58 11.73 14.79
CA VAL A 361 -4.83 13.08 14.30
C VAL A 361 -3.97 13.39 13.05
N PRO B 1 -31.66 24.78 9.68
CA PRO B 1 -32.60 23.64 9.56
C PRO B 1 -33.59 23.77 8.38
N GLU B 2 -33.20 23.28 7.21
CA GLU B 2 -34.06 23.40 6.02
C GLU B 2 -35.31 22.51 6.05
N TYR B 3 -35.30 21.52 6.93
CA TYR B 3 -36.37 20.56 7.07
C TYR B 3 -37.54 21.21 7.79
N ASP B 4 -38.72 20.63 7.60
CA ASP B 4 -39.93 21.09 8.26
C ASP B 4 -40.08 20.38 9.59
N ALA B 5 -39.81 19.08 9.60
CA ALA B 5 -39.89 18.29 10.83
C ALA B 5 -38.72 17.33 11.00
N LEU B 6 -38.45 16.95 12.26
CA LEU B 6 -37.39 16.02 12.58
C LEU B 6 -37.95 14.96 13.51
N PHE B 7 -38.25 13.79 12.96
CA PHE B 7 -38.83 12.71 13.74
C PHE B 7 -37.84 11.65 14.21
N LYS B 8 -37.99 11.24 15.46
CA LYS B 8 -37.13 10.22 16.04
C LYS B 8 -37.93 8.93 16.15
N LEU B 9 -37.63 7.96 15.27
CA LEU B 9 -38.30 6.66 15.29
C LEU B 9 -37.37 5.61 15.87
N LEU B 10 -37.92 4.48 16.29
CA LEU B 10 -37.14 3.43 16.90
C LEU B 10 -37.63 2.03 16.52
N LEU B 11 -36.73 1.14 16.13
CA LEU B 11 -37.10 -0.24 15.79
C LEU B 11 -36.86 -1.17 16.98
N ILE B 12 -37.81 -2.04 17.25
CA ILE B 12 -37.70 -2.96 18.37
C ILE B 12 -38.18 -4.35 17.93
N GLY B 13 -37.80 -5.38 18.67
CA GLY B 13 -38.24 -6.71 18.31
C GLY B 13 -37.15 -7.72 18.63
N ASP B 14 -37.47 -9.01 18.60
CA ASP B 14 -36.46 -10.01 18.92
C ASP B 14 -35.33 -10.04 17.93
N SER B 15 -34.28 -10.76 18.28
CA SER B 15 -33.10 -10.87 17.45
C SER B 15 -33.33 -11.66 16.18
N GLY B 16 -32.96 -11.07 15.05
CA GLY B 16 -33.08 -11.75 13.76
C GLY B 16 -34.36 -11.56 13.00
N VAL B 17 -35.28 -10.78 13.56
CA VAL B 17 -36.57 -10.53 12.93
C VAL B 17 -36.38 -9.79 11.61
N GLY B 18 -35.33 -8.98 11.55
CA GLY B 18 -35.04 -8.21 10.35
C GLY B 18 -35.06 -6.71 10.50
N LYS B 19 -34.94 -6.23 11.74
CA LYS B 19 -34.97 -4.80 12.02
C LYS B 19 -34.05 -4.00 11.13
N SER B 20 -32.79 -4.42 11.07
CA SER B 20 -31.83 -3.72 10.27
C SER B 20 -32.09 -3.77 8.78
N CYS B 21 -32.15 -4.96 8.19
CA CYS B 21 -32.40 -5.09 6.74
C CYS B 21 -33.56 -4.21 6.32
N LEU B 22 -34.47 -3.99 7.25
CA LEU B 22 -35.65 -3.15 7.04
C LEU B 22 -35.17 -1.72 6.91
N LEU B 23 -34.45 -1.27 7.93
CA LEU B 23 -33.93 0.08 7.93
C LEU B 23 -33.01 0.35 6.73
N LEU B 24 -32.17 -0.61 6.38
CA LEU B 24 -31.26 -0.45 5.26
C LEU B 24 -32.02 -0.34 3.95
N ARG B 25 -33.03 -1.17 3.77
CA ARG B 25 -33.82 -1.12 2.54
C ARG B 25 -34.53 0.23 2.45
N PHE B 26 -34.86 0.80 3.60
CA PHE B 26 -35.54 2.09 3.63
C PHE B 26 -34.59 3.26 3.38
N ALA B 27 -33.41 3.23 3.98
CA ALA B 27 -32.44 4.31 3.82
C ALA B 27 -31.66 4.26 2.50
N ASP B 28 -30.93 3.17 2.28
CA ASP B 28 -30.10 2.98 1.09
C ASP B 28 -30.80 2.21 -0.02
N ASP B 29 -31.97 1.65 0.27
CA ASP B 29 -32.74 0.88 -0.69
C ASP B 29 -31.98 -0.35 -1.21
N THR B 30 -31.33 -1.07 -0.29
CA THR B 30 -30.58 -2.29 -0.61
C THR B 30 -30.74 -3.31 0.50
N TYR B 31 -30.50 -4.58 0.17
CA TYR B 31 -30.63 -5.64 1.15
C TYR B 31 -29.52 -6.63 0.93
N THR B 32 -28.74 -6.90 1.97
CA THR B 32 -27.64 -7.84 1.86
C THR B 32 -27.61 -8.82 3.03
N GLU B 33 -26.71 -9.79 2.98
CA GLU B 33 -26.59 -10.76 4.04
C GLU B 33 -25.19 -10.80 4.64
N SER B 34 -24.49 -9.68 4.54
CA SER B 34 -23.14 -9.58 5.06
C SER B 34 -23.05 -8.81 6.39
N TYR B 35 -23.73 -7.68 6.48
CA TYR B 35 -23.67 -6.89 7.71
C TYR B 35 -24.17 -7.89 8.72
N ILE B 36 -23.33 -8.23 9.69
CA ILE B 36 -23.67 -9.21 10.72
C ILE B 36 -24.63 -8.59 11.78
N SER B 37 -24.79 -9.33 12.88
CA SER B 37 -25.66 -8.94 13.99
C SER B 37 -25.39 -7.52 14.51
N THR B 38 -26.36 -6.96 15.23
CA THR B 38 -26.20 -5.63 15.80
C THR B 38 -25.94 -5.70 17.31
N ILE B 39 -24.78 -5.22 17.73
CA ILE B 39 -24.44 -5.20 19.14
C ILE B 39 -24.65 -3.76 19.52
N GLY B 40 -25.46 -3.52 20.54
CA GLY B 40 -25.69 -2.16 20.95
C GLY B 40 -26.68 -1.35 20.11
N VAL B 41 -26.42 -0.06 19.98
CA VAL B 41 -27.29 0.81 19.22
C VAL B 41 -26.69 1.20 17.88
N ASP B 42 -27.49 1.85 17.05
CA ASP B 42 -27.05 2.28 15.74
C ASP B 42 -28.12 3.20 15.22
N PHE B 43 -27.87 3.91 14.14
CA PHE B 43 -28.89 4.79 13.60
C PHE B 43 -28.61 5.20 12.16
N LYS B 44 -29.67 5.50 11.43
CA LYS B 44 -29.60 5.92 10.04
C LYS B 44 -30.48 7.13 9.88
N ILE B 45 -30.14 7.99 8.94
CA ILE B 45 -30.92 9.20 8.72
C ILE B 45 -31.34 9.37 7.27
N ARG B 46 -32.65 9.47 7.05
CA ARG B 46 -33.21 9.66 5.71
C ARG B 46 -34.32 10.70 5.75
N THR B 47 -34.30 11.60 4.76
CA THR B 47 -35.29 12.67 4.65
C THR B 47 -36.28 12.45 3.50
N ILE B 48 -37.57 12.61 3.81
CA ILE B 48 -38.64 12.42 2.84
C ILE B 48 -39.51 13.64 2.70
N GLU B 49 -40.55 13.53 1.88
CA GLU B 49 -41.48 14.62 1.67
C GLU B 49 -42.91 14.15 1.80
N LEU B 50 -43.63 14.79 2.72
CA LEU B 50 -45.03 14.48 3.00
C LEU B 50 -45.87 15.76 2.98
N ASP B 51 -46.79 15.84 2.02
CA ASP B 51 -47.66 17.01 1.91
C ASP B 51 -46.82 18.24 1.53
N GLY B 52 -45.93 18.07 0.56
CA GLY B 52 -45.08 19.17 0.13
C GLY B 52 -44.17 19.72 1.22
N LYS B 53 -43.94 18.91 2.26
CA LYS B 53 -43.08 19.26 3.39
C LYS B 53 -41.74 18.51 3.31
N THR B 54 -40.88 18.72 4.30
CA THR B 54 -39.58 18.05 4.34
C THR B 54 -39.35 17.48 5.75
N ILE B 55 -39.45 16.16 5.88
CA ILE B 55 -39.26 15.50 7.17
C ILE B 55 -37.95 14.69 7.25
N LYS B 56 -37.10 15.08 8.20
CA LYS B 56 -35.81 14.42 8.44
C LYS B 56 -36.08 13.30 9.43
N LEU B 57 -35.97 12.05 8.97
CA LEU B 57 -36.23 10.90 9.82
C LEU B 57 -34.97 10.35 10.43
N GLN B 58 -34.96 10.21 11.75
CA GLN B 58 -33.81 9.66 12.43
C GLN B 58 -34.23 8.35 13.08
N ILE B 59 -34.07 7.25 12.34
CA ILE B 59 -34.43 5.92 12.84
C ILE B 59 -33.30 5.30 13.67
N TRP B 60 -33.67 4.65 14.77
CA TRP B 60 -32.69 4.01 15.62
C TRP B 60 -32.81 2.49 15.55
N ASP B 61 -31.67 1.80 15.64
CA ASP B 61 -31.58 0.34 15.57
C ASP B 61 -31.18 -0.23 16.91
N THR B 62 -31.53 -1.48 17.19
CA THR B 62 -31.17 -2.05 18.47
C THR B 62 -30.99 -3.55 18.47
N ALA B 63 -30.43 -4.06 19.55
CA ALA B 63 -30.21 -5.49 19.70
C ALA B 63 -31.47 -6.20 20.19
N GLY B 64 -31.82 -7.30 19.53
CA GLY B 64 -33.02 -8.06 19.89
C GLY B 64 -32.95 -8.89 21.17
N GLN B 65 -31.75 -9.28 21.59
CA GLN B 65 -31.63 -10.08 22.80
C GLN B 65 -32.18 -9.34 24.01
N GLU B 66 -32.78 -10.11 24.92
CA GLU B 66 -33.37 -9.58 26.13
C GLU B 66 -32.37 -8.80 26.97
N ARG B 67 -31.14 -9.31 27.07
CA ARG B 67 -30.12 -8.66 27.87
C ARG B 67 -29.86 -7.20 27.50
N PHE B 68 -30.11 -6.86 26.24
CA PHE B 68 -29.88 -5.50 25.76
C PHE B 68 -30.99 -4.52 26.13
N ARG B 69 -32.16 -5.03 26.50
CA ARG B 69 -33.32 -4.21 26.86
C ARG B 69 -33.02 -3.03 27.78
N THR B 70 -32.35 -3.30 28.90
CA THR B 70 -32.01 -2.27 29.86
C THR B 70 -31.36 -1.05 29.21
N ILE B 71 -30.16 -1.23 28.67
CA ILE B 71 -29.44 -0.13 28.03
C ILE B 71 -30.15 0.43 26.80
N THR B 72 -30.95 -0.39 26.14
CA THR B 72 -31.70 0.05 24.96
C THR B 72 -32.72 1.11 25.36
N SER B 73 -33.34 0.92 26.52
CA SER B 73 -34.38 1.80 27.06
C SER B 73 -34.07 3.30 26.97
N SER B 74 -32.84 3.66 27.27
CA SER B 74 -32.42 5.06 27.24
C SER B 74 -32.82 5.74 25.93
N TYR B 75 -32.94 4.96 24.87
CA TYR B 75 -33.28 5.50 23.55
C TYR B 75 -34.77 5.57 23.26
N TYR B 76 -35.58 4.90 24.09
CA TYR B 76 -37.03 4.89 23.94
C TYR B 76 -37.60 6.30 24.12
N ARG B 77 -37.35 6.91 25.27
CA ARG B 77 -37.83 8.26 25.54
C ARG B 77 -37.23 9.25 24.53
N GLY B 78 -38.07 10.16 24.04
CA GLY B 78 -37.61 11.11 23.06
C GLY B 78 -37.99 10.64 21.67
N ALA B 79 -38.63 9.48 21.60
CA ALA B 79 -39.03 8.91 20.32
C ALA B 79 -40.46 9.25 19.91
N HIS B 80 -40.60 9.77 18.70
CA HIS B 80 -41.91 10.12 18.17
C HIS B 80 -42.73 8.88 17.81
N GLY B 81 -42.04 7.83 17.34
CA GLY B 81 -42.70 6.59 16.96
C GLY B 81 -41.85 5.36 17.24
N ILE B 82 -42.50 4.21 17.34
CA ILE B 82 -41.83 2.94 17.60
C ILE B 82 -42.40 1.90 16.64
N ILE B 83 -41.53 1.13 16.00
CA ILE B 83 -41.99 0.11 15.07
C ILE B 83 -41.61 -1.24 15.64
N VAL B 84 -42.60 -2.02 16.09
CA VAL B 84 -42.31 -3.34 16.63
C VAL B 84 -42.30 -4.35 15.48
N VAL B 85 -41.15 -4.98 15.24
CA VAL B 85 -40.99 -5.94 14.17
C VAL B 85 -40.99 -7.36 14.65
N TYR B 86 -41.62 -8.25 13.90
CA TYR B 86 -41.67 -9.66 14.26
C TYR B 86 -41.48 -10.49 12.98
N ASP B 87 -41.02 -11.73 13.17
CA ASP B 87 -40.74 -12.66 12.08
C ASP B 87 -41.96 -13.52 11.77
N VAL B 88 -42.60 -13.30 10.63
CA VAL B 88 -43.78 -14.09 10.29
C VAL B 88 -43.48 -15.56 10.09
N THR B 89 -42.21 -15.96 10.13
CA THR B 89 -41.86 -17.35 9.96
C THR B 89 -41.46 -17.91 11.31
N ASP B 90 -41.52 -17.07 12.33
CA ASP B 90 -41.16 -17.48 13.69
C ASP B 90 -42.29 -17.18 14.65
N GLN B 91 -42.91 -18.22 15.22
CA GLN B 91 -44.01 -18.02 16.16
C GLN B 91 -43.56 -17.19 17.35
N GLU B 92 -42.51 -17.64 18.01
CA GLU B 92 -41.95 -16.96 19.16
C GLU B 92 -41.93 -15.42 19.04
N SER B 93 -41.31 -14.92 17.98
CA SER B 93 -41.18 -13.47 17.74
C SER B 93 -42.48 -12.73 17.85
N PHE B 94 -43.59 -13.41 17.59
CA PHE B 94 -44.90 -12.78 17.67
C PHE B 94 -45.42 -12.86 19.11
N ASN B 95 -45.23 -14.02 19.74
CA ASN B 95 -45.68 -14.20 21.11
C ASN B 95 -45.07 -13.14 22.02
N ASN B 96 -43.90 -12.63 21.64
CA ASN B 96 -43.20 -11.63 22.44
C ASN B 96 -43.62 -10.18 22.12
N VAL B 97 -44.39 -9.97 21.05
CA VAL B 97 -44.84 -8.63 20.70
C VAL B 97 -45.51 -8.02 21.91
N LYS B 98 -45.97 -8.89 22.79
CA LYS B 98 -46.63 -8.51 24.04
C LYS B 98 -45.64 -7.72 24.88
N GLN B 99 -44.48 -8.33 25.15
CA GLN B 99 -43.42 -7.71 25.96
C GLN B 99 -42.84 -6.44 25.33
N TRP B 100 -42.55 -6.48 24.04
CA TRP B 100 -41.99 -5.31 23.35
C TRP B 100 -42.96 -4.15 23.44
N LEU B 101 -44.23 -4.45 23.67
CA LEU B 101 -45.23 -3.40 23.79
C LEU B 101 -45.25 -2.87 25.21
N GLN B 102 -45.23 -3.78 26.18
CA GLN B 102 -45.22 -3.40 27.58
C GLN B 102 -43.98 -2.55 27.88
N GLU B 103 -42.93 -2.78 27.11
CA GLU B 103 -41.70 -2.03 27.28
C GLU B 103 -41.86 -0.60 26.80
N ILE B 104 -42.58 -0.43 25.69
CA ILE B 104 -42.80 0.90 25.14
C ILE B 104 -43.45 1.78 26.18
N ASP B 105 -44.33 1.19 26.98
CA ASP B 105 -45.05 1.93 28.01
C ASP B 105 -44.12 2.34 29.15
N ARG B 106 -43.35 1.39 29.66
CA ARG B 106 -42.47 1.67 30.77
C ARG B 106 -41.35 2.69 30.50
N TYR B 107 -41.19 3.15 29.26
CA TYR B 107 -40.13 4.11 28.97
C TYR B 107 -40.50 5.28 28.04
N ALA B 108 -41.13 4.99 26.91
CA ALA B 108 -41.51 6.06 25.97
C ALA B 108 -42.71 6.86 26.46
N SER B 109 -43.03 7.96 25.76
CA SER B 109 -44.18 8.80 26.11
C SER B 109 -45.47 8.20 25.56
N GLU B 110 -46.52 8.15 26.38
CA GLU B 110 -47.81 7.57 25.96
C GLU B 110 -48.37 8.09 24.64
N ASN B 111 -48.06 9.34 24.30
CA ASN B 111 -48.54 9.95 23.05
C ASN B 111 -47.70 9.52 21.84
N VAL B 112 -46.97 8.41 21.99
CA VAL B 112 -46.11 7.88 20.93
C VAL B 112 -46.90 7.00 19.97
N ASN B 113 -46.65 7.15 18.68
CA ASN B 113 -47.34 6.38 17.64
C ASN B 113 -46.66 5.04 17.48
N LYS B 114 -47.46 3.97 17.40
CA LYS B 114 -46.91 2.62 17.24
C LYS B 114 -47.38 1.93 15.96
N LEU B 115 -46.51 1.12 15.37
CA LEU B 115 -46.83 0.35 14.17
C LEU B 115 -46.28 -1.04 14.16
N LEU B 116 -47.15 -2.05 14.14
CA LEU B 116 -46.67 -3.43 14.11
C LEU B 116 -46.27 -3.81 12.68
N VAL B 117 -45.23 -4.62 12.53
CA VAL B 117 -44.76 -5.04 11.22
C VAL B 117 -44.31 -6.51 11.19
N GLY B 118 -44.86 -7.28 10.26
CA GLY B 118 -44.49 -8.69 10.14
C GLY B 118 -43.54 -8.84 8.97
N ASN B 119 -42.27 -9.05 9.26
CA ASN B 119 -41.28 -9.16 8.19
C ASN B 119 -40.97 -10.59 7.78
N LYS B 120 -40.31 -10.71 6.62
CA LYS B 120 -39.92 -11.99 6.02
C LYS B 120 -41.10 -12.71 5.39
N CYS B 121 -42.16 -11.95 5.13
CA CYS B 121 -43.35 -12.55 4.53
C CYS B 121 -43.11 -13.14 3.14
N ASP B 122 -41.94 -12.92 2.56
CA ASP B 122 -41.67 -13.48 1.23
C ASP B 122 -41.43 -14.97 1.30
N LEU B 123 -41.12 -15.47 2.51
CA LEU B 123 -40.88 -16.89 2.73
C LEU B 123 -42.23 -17.53 3.02
N THR B 124 -43.08 -17.59 2.00
CA THR B 124 -44.42 -18.15 2.13
C THR B 124 -44.40 -19.58 2.64
N THR B 125 -43.42 -20.35 2.20
CA THR B 125 -43.29 -21.75 2.62
C THR B 125 -43.25 -21.88 4.12
N LYS B 126 -42.33 -21.13 4.75
CA LYS B 126 -42.14 -21.16 6.20
C LYS B 126 -43.11 -20.31 7.04
N LYS B 127 -43.95 -19.51 6.40
CA LYS B 127 -44.88 -18.64 7.13
C LYS B 127 -45.66 -19.44 8.16
N VAL B 128 -45.84 -18.86 9.34
CA VAL B 128 -46.57 -19.51 10.42
C VAL B 128 -47.43 -18.54 11.22
N VAL B 129 -47.38 -17.25 10.91
CA VAL B 129 -48.20 -16.30 11.63
C VAL B 129 -49.18 -15.72 10.65
N ASP B 130 -50.45 -16.07 10.81
CA ASP B 130 -51.53 -15.62 9.92
C ASP B 130 -51.82 -14.14 9.93
N TYR B 131 -51.95 -13.57 8.73
CA TYR B 131 -52.23 -12.15 8.56
C TYR B 131 -53.38 -11.74 9.46
N THR B 132 -54.40 -12.59 9.48
CA THR B 132 -55.59 -12.36 10.28
C THR B 132 -55.35 -12.37 11.80
N THR B 133 -54.57 -13.32 12.30
CA THR B 133 -54.30 -13.40 13.73
C THR B 133 -53.62 -12.13 14.22
N ALA B 134 -52.69 -11.62 13.41
CA ALA B 134 -51.94 -10.42 13.72
C ALA B 134 -52.77 -9.18 13.46
N LYS B 135 -53.43 -9.14 12.31
CA LYS B 135 -54.29 -8.03 11.95
C LYS B 135 -55.30 -7.89 13.08
N GLU B 136 -55.58 -9.02 13.72
CA GLU B 136 -56.52 -9.06 14.83
C GLU B 136 -55.95 -8.25 15.98
N PHE B 137 -54.90 -8.80 16.57
CA PHE B 137 -54.22 -8.19 17.70
C PHE B 137 -53.85 -6.73 17.42
N ALA B 138 -53.50 -6.43 16.17
CA ALA B 138 -53.12 -5.08 15.79
C ALA B 138 -54.25 -4.08 15.96
N ASP B 139 -55.44 -4.47 15.53
CA ASP B 139 -56.63 -3.61 15.62
C ASP B 139 -57.17 -3.53 17.04
N SER B 140 -56.99 -4.60 17.81
CA SER B 140 -57.46 -4.63 19.19
C SER B 140 -56.69 -3.65 20.06
N LEU B 141 -55.66 -3.01 19.47
CA LEU B 141 -54.85 -2.02 20.18
C LEU B 141 -54.88 -0.67 19.46
N GLY B 142 -55.37 -0.68 18.23
CA GLY B 142 -55.45 0.54 17.44
C GLY B 142 -54.13 0.82 16.79
N ILE B 143 -53.32 -0.21 16.67
CA ILE B 143 -52.01 -0.10 16.08
C ILE B 143 -52.04 -0.50 14.62
N PRO B 144 -51.58 0.39 13.71
CA PRO B 144 -51.60 0.05 12.29
C PRO B 144 -50.69 -1.15 12.05
N PHE B 145 -51.10 -2.02 11.13
CA PHE B 145 -50.34 -3.25 10.88
C PHE B 145 -50.03 -3.45 9.40
N LEU B 146 -48.84 -3.97 9.12
CA LEU B 146 -48.43 -4.26 7.75
C LEU B 146 -47.50 -5.47 7.63
N GLU B 147 -47.53 -6.13 6.47
CA GLU B 147 -46.66 -7.27 6.24
C GLU B 147 -45.58 -6.81 5.26
N THR B 148 -44.31 -6.90 5.69
CA THR B 148 -43.18 -6.48 4.89
C THR B 148 -42.14 -7.55 4.58
N SER B 149 -41.39 -7.31 3.51
CA SER B 149 -40.32 -8.18 3.08
C SER B 149 -39.17 -7.27 2.68
N ALA B 150 -38.22 -7.07 3.60
CA ALA B 150 -37.06 -6.24 3.32
C ALA B 150 -36.30 -6.77 2.12
N LYS B 151 -36.38 -8.08 1.91
CA LYS B 151 -35.70 -8.73 0.80
C LYS B 151 -36.21 -8.26 -0.56
N ASN B 152 -37.53 -8.18 -0.71
CA ASN B 152 -38.19 -7.75 -1.95
C ASN B 152 -38.74 -6.32 -1.91
N ALA B 153 -38.48 -5.62 -0.82
CA ALA B 153 -38.93 -4.25 -0.67
C ALA B 153 -40.45 -4.19 -0.62
N THR B 154 -41.08 -5.20 -0.04
CA THR B 154 -42.53 -5.24 0.04
C THR B 154 -43.04 -4.43 1.23
N ASN B 155 -43.79 -3.37 0.95
CA ASN B 155 -44.34 -2.51 2.00
C ASN B 155 -43.30 -1.96 2.94
N VAL B 156 -42.04 -1.96 2.53
CA VAL B 156 -41.02 -1.44 3.43
C VAL B 156 -41.13 0.07 3.47
N GLU B 157 -41.29 0.70 2.32
CA GLU B 157 -41.39 2.14 2.28
C GLU B 157 -42.70 2.62 2.89
N GLN B 158 -43.77 1.87 2.66
CA GLN B 158 -45.08 2.22 3.18
C GLN B 158 -45.09 2.19 4.70
N SER B 159 -44.35 1.25 5.28
CA SER B 159 -44.27 1.12 6.74
C SER B 159 -43.76 2.38 7.38
N PHE B 160 -42.75 3.01 6.77
CA PHE B 160 -42.18 4.23 7.31
C PHE B 160 -43.00 5.45 6.90
N MET B 161 -43.45 5.48 5.65
CA MET B 161 -44.26 6.59 5.16
C MET B 161 -45.56 6.70 5.97
N THR B 162 -45.98 5.58 6.55
CA THR B 162 -47.17 5.51 7.39
C THR B 162 -46.89 6.13 8.74
N MET B 163 -45.75 5.75 9.31
CA MET B 163 -45.35 6.24 10.60
C MET B 163 -45.14 7.75 10.52
N ALA B 164 -44.62 8.21 9.38
CA ALA B 164 -44.36 9.64 9.14
C ALA B 164 -45.65 10.44 9.14
N ALA B 165 -46.68 9.90 8.48
CA ALA B 165 -47.99 10.54 8.42
C ALA B 165 -48.66 10.49 9.78
N GLU B 166 -48.62 9.33 10.42
CA GLU B 166 -49.23 9.14 11.74
C GLU B 166 -48.77 10.21 12.73
N ILE B 167 -47.47 10.51 12.70
CA ILE B 167 -46.87 11.51 13.58
C ILE B 167 -47.18 12.94 13.12
N LYS B 168 -47.02 13.20 11.83
CA LYS B 168 -47.30 14.53 11.26
C LYS B 168 -48.74 14.93 11.56
N LYS B 169 -49.61 13.93 11.64
CA LYS B 169 -51.03 14.13 11.93
C LYS B 169 -51.22 14.55 13.39
N ARG B 170 -50.15 15.04 14.02
CA ARG B 170 -50.25 15.48 15.40
C ARG B 170 -49.66 16.86 15.54
N MET B 171 -48.34 16.94 15.42
CA MET B 171 -47.63 18.19 15.54
C MET B 171 -47.54 18.89 14.18
N GLY C 1 42.74 11.23 33.18
CA GLY C 1 41.80 10.11 32.68
C GLY C 1 42.23 8.64 32.61
N PRO C 2 43.49 8.32 32.25
CA PRO C 2 44.58 9.23 31.88
C PRO C 2 44.15 10.18 30.77
N LEU C 3 43.41 9.65 29.79
CA LEU C 3 42.94 10.46 28.67
C LEU C 3 41.58 11.11 28.91
N GLY C 4 41.23 11.31 30.18
CA GLY C 4 39.96 11.93 30.48
C GLY C 4 38.94 10.92 30.91
N SER C 5 37.67 11.31 30.81
CA SER C 5 36.58 10.44 31.20
C SER C 5 36.06 9.67 30.02
N ILE C 6 35.39 8.58 30.31
CA ILE C 6 34.82 7.74 29.27
C ILE C 6 33.39 8.17 28.90
N TYR C 7 32.75 8.92 29.78
CA TYR C 7 31.36 9.38 29.56
C TYR C 7 31.18 10.20 28.28
N SER C 8 30.16 9.87 27.49
CA SER C 8 29.88 10.62 26.27
C SER C 8 28.42 11.03 26.27
N PRO C 9 28.17 12.35 26.22
CA PRO C 9 26.83 12.95 26.21
C PRO C 9 25.97 12.39 25.10
N HIS C 10 26.60 12.10 23.98
CA HIS C 10 25.91 11.58 22.81
C HIS C 10 25.18 10.27 23.11
N GLU C 11 25.91 9.33 23.70
CA GLU C 11 25.37 8.01 24.05
C GLU C 11 24.19 8.19 24.99
N THR C 12 24.27 9.20 25.87
CA THR C 12 23.17 9.42 26.80
C THR C 12 21.94 9.86 26.04
N LEU C 13 22.05 10.95 25.30
CA LEU C 13 20.92 11.46 24.53
C LEU C 13 20.33 10.35 23.70
N ALA C 14 21.19 9.46 23.22
CA ALA C 14 20.72 8.38 22.38
C ALA C 14 19.81 7.39 23.10
N GLU C 15 20.20 6.99 24.30
CA GLU C 15 19.39 6.02 25.02
C GLU C 15 18.39 6.69 25.94
N LYS C 16 18.41 8.01 25.97
CA LYS C 16 17.53 8.73 26.87
C LYS C 16 16.33 9.35 26.18
N HIS C 17 16.47 9.78 24.94
CA HIS C 17 15.34 10.40 24.20
C HIS C 17 15.24 9.81 22.82
N SER C 18 14.06 9.98 22.22
CA SER C 18 13.79 9.47 20.87
C SER C 18 14.73 10.14 19.87
N GLU C 19 14.64 9.74 18.61
CA GLU C 19 15.49 10.31 17.58
C GLU C 19 14.89 11.63 17.17
N LYS C 20 13.59 11.66 17.01
CA LYS C 20 12.93 12.89 16.62
C LYS C 20 12.95 13.92 17.76
N LYS C 21 12.74 13.48 19.00
CA LYS C 21 12.75 14.41 20.14
C LYS C 21 14.05 15.21 20.10
N LEU C 22 15.13 14.51 19.74
CA LEU C 22 16.45 15.09 19.64
C LEU C 22 16.52 16.14 18.54
N MET C 23 16.12 15.74 17.34
CA MET C 23 16.15 16.63 16.21
C MET C 23 15.24 17.83 16.41
N ASP C 24 14.04 17.59 16.91
CA ASP C 24 13.10 18.69 17.12
C ASP C 24 13.64 19.72 18.10
N SER C 25 14.62 19.31 18.89
CA SER C 25 15.21 20.20 19.87
C SER C 25 16.21 21.19 19.25
N PHE C 26 16.52 21.02 17.96
CA PHE C 26 17.48 21.88 17.31
C PHE C 26 16.81 23.09 16.72
N SER C 27 17.49 24.23 16.81
CA SER C 27 16.97 25.49 16.29
C SER C 27 18.10 26.21 15.58
N PRO C 28 17.77 27.12 14.65
CA PRO C 28 18.82 27.84 13.94
C PRO C 28 19.52 28.80 14.90
N SER C 29 20.84 28.86 14.81
CA SER C 29 21.65 29.73 15.66
C SER C 29 21.80 31.10 15.05
N LEU C 30 21.17 32.09 15.68
CA LEU C 30 21.21 33.46 15.20
C LEU C 30 22.02 34.32 16.16
N SER C 31 22.16 33.86 17.41
CA SER C 31 22.92 34.58 18.45
C SER C 31 24.26 35.15 17.98
N GLN C 32 24.72 36.20 18.68
CA GLN C 32 25.97 36.87 18.35
C GLN C 32 27.14 36.04 18.88
N ASP C 33 26.93 35.41 20.03
CA ASP C 33 27.96 34.57 20.66
C ASP C 33 27.75 33.09 20.37
N LYS C 34 27.95 32.73 19.10
CA LYS C 34 27.79 31.36 18.68
C LYS C 34 29.15 30.89 18.14
N MET C 35 29.48 29.61 18.34
CA MET C 35 30.74 29.07 17.85
C MET C 35 30.88 29.36 16.36
N ASP C 36 32.11 29.42 15.90
CA ASP C 36 32.40 29.72 14.51
C ASP C 36 31.81 28.68 13.59
N GLY C 37 30.87 29.12 12.76
CA GLY C 37 30.24 28.22 11.82
C GLY C 37 29.06 27.47 12.39
N GLU C 38 28.63 27.85 13.59
CA GLU C 38 27.48 27.23 14.26
C GLU C 38 26.23 27.61 13.48
N PHE C 39 25.50 26.65 12.93
CA PHE C 39 24.30 27.02 12.19
C PHE C 39 23.03 26.63 12.93
N ALA C 40 23.20 25.74 13.90
CA ALA C 40 22.09 25.28 14.72
C ALA C 40 22.59 24.81 16.08
N HIS C 41 21.68 24.76 17.04
CA HIS C 41 22.01 24.32 18.39
C HIS C 41 20.80 23.67 19.05
N ALA C 42 21.04 23.04 20.19
CA ALA C 42 19.99 22.39 20.95
C ALA C 42 20.42 22.23 22.38
N ASN C 43 19.43 22.17 23.27
CA ASN C 43 19.69 22.01 24.71
C ASN C 43 18.73 21.00 25.31
N ILE C 44 19.27 19.91 25.83
CA ILE C 44 18.42 18.93 26.48
C ILE C 44 19.23 18.28 27.58
N ASP C 45 18.70 18.34 28.80
CA ASP C 45 19.37 17.73 29.95
C ASP C 45 20.71 18.37 30.29
N GLY C 46 20.72 19.70 30.41
CA GLY C 46 21.95 20.39 30.77
C GLY C 46 23.09 20.29 29.76
N ILE C 47 22.82 19.63 28.63
CA ILE C 47 23.83 19.52 27.60
C ILE C 47 23.42 20.51 26.51
N SER C 48 24.42 20.97 25.75
CA SER C 48 24.18 21.91 24.67
C SER C 48 24.91 21.43 23.41
N ILE C 49 24.18 20.91 22.45
CA ILE C 49 24.79 20.44 21.22
C ILE C 49 24.85 21.62 20.25
N ARG C 50 25.93 21.68 19.46
CA ARG C 50 26.11 22.75 18.48
C ARG C 50 26.51 22.14 17.14
N LEU C 51 25.73 22.44 16.11
CA LEU C 51 26.02 21.92 14.79
C LEU C 51 26.74 22.97 13.97
N CYS C 52 28.07 22.87 13.91
CA CYS C 52 28.90 23.81 13.18
C CYS C 52 29.29 23.29 11.83
N LEU C 53 29.60 24.23 10.94
CA LEU C 53 29.97 23.90 9.57
C LEU C 53 31.16 24.78 9.18
N ASN C 54 32.29 24.15 8.84
CA ASN C 54 33.50 24.89 8.46
C ASN C 54 34.25 24.17 7.37
N LYS C 55 34.59 24.90 6.32
CA LYS C 55 35.34 24.31 5.21
C LYS C 55 34.43 23.27 4.57
N GLY C 56 33.12 23.46 4.76
CA GLY C 56 32.15 22.53 4.20
C GLY C 56 32.09 21.20 4.93
N ILE C 57 32.61 21.17 6.15
CA ILE C 57 32.61 19.95 6.94
C ILE C 57 31.90 20.22 8.26
N CYS C 58 30.84 19.46 8.50
CA CYS C 58 30.05 19.61 9.68
C CYS C 58 30.58 18.81 10.84
N SER C 59 30.65 19.44 12.00
CA SER C 59 31.11 18.77 13.21
C SER C 59 30.12 19.05 14.37
N VAL C 60 29.92 18.06 15.23
CA VAL C 60 29.00 18.21 16.33
C VAL C 60 29.73 18.48 17.64
N PHE C 61 29.30 19.52 18.34
CA PHE C 61 29.91 19.88 19.61
C PHE C 61 28.96 19.62 20.78
N TYR C 62 29.46 18.95 21.82
CA TYR C 62 28.65 18.70 23.00
C TYR C 62 29.34 19.44 24.14
N LEU C 63 28.60 20.40 24.71
CA LEU C 63 29.10 21.21 25.82
C LEU C 63 28.34 20.80 27.08
N ASP C 64 29.05 20.12 27.98
CA ASP C 64 28.46 19.65 29.22
C ASP C 64 29.10 20.40 30.37
N GLY C 65 28.46 21.49 30.79
CA GLY C 65 28.99 22.31 31.86
C GLY C 65 30.18 23.10 31.38
N ASP C 66 31.35 22.46 31.39
CA ASP C 66 32.61 23.07 30.96
C ASP C 66 33.37 22.18 29.98
N LYS C 67 33.25 20.87 30.14
CA LYS C 67 33.94 19.97 29.22
C LYS C 67 33.38 20.20 27.83
N ILE C 68 34.26 20.03 26.84
CA ILE C 68 33.88 20.21 25.45
C ILE C 68 34.40 19.02 24.63
N GLN C 69 33.52 18.47 23.81
CA GLN C 69 33.85 17.34 22.96
C GLN C 69 33.22 17.59 21.62
N SER C 70 33.85 17.08 20.56
CA SER C 70 33.32 17.26 19.22
C SER C 70 33.57 16.06 18.34
N THR C 71 32.75 15.94 17.30
CA THR C 71 32.85 14.85 16.34
C THR C 71 32.69 15.43 14.97
N GLN C 72 33.62 15.11 14.09
CA GLN C 72 33.54 15.60 12.73
C GLN C 72 32.71 14.56 11.98
N LEU C 73 31.73 15.01 11.21
CA LEU C 73 30.88 14.10 10.47
C LEU C 73 31.32 13.83 9.05
N SER C 74 31.28 12.57 8.66
CA SER C 74 31.65 12.17 7.32
C SER C 74 30.62 12.76 6.39
N SER C 75 30.90 12.73 5.10
CA SER C 75 29.98 13.25 4.10
C SER C 75 28.61 12.57 4.29
N LYS C 76 28.59 11.24 4.27
CA LYS C 76 27.34 10.52 4.41
C LYS C 76 26.65 10.87 5.72
N GLU C 77 27.42 10.92 6.81
CA GLU C 77 26.84 11.24 8.12
C GLU C 77 26.13 12.57 8.09
N TYR C 78 26.74 13.56 7.42
CA TYR C 78 26.19 14.90 7.32
C TYR C 78 24.94 14.91 6.48
N ASN C 79 25.01 14.34 5.28
CA ASN C 79 23.84 14.31 4.41
C ASN C 79 22.67 13.69 5.14
N ASN C 80 22.99 12.81 6.09
CA ASN C 80 21.95 12.16 6.85
C ASN C 80 21.43 13.15 7.87
N LEU C 81 22.35 13.87 8.50
CA LEU C 81 21.96 14.86 9.48
C LEU C 81 20.92 15.80 8.87
N LEU C 82 21.23 16.33 7.69
CA LEU C 82 20.33 17.24 7.02
C LEU C 82 19.04 16.54 6.70
N SER C 83 19.18 15.26 6.33
CA SER C 83 18.02 14.47 5.98
C SER C 83 17.11 14.20 7.16
N SER C 84 17.56 14.53 8.37
CA SER C 84 16.73 14.31 9.55
C SER C 84 16.58 15.54 10.46
N LEU C 85 16.86 16.73 9.91
CA LEU C 85 16.73 17.97 10.68
C LEU C 85 15.32 18.46 10.57
N PRO C 86 14.85 19.19 11.58
CA PRO C 86 13.50 19.77 11.66
C PRO C 86 13.26 20.66 10.44
N PRO C 87 12.01 20.75 10.00
CA PRO C 87 11.73 21.59 8.83
C PRO C 87 11.88 23.10 9.11
N LYS C 88 13.11 23.52 9.40
CA LYS C 88 13.35 24.94 9.67
C LYS C 88 14.28 25.51 8.61
N GLN C 89 14.68 26.77 8.82
CA GLN C 89 15.57 27.44 7.90
C GLN C 89 16.95 27.61 8.54
N PHE C 90 17.90 26.82 8.07
CA PHE C 90 19.25 26.90 8.58
C PHE C 90 20.16 27.51 7.53
N ASN C 91 21.26 28.09 8.01
CA ASN C 91 22.23 28.71 7.15
C ASN C 91 23.24 27.61 6.75
N LEU C 92 22.85 26.73 5.84
CA LEU C 92 23.75 25.65 5.41
C LEU C 92 24.69 26.12 4.32
N GLY C 93 24.52 27.37 3.90
CA GLY C 93 25.35 27.94 2.85
C GLY C 93 25.41 27.16 1.53
N LYS C 94 24.37 26.39 1.21
CA LYS C 94 24.35 25.61 -0.03
C LYS C 94 23.00 24.89 -0.14
N VAL C 95 22.44 24.80 -1.35
CA VAL C 95 21.16 24.11 -1.45
C VAL C 95 21.46 22.63 -1.58
N HIS C 96 21.03 21.89 -0.57
CA HIS C 96 21.25 20.46 -0.52
C HIS C 96 20.12 19.71 -1.19
N THR C 97 20.29 18.39 -1.30
CA THR C 97 19.28 17.54 -1.92
C THR C 97 18.96 16.33 -1.04
N ILE C 98 17.72 16.25 -0.56
CA ILE C 98 17.31 15.14 0.27
C ILE C 98 16.69 14.06 -0.62
N THR C 99 16.98 12.80 -0.33
CA THR C 99 16.42 11.74 -1.16
C THR C 99 15.34 10.99 -0.43
N ALA C 100 14.21 10.84 -1.11
CA ALA C 100 13.03 10.19 -0.56
C ALA C 100 13.03 8.67 -0.75
N PRO C 101 12.36 7.97 0.17
CA PRO C 101 12.20 6.52 0.21
C PRO C 101 11.25 6.02 -0.87
N VAL C 102 11.63 6.17 -2.14
CA VAL C 102 10.83 5.72 -3.25
C VAL C 102 11.61 5.89 -4.53
N SER C 103 11.48 4.93 -5.43
CA SER C 103 12.20 4.98 -6.70
C SER C 103 11.40 5.75 -7.73
N GLY C 104 11.96 6.87 -8.17
CA GLY C 104 11.25 7.68 -9.14
C GLY C 104 11.26 7.06 -10.52
N ASN C 105 10.40 7.60 -11.39
CA ASN C 105 10.29 7.17 -12.79
C ASN C 105 9.87 8.41 -13.54
N PHE C 106 9.98 8.39 -14.87
CA PHE C 106 9.60 9.56 -15.68
C PHE C 106 8.25 9.37 -16.39
N LYS C 107 7.30 8.76 -15.69
CA LYS C 107 5.98 8.50 -16.23
C LYS C 107 4.87 8.77 -15.23
N THR C 108 4.95 9.92 -14.57
CA THR C 108 3.93 10.31 -13.60
C THR C 108 3.70 11.81 -13.73
N HIS C 109 2.50 12.24 -13.33
CA HIS C 109 2.14 13.65 -13.40
C HIS C 109 2.46 14.44 -12.12
N LYS C 110 2.72 13.75 -11.02
CA LYS C 110 3.04 14.41 -9.75
C LYS C 110 4.02 13.62 -8.91
N PRO C 111 4.68 14.28 -7.94
CA PRO C 111 5.66 13.65 -7.06
C PRO C 111 5.00 12.57 -6.22
N ALA C 112 5.73 11.50 -5.95
CA ALA C 112 5.20 10.41 -5.14
C ALA C 112 4.90 10.85 -3.71
N PRO C 113 3.83 10.30 -3.12
CA PRO C 113 3.40 10.61 -1.75
C PRO C 113 4.56 10.74 -0.78
N GLU C 114 5.61 9.96 -1.00
CA GLU C 114 6.80 9.94 -0.15
C GLU C 114 7.66 11.17 -0.38
N VAL C 115 7.69 11.63 -1.63
CA VAL C 115 8.49 12.80 -1.96
C VAL C 115 7.88 14.02 -1.26
N ILE C 116 6.56 14.12 -1.36
CA ILE C 116 5.83 15.23 -0.75
C ILE C 116 6.04 15.24 0.76
N GLU C 117 5.80 14.11 1.38
CA GLU C 117 5.97 13.99 2.81
C GLU C 117 7.39 14.42 3.19
N THR C 118 8.36 13.89 2.46
CA THR C 118 9.77 14.20 2.72
C THR C 118 10.00 15.72 2.68
N ALA C 119 9.45 16.33 1.63
CA ALA C 119 9.53 17.78 1.35
C ALA C 119 8.96 18.66 2.45
N ILE C 120 7.72 18.34 2.80
CA ILE C 120 6.97 19.04 3.82
C ILE C 120 7.67 19.08 5.16
N ASN C 121 8.55 18.11 5.40
CA ASN C 121 9.25 18.03 6.67
C ASN C 121 10.76 18.20 6.68
N CYS C 122 11.36 18.44 5.54
CA CYS C 122 12.81 18.60 5.56
C CYS C 122 13.20 20.08 5.74
N CYS C 123 14.40 20.30 6.25
CA CYS C 123 14.89 21.64 6.46
C CYS C 123 15.37 22.23 5.15
N THR C 124 15.56 23.53 5.18
CA THR C 124 15.97 24.30 4.02
C THR C 124 17.18 25.20 4.30
N SER C 125 17.91 25.53 3.23
CA SER C 125 19.09 26.37 3.31
C SER C 125 18.83 27.83 2.92
N ILE C 126 19.12 28.74 3.84
CA ILE C 126 18.91 30.18 3.63
C ILE C 126 19.76 30.78 2.52
N ILE C 127 19.17 31.74 1.82
CA ILE C 127 19.82 32.47 0.73
C ILE C 127 19.92 33.91 1.22
N PRO C 128 21.15 34.38 1.52
CA PRO C 128 21.40 35.74 1.99
C PRO C 128 20.66 36.85 1.25
N ASN C 129 19.84 37.56 2.02
CA ASN C 129 19.00 38.63 1.52
C ASN C 129 19.59 39.99 1.92
N ASP C 130 20.55 40.48 1.13
CA ASP C 130 21.21 41.76 1.40
C ASP C 130 20.88 42.83 0.36
N ASP C 131 20.83 42.42 -0.90
CA ASP C 131 20.51 43.32 -2.02
C ASP C 131 19.00 43.31 -2.26
N TYR C 132 18.24 43.14 -1.18
CA TYR C 132 16.79 43.06 -1.26
C TYR C 132 16.20 44.15 -2.14
N PHE C 133 15.12 43.81 -2.84
CA PHE C 133 14.44 44.75 -3.72
C PHE C 133 13.60 45.70 -2.90
N HIS C 134 13.13 46.76 -3.56
CA HIS C 134 12.31 47.76 -2.88
C HIS C 134 10.84 47.55 -3.17
N VAL C 135 10.00 47.95 -2.24
CA VAL C 135 8.56 47.79 -2.37
C VAL C 135 8.07 48.41 -3.67
N LYS C 136 7.33 47.63 -4.46
CA LYS C 136 6.75 48.16 -5.69
C LYS C 136 5.23 48.17 -5.48
N ASP C 137 4.50 48.91 -6.29
CA ASP C 137 3.06 48.99 -6.11
C ASP C 137 2.31 47.79 -6.65
N THR C 138 2.98 47.01 -7.50
CA THR C 138 2.37 45.81 -8.04
C THR C 138 2.52 44.63 -7.06
N ASP C 139 3.16 44.87 -5.92
CA ASP C 139 3.34 43.86 -4.88
C ASP C 139 1.97 43.50 -4.29
N PHE C 140 1.78 42.21 -4.04
CA PHE C 140 0.53 41.65 -3.50
C PHE C 140 -0.71 42.05 -4.31
N ASN C 141 -0.50 42.46 -5.55
CA ASN C 141 -1.62 42.87 -6.38
C ASN C 141 -2.59 41.69 -6.58
N SER C 142 -2.05 40.48 -6.67
CA SER C 142 -2.86 39.28 -6.89
C SER C 142 -3.15 38.45 -5.65
N VAL C 143 -2.77 38.95 -4.49
CA VAL C 143 -2.98 38.22 -3.25
C VAL C 143 -4.39 37.58 -3.13
N TRP C 144 -5.47 38.35 -3.23
CA TRP C 144 -6.81 37.75 -3.09
C TRP C 144 -7.07 36.57 -4.02
N HIS C 145 -6.74 36.74 -5.30
CA HIS C 145 -6.97 35.70 -6.29
C HIS C 145 -6.18 34.44 -5.99
N ASP C 146 -4.93 34.60 -5.58
CA ASP C 146 -4.08 33.47 -5.28
C ASP C 146 -4.63 32.56 -4.19
N ILE C 147 -4.86 33.12 -3.01
CA ILE C 147 -5.40 32.32 -1.89
C ILE C 147 -6.72 31.68 -2.27
N TYR C 148 -7.53 32.37 -3.06
CA TYR C 148 -8.80 31.83 -3.50
C TYR C 148 -8.60 30.55 -4.31
N ARG C 149 -7.84 30.65 -5.39
CA ARG C 149 -7.55 29.52 -6.26
C ARG C 149 -6.92 28.34 -5.51
N ASP C 150 -5.97 28.64 -4.64
CA ASP C 150 -5.28 27.61 -3.85
C ASP C 150 -6.27 26.88 -2.95
N ILE C 151 -6.91 27.60 -2.03
CA ILE C 151 -7.88 27.00 -1.11
C ILE C 151 -9.02 26.36 -1.89
N ARG C 152 -9.40 26.95 -3.01
CA ARG C 152 -10.48 26.43 -3.83
C ARG C 152 -10.21 24.96 -4.17
N ALA C 153 -9.06 24.72 -4.77
CA ALA C 153 -8.66 23.38 -5.15
C ALA C 153 -7.87 22.69 -4.05
N SER C 154 -8.23 22.92 -2.79
CA SER C 154 -7.49 22.30 -1.68
C SER C 154 -7.81 20.82 -1.58
N ASP C 155 -8.98 20.42 -2.09
CA ASP C 155 -9.44 19.02 -2.08
C ASP C 155 -8.52 18.09 -2.89
N SER C 156 -7.71 18.67 -3.76
CA SER C 156 -6.77 17.93 -4.60
C SER C 156 -5.43 18.68 -4.56
N ASN C 157 -5.15 19.28 -3.42
CA ASN C 157 -3.94 20.09 -3.17
C ASN C 157 -3.22 19.61 -1.93
N SER C 158 -1.90 19.54 -1.98
CA SER C 158 -1.17 19.10 -0.80
C SER C 158 -1.05 20.24 0.21
N THR C 159 -1.87 21.27 0.03
CA THR C 159 -1.88 22.45 0.90
C THR C 159 -2.40 22.20 2.31
N LYS C 160 -1.70 22.76 3.28
CA LYS C 160 -2.08 22.63 4.67
C LYS C 160 -1.77 23.91 5.42
N ILE C 161 -2.70 24.34 6.28
CA ILE C 161 -2.47 25.57 7.06
C ILE C 161 -2.47 25.24 8.56
N TYR C 162 -1.41 25.64 9.25
CA TYR C 162 -1.27 25.38 10.68
C TYR C 162 -1.10 26.65 11.50
N PHE C 163 -1.67 26.63 12.71
CA PHE C 163 -1.54 27.72 13.64
C PHE C 163 -1.05 27.13 14.97
N ASN C 164 0.24 27.27 15.22
CA ASN C 164 0.85 26.75 16.43
C ASN C 164 0.64 25.24 16.46
N ASN C 165 1.11 24.59 15.41
CA ASN C 165 1.05 23.13 15.24
C ASN C 165 -0.36 22.58 15.37
N ILE C 166 -1.32 23.46 15.10
CA ILE C 166 -2.72 23.08 15.16
C ILE C 166 -3.27 23.26 13.76
N GLU C 167 -3.54 22.15 13.08
CA GLU C 167 -4.07 22.21 11.73
C GLU C 167 -5.43 22.92 11.69
N ILE C 168 -5.51 23.94 10.86
CA ILE C 168 -6.74 24.67 10.70
C ILE C 168 -7.45 24.01 9.52
N PRO C 169 -8.61 23.40 9.77
CA PRO C 169 -9.43 22.72 8.76
C PRO C 169 -9.64 23.54 7.49
N LEU C 170 -9.29 23.01 6.33
CA LEU C 170 -9.46 23.74 5.08
C LEU C 170 -10.90 24.25 4.86
N LYS C 171 -11.88 23.48 5.32
CA LYS C 171 -13.29 23.84 5.19
C LYS C 171 -13.46 25.19 5.87
N LEU C 172 -13.04 25.25 7.13
CA LEU C 172 -13.11 26.47 7.92
C LEU C 172 -12.53 27.66 7.14
N ILE C 173 -11.29 27.52 6.67
CA ILE C 173 -10.61 28.56 5.88
C ILE C 173 -11.40 28.88 4.63
N ALA C 174 -12.13 27.89 4.14
CA ALA C 174 -12.93 28.03 2.92
C ALA C 174 -14.09 29.00 3.12
N ASP C 175 -14.71 28.89 4.29
CA ASP C 175 -15.86 29.74 4.66
C ASP C 175 -15.39 31.10 5.15
N LEU C 176 -14.27 31.10 5.87
CA LEU C 176 -13.67 32.32 6.39
C LEU C 176 -13.30 33.19 5.19
N ILE C 177 -12.48 32.64 4.30
CA ILE C 177 -12.03 33.33 3.11
C ILE C 177 -13.23 33.89 2.36
N ASN C 178 -14.35 33.19 2.41
CA ASN C 178 -15.54 33.67 1.73
C ASN C 178 -16.26 34.75 2.51
N GLU C 179 -16.64 34.48 3.76
CA GLU C 179 -17.32 35.48 4.59
C GLU C 179 -16.54 36.79 4.62
N LEU C 180 -15.27 36.72 4.24
CA LEU C 180 -14.43 37.91 4.21
C LEU C 180 -14.62 38.62 2.89
N GLY C 181 -15.27 37.94 1.96
CA GLY C 181 -15.55 38.51 0.67
C GLY C 181 -14.61 38.12 -0.45
N ILE C 182 -13.83 37.07 -0.24
CA ILE C 182 -12.93 36.64 -1.30
C ILE C 182 -13.57 35.56 -2.14
N ASN C 183 -13.76 35.88 -3.42
CA ASN C 183 -14.37 34.95 -4.36
C ASN C 183 -13.84 35.14 -5.76
N GLU C 184 -14.39 34.36 -6.69
CA GLU C 184 -13.96 34.40 -8.08
C GLU C 184 -13.70 35.82 -8.57
N PHE C 185 -14.70 36.70 -8.44
CA PHE C 185 -14.57 38.09 -8.88
C PHE C 185 -14.58 39.07 -7.72
N ILE C 186 -13.41 39.49 -7.29
CA ILE C 186 -13.29 40.43 -6.19
C ILE C 186 -12.26 41.45 -6.66
N ASP C 187 -12.33 42.68 -6.14
CA ASP C 187 -11.39 43.69 -6.60
C ASP C 187 -9.98 43.47 -6.08
N SER C 188 -9.03 43.33 -7.01
CA SER C 188 -7.64 43.10 -6.65
C SER C 188 -7.12 44.06 -5.58
N LYS C 189 -7.37 45.35 -5.79
CA LYS C 189 -6.92 46.38 -4.87
C LYS C 189 -7.88 46.64 -3.72
N LYS C 190 -8.82 45.73 -3.48
CA LYS C 190 -9.80 45.92 -2.39
C LYS C 190 -9.21 45.74 -1.00
N GLU C 191 -9.90 46.27 0.00
CA GLU C 191 -9.49 46.14 1.37
C GLU C 191 -10.53 45.32 2.12
N LEU C 192 -10.10 44.24 2.73
CA LEU C 192 -11.04 43.39 3.44
C LEU C 192 -11.57 44.02 4.73
N GLN C 193 -12.85 43.76 4.97
CA GLN C 193 -13.53 44.26 6.14
C GLN C 193 -13.66 43.11 7.12
N MET C 194 -13.30 43.35 8.37
CA MET C 194 -13.38 42.32 9.40
C MET C 194 -14.79 41.76 9.53
N LEU C 195 -14.95 40.76 10.37
CA LEU C 195 -16.26 40.15 10.52
C LEU C 195 -16.87 40.39 11.91
N SER C 196 -18.20 40.48 11.95
CA SER C 196 -18.93 40.70 13.19
C SER C 196 -18.87 39.45 14.05
N TYR C 197 -19.25 39.56 15.31
CA TYR C 197 -19.22 38.41 16.19
C TYR C 197 -20.09 37.29 15.63
N ASN C 198 -21.14 37.67 14.92
CA ASN C 198 -22.05 36.69 14.33
C ASN C 198 -21.41 35.93 13.19
N GLN C 199 -20.77 36.67 12.28
CA GLN C 199 -20.12 36.07 11.13
C GLN C 199 -19.16 34.98 11.55
N VAL C 200 -18.26 35.28 12.49
CA VAL C 200 -17.31 34.26 12.90
C VAL C 200 -18.04 33.08 13.52
N ASN C 201 -19.11 33.35 14.26
CA ASN C 201 -19.87 32.26 14.89
C ASN C 201 -20.59 31.41 13.84
N LYS C 202 -21.11 32.08 12.81
CA LYS C 202 -21.79 31.40 11.73
C LYS C 202 -20.77 30.40 11.19
N ILE C 203 -19.57 30.92 10.92
CA ILE C 203 -18.48 30.12 10.40
C ILE C 203 -18.07 29.02 11.38
N ILE C 204 -17.55 29.43 12.52
CA ILE C 204 -17.11 28.48 13.52
C ILE C 204 -18.15 27.42 13.81
N ASN C 205 -19.41 27.81 13.88
CA ASN C 205 -20.46 26.84 14.16
C ASN C 205 -20.79 25.89 13.01
N SER C 206 -20.47 26.29 11.78
CA SER C 206 -20.73 25.44 10.64
C SER C 206 -19.67 24.38 10.51
N ASN C 207 -18.66 24.43 11.39
CA ASN C 207 -17.59 23.45 11.34
C ASN C 207 -17.37 22.77 12.67
N PHE C 208 -17.98 23.31 13.71
CA PHE C 208 -17.83 22.76 15.04
C PHE C 208 -19.17 22.58 15.75
N PRO C 209 -19.48 21.35 16.16
CA PRO C 209 -20.74 21.06 16.85
C PRO C 209 -20.73 21.78 18.19
N GLN C 210 -21.75 22.59 18.47
CA GLN C 210 -21.83 23.33 19.74
C GLN C 210 -21.98 22.39 20.93
N GLN C 211 -22.41 21.16 20.65
CA GLN C 211 -22.57 20.15 21.70
C GLN C 211 -21.31 19.30 21.80
N ASP C 212 -20.19 19.85 21.33
CA ASP C 212 -18.92 19.13 21.34
C ASP C 212 -18.04 19.49 22.54
N LEU C 213 -17.29 18.50 23.00
CA LEU C 213 -16.38 18.67 24.12
C LEU C 213 -14.96 18.53 23.60
N CYS C 214 -14.80 17.79 22.51
CA CYS C 214 -13.48 17.54 21.93
C CYS C 214 -12.72 18.81 21.54
N PHE C 215 -13.07 19.39 20.40
CA PHE C 215 -12.33 20.48 19.81
C PHE C 215 -12.96 21.75 20.38
N GLN C 216 -13.08 21.80 21.70
CA GLN C 216 -13.67 22.95 22.35
C GLN C 216 -12.68 24.10 22.40
N THR C 217 -11.40 23.78 22.64
CA THR C 217 -10.35 24.77 22.68
C THR C 217 -10.05 25.33 21.28
N GLU C 218 -9.93 24.46 20.29
CA GLU C 218 -9.65 24.89 18.92
C GLU C 218 -10.72 25.89 18.51
N LYS C 219 -11.93 25.67 19.02
CA LYS C 219 -13.10 26.51 18.74
C LYS C 219 -12.87 27.96 19.17
N LEU C 220 -12.68 28.16 20.47
CA LEU C 220 -12.43 29.48 21.04
C LEU C 220 -11.25 30.17 20.39
N LEU C 221 -10.15 29.45 20.25
CA LEU C 221 -8.97 30.02 19.62
C LEU C 221 -9.29 30.67 18.27
N PHE C 222 -9.77 29.87 17.34
CA PHE C 222 -10.10 30.38 16.01
C PHE C 222 -11.12 31.48 16.08
N THR C 223 -11.97 31.46 17.09
CA THR C 223 -12.98 32.49 17.20
C THR C 223 -12.32 33.84 17.37
N SER C 224 -11.23 33.85 18.14
CA SER C 224 -10.46 35.05 18.38
C SER C 224 -9.75 35.46 17.08
N LEU C 225 -8.77 34.66 16.64
CA LEU C 225 -8.00 34.92 15.43
C LEU C 225 -8.75 35.51 14.25
N PHE C 226 -9.82 34.85 13.84
CA PHE C 226 -10.60 35.30 12.69
C PHE C 226 -11.08 36.76 12.77
N GLN C 227 -10.98 37.37 13.95
CA GLN C 227 -11.39 38.75 14.10
C GLN C 227 -10.20 39.73 14.05
N ASP C 228 -8.99 39.22 14.30
CA ASP C 228 -7.78 40.03 14.28
C ASP C 228 -7.34 40.29 12.84
N PRO C 229 -7.34 41.57 12.43
CA PRO C 229 -6.94 41.97 11.07
C PRO C 229 -5.55 41.47 10.73
N ALA C 230 -4.64 41.58 11.69
CA ALA C 230 -3.26 41.12 11.47
C ALA C 230 -3.25 39.65 11.04
N PHE C 231 -4.02 38.83 11.76
CA PHE C 231 -4.08 37.41 11.43
C PHE C 231 -4.51 37.22 9.98
N ILE C 232 -5.65 37.80 9.63
CA ILE C 232 -6.16 37.68 8.27
C ILE C 232 -5.10 38.09 7.25
N SER C 233 -4.26 39.05 7.63
CA SER C 233 -3.17 39.57 6.80
C SER C 233 -2.14 38.48 6.60
N ALA C 234 -1.78 37.86 7.71
CA ALA C 234 -0.81 36.79 7.69
C ALA C 234 -1.33 35.66 6.78
N LEU C 235 -2.44 35.05 7.20
CA LEU C 235 -3.04 33.97 6.45
C LEU C 235 -3.08 34.25 4.93
N THR C 236 -3.56 35.42 4.56
CA THR C 236 -3.67 35.77 3.15
C THR C 236 -2.34 36.09 2.48
N SER C 237 -1.50 36.87 3.13
CA SER C 237 -0.22 37.24 2.55
C SER C 237 0.52 35.99 2.10
N ALA C 238 0.53 34.99 2.98
CA ALA C 238 1.20 33.72 2.75
C ALA C 238 0.97 33.01 1.40
N PHE C 239 -0.05 33.37 0.65
CA PHE C 239 -0.29 32.70 -0.61
C PHE C 239 0.20 33.49 -1.82
N TRP C 240 0.49 34.79 -1.64
CA TRP C 240 0.92 35.60 -2.79
C TRP C 240 2.02 34.90 -3.60
N GLN C 241 1.69 34.58 -4.84
CA GLN C 241 2.59 33.88 -5.75
C GLN C 241 4.00 34.40 -5.93
N SER C 242 4.32 35.58 -5.43
CA SER C 242 5.69 36.08 -5.60
C SER C 242 6.39 36.38 -4.29
N LEU C 243 5.85 35.82 -3.22
CA LEU C 243 6.39 36.02 -1.90
C LEU C 243 7.87 35.68 -1.79
N HIS C 244 8.34 34.69 -2.53
CA HIS C 244 9.76 34.33 -2.43
C HIS C 244 10.72 35.15 -3.28
N ILE C 245 10.23 35.85 -4.29
CA ILE C 245 11.11 36.71 -5.09
C ILE C 245 11.38 37.97 -4.21
N THR C 246 12.56 38.02 -3.60
CA THR C 246 12.91 39.14 -2.72
C THR C 246 14.24 39.84 -2.98
N SER C 247 15.11 39.26 -3.79
CA SER C 247 16.39 39.90 -4.09
C SER C 247 17.05 39.26 -5.29
N SER C 248 18.05 39.95 -5.85
CA SER C 248 18.75 39.44 -7.01
C SER C 248 19.41 38.10 -6.71
N SER C 249 19.95 37.98 -5.50
CA SER C 249 20.60 36.75 -5.07
C SER C 249 19.61 35.60 -5.31
N VAL C 250 18.51 35.67 -4.56
CA VAL C 250 17.46 34.69 -4.63
C VAL C 250 17.14 34.39 -6.09
N GLU C 251 16.94 35.45 -6.88
CA GLU C 251 16.63 35.32 -8.30
C GLU C 251 17.63 34.45 -9.05
N HIS C 252 18.90 34.71 -8.80
CA HIS C 252 19.98 34.00 -9.45
C HIS C 252 19.83 32.50 -9.20
N ILE C 253 19.71 32.14 -7.92
CA ILE C 253 19.52 30.75 -7.49
C ILE C 253 18.24 30.20 -8.12
N TYR C 254 17.10 30.74 -7.70
CA TYR C 254 15.80 30.33 -8.22
C TYR C 254 15.82 30.15 -9.73
N ALA C 255 16.56 31.01 -10.41
CA ALA C 255 16.67 30.94 -11.85
C ALA C 255 17.37 29.66 -12.26
N GLN C 256 18.49 29.39 -11.61
CA GLN C 256 19.29 28.20 -11.88
C GLN C 256 18.54 26.90 -11.65
N ILE C 257 17.94 26.78 -10.48
CA ILE C 257 17.18 25.61 -10.11
C ILE C 257 16.08 25.36 -11.15
N MET C 258 15.46 26.42 -11.65
CA MET C 258 14.39 26.26 -12.62
C MET C 258 14.91 25.74 -13.94
N SER C 259 16.11 26.17 -14.30
CA SER C 259 16.74 25.76 -15.54
C SER C 259 16.98 24.29 -15.47
N GLU C 260 17.61 23.85 -14.39
CA GLU C 260 17.92 22.45 -14.16
C GLU C 260 16.64 21.61 -14.24
N ASN C 261 15.58 22.12 -13.62
CA ASN C 261 14.28 21.46 -13.61
C ASN C 261 13.80 21.31 -15.07
N ILE C 262 13.74 22.42 -15.79
CA ILE C 262 13.30 22.44 -17.17
C ILE C 262 14.14 21.54 -18.06
N GLU C 263 15.46 21.66 -17.96
CA GLU C 263 16.36 20.83 -18.77
C GLU C 263 15.95 19.36 -18.64
N ASN C 264 16.13 18.80 -17.45
CA ASN C 264 15.75 17.42 -17.21
C ASN C 264 14.36 17.10 -17.71
N ARG C 265 13.40 18.00 -17.51
CA ARG C 265 12.04 17.75 -17.98
C ARG C 265 11.99 17.61 -19.49
N LEU C 266 12.81 18.40 -20.17
CA LEU C 266 12.87 18.37 -21.64
C LEU C 266 13.45 17.06 -22.14
N ASN C 267 14.59 16.68 -21.58
CA ASN C 267 15.28 15.46 -21.98
C ASN C 267 14.61 14.16 -21.53
N PHE C 268 14.00 14.14 -20.36
CA PHE C 268 13.40 12.91 -19.85
C PHE C 268 11.89 12.72 -19.90
N MET C 269 11.15 13.77 -20.13
CA MET C 269 9.71 13.61 -20.19
C MET C 269 9.08 14.79 -20.94
N PRO C 270 9.20 14.77 -22.27
CA PRO C 270 8.67 15.81 -23.14
C PRO C 270 7.19 15.62 -23.37
N GLU C 271 6.74 14.39 -23.28
CA GLU C 271 5.34 14.11 -23.54
C GLU C 271 4.58 13.75 -22.25
N GLN C 272 5.22 13.97 -21.11
CA GLN C 272 4.59 13.64 -19.84
C GLN C 272 4.13 14.89 -19.09
N ARG C 273 2.84 14.95 -18.77
CA ARG C 273 2.25 16.07 -18.05
C ARG C 273 2.75 16.07 -16.60
N VAL C 274 3.11 17.23 -16.08
CA VAL C 274 3.61 17.34 -14.71
C VAL C 274 3.02 18.55 -13.99
N ILE C 275 2.37 18.33 -12.86
CA ILE C 275 1.78 19.47 -12.18
C ILE C 275 2.89 20.46 -11.82
N ASN C 276 2.56 21.73 -11.91
CA ASN C 276 3.49 22.82 -11.62
C ASN C 276 3.76 22.93 -10.12
N ASN C 277 2.73 23.18 -9.33
CA ASN C 277 2.89 23.31 -7.89
C ASN C 277 2.04 22.28 -7.16
N CYS C 278 2.54 21.81 -6.02
CA CYS C 278 1.81 20.81 -5.23
C CYS C 278 0.92 21.47 -4.20
N GLY C 279 1.20 22.73 -3.91
CA GLY C 279 0.39 23.43 -2.94
C GLY C 279 1.21 24.29 -2.00
N HIS C 280 0.58 24.68 -0.90
CA HIS C 280 1.19 25.53 0.11
C HIS C 280 1.23 24.89 1.49
N ILE C 281 2.27 25.17 2.26
CA ILE C 281 2.36 24.65 3.61
C ILE C 281 2.61 25.91 4.45
N ILE C 282 1.55 26.48 4.99
CA ILE C 282 1.67 27.68 5.80
C ILE C 282 1.59 27.39 7.29
N LYS C 283 2.50 28.00 8.05
CA LYS C 283 2.54 27.79 9.50
C LYS C 283 2.62 29.16 10.17
N ILE C 284 1.57 29.52 10.91
CA ILE C 284 1.48 30.80 11.60
C ILE C 284 1.46 30.67 13.11
N ASN C 285 2.41 31.32 13.77
CA ASN C 285 2.51 31.27 15.22
C ASN C 285 2.31 32.65 15.80
N ALA C 286 1.59 32.70 16.92
CA ALA C 286 1.32 33.95 17.59
C ALA C 286 2.60 34.33 18.31
N VAL C 287 3.16 35.48 17.97
CA VAL C 287 4.40 35.97 18.56
C VAL C 287 4.30 36.24 20.07
N VAL C 288 5.29 35.74 20.82
CA VAL C 288 5.33 35.92 22.28
C VAL C 288 5.64 37.39 22.65
N PRO C 289 5.01 37.91 23.72
CA PRO C 289 5.28 39.31 24.07
C PRO C 289 6.68 39.52 24.70
N ARG C 301 -1.96 41.22 18.82
CA ARG C 301 -0.66 40.55 18.79
C ARG C 301 -0.13 40.44 17.35
N ALA C 302 1.17 40.19 17.22
CA ALA C 302 1.81 40.06 15.91
C ALA C 302 1.92 38.58 15.54
N TYR C 303 2.23 38.30 14.29
CA TYR C 303 2.35 36.91 13.89
C TYR C 303 3.54 36.58 13.01
N GLU C 304 4.14 35.43 13.30
CA GLU C 304 5.27 34.94 12.54
C GLU C 304 4.74 33.94 11.54
N VAL C 305 5.20 34.03 10.31
CA VAL C 305 4.73 33.15 9.26
C VAL C 305 5.84 32.39 8.54
N SER C 306 5.45 31.22 8.04
CA SER C 306 6.35 30.37 7.30
C SER C 306 5.55 29.76 6.17
N SER C 307 5.73 30.30 4.98
CA SER C 307 5.01 29.82 3.82
C SER C 307 5.94 29.09 2.86
N SER C 308 5.62 27.80 2.64
CA SER C 308 6.40 26.95 1.77
C SER C 308 5.62 26.45 0.55
N ILE C 309 6.24 26.57 -0.61
CA ILE C 309 5.65 26.12 -1.87
C ILE C 309 6.35 24.84 -2.32
N LEU C 310 5.58 23.92 -2.89
CA LEU C 310 6.16 22.67 -3.32
C LEU C 310 6.07 22.52 -4.82
N PRO C 311 6.83 23.33 -5.56
CA PRO C 311 6.83 23.27 -7.02
C PRO C 311 7.53 22.00 -7.51
N SER C 312 6.94 21.28 -8.45
CA SER C 312 7.56 20.07 -8.95
C SER C 312 8.96 20.40 -9.49
N HIS C 313 9.87 19.44 -9.39
CA HIS C 313 11.23 19.63 -9.86
C HIS C 313 11.82 18.30 -10.36
N ILE C 314 12.06 18.21 -11.66
CA ILE C 314 12.59 16.99 -12.27
C ILE C 314 14.08 16.79 -12.09
N THR C 315 14.46 15.58 -11.65
CA THR C 315 15.86 15.20 -11.44
C THR C 315 16.29 13.99 -12.28
N CYS C 316 17.50 13.50 -12.03
CA CYS C 316 17.98 12.36 -12.80
C CYS C 316 17.22 11.10 -12.40
N ASN C 317 16.57 11.14 -11.25
CA ASN C 317 15.81 9.98 -10.78
C ASN C 317 14.33 9.98 -11.20
N GLY C 318 13.65 11.12 -11.04
CA GLY C 318 12.25 11.18 -11.41
C GLY C 318 11.62 12.52 -11.06
N VAL C 319 10.32 12.52 -10.81
CA VAL C 319 9.62 13.75 -10.47
C VAL C 319 9.86 14.12 -9.01
N GLY C 320 10.65 15.17 -8.79
CA GLY C 320 10.96 15.62 -7.43
C GLY C 320 10.25 16.93 -7.09
N ILE C 321 10.67 17.55 -5.99
CA ILE C 321 10.07 18.80 -5.56
C ILE C 321 11.13 19.76 -5.06
N ASN C 322 11.00 21.01 -5.44
CA ASN C 322 11.93 22.03 -4.96
C ASN C 322 11.17 22.87 -3.93
N LYS C 323 11.45 22.65 -2.65
CA LYS C 323 10.76 23.38 -1.60
C LYS C 323 11.38 24.75 -1.46
N ILE C 324 10.52 25.77 -1.46
CA ILE C 324 10.96 27.15 -1.29
C ILE C 324 10.14 27.68 -0.12
N GLU C 325 10.84 28.03 0.95
CA GLU C 325 10.22 28.51 2.18
C GLU C 325 10.57 29.96 2.43
N THR C 326 9.56 30.74 2.82
CA THR C 326 9.72 32.16 3.10
C THR C 326 9.17 32.44 4.51
N SER C 327 9.87 33.28 5.27
CA SER C 327 9.42 33.59 6.62
C SER C 327 9.48 35.08 6.86
N TYR C 328 8.45 35.60 7.50
CA TYR C 328 8.41 37.01 7.80
C TYR C 328 7.62 37.26 9.07
N LEU C 329 7.45 38.52 9.44
CA LEU C 329 6.71 38.86 10.65
C LEU C 329 5.64 39.91 10.43
N VAL C 330 4.40 39.49 10.58
CA VAL C 330 3.29 40.39 10.41
C VAL C 330 3.01 41.14 11.73
N HIS C 331 3.21 42.46 11.69
CA HIS C 331 3.02 43.34 12.85
C HIS C 331 1.60 43.51 13.29
N ALA C 332 1.40 43.53 14.61
CA ALA C 332 0.07 43.65 15.22
C ALA C 332 -0.88 44.58 14.48
N GLY C 333 -0.37 45.72 14.05
CA GLY C 333 -1.22 46.65 13.33
C GLY C 333 -1.00 46.47 11.84
N THR C 334 -1.77 45.59 11.21
CA THR C 334 -1.63 45.36 9.78
C THR C 334 -3.02 45.21 9.22
N LEU C 335 -3.20 45.68 7.99
CA LEU C 335 -4.51 45.61 7.35
C LEU C 335 -4.53 44.73 6.09
N PRO C 336 -5.59 43.92 5.95
CA PRO C 336 -5.79 42.99 4.83
C PRO C 336 -6.06 43.70 3.49
N SER C 337 -5.01 44.10 2.79
CA SER C 337 -5.16 44.78 1.51
C SER C 337 -3.86 44.73 0.75
N SER C 338 -3.97 44.67 -0.57
CA SER C 338 -2.79 44.61 -1.43
C SER C 338 -1.77 45.63 -0.98
N GLU C 339 -2.26 46.80 -0.60
CA GLU C 339 -1.42 47.90 -0.14
C GLU C 339 -0.81 47.63 1.23
N GLY C 340 -1.68 47.30 2.20
CA GLY C 340 -1.22 47.04 3.55
C GLY C 340 -0.11 46.01 3.64
N LEU C 341 -0.27 44.93 2.87
CA LEU C 341 0.71 43.84 2.85
C LEU C 341 2.02 44.16 2.15
N ARG C 342 1.97 44.82 1.00
CA ARG C 342 3.21 45.14 0.29
C ARG C 342 4.09 46.12 1.06
N ASN C 343 3.53 46.70 2.12
CA ASN C 343 4.27 47.66 2.94
C ASN C 343 4.65 47.12 4.30
N ALA C 344 3.76 46.36 4.92
CA ALA C 344 4.05 45.76 6.23
C ALA C 344 5.02 44.59 6.06
N ILE C 345 4.97 43.96 4.88
CA ILE C 345 5.82 42.82 4.57
C ILE C 345 6.70 43.10 3.36
N PRO C 346 7.64 44.04 3.51
CA PRO C 346 8.54 44.37 2.41
C PRO C 346 9.54 43.26 2.18
N PRO C 347 10.17 43.24 1.00
CA PRO C 347 11.15 42.22 0.67
C PRO C 347 12.25 41.97 1.72
N GLU C 348 12.72 43.04 2.36
CA GLU C 348 13.78 42.93 3.36
C GLU C 348 13.35 42.30 4.68
N SER C 349 12.04 42.19 4.91
CA SER C 349 11.55 41.60 6.16
C SER C 349 11.29 40.11 5.97
N ARG C 350 11.58 39.61 4.76
CA ARG C 350 11.36 38.22 4.42
C ARG C 350 12.66 37.46 4.29
N GLN C 351 12.62 36.18 4.68
CA GLN C 351 13.78 35.31 4.55
C GLN C 351 13.42 34.09 3.73
N VAL C 352 14.14 33.91 2.62
CA VAL C 352 13.91 32.80 1.73
C VAL C 352 15.02 31.76 1.82
N SER C 353 14.62 30.49 1.69
CA SER C 353 15.52 29.35 1.77
C SER C 353 15.06 28.28 0.79
N PHE C 354 16.03 27.52 0.28
CA PHE C 354 15.75 26.47 -0.68
C PHE C 354 16.20 25.10 -0.22
N ALA C 355 15.65 24.08 -0.88
CA ALA C 355 15.96 22.69 -0.61
C ALA C 355 15.36 21.86 -1.75
N ILE C 356 16.08 20.83 -2.17
CA ILE C 356 15.58 19.98 -3.23
C ILE C 356 15.38 18.56 -2.73
N ILE C 357 14.19 18.02 -2.99
CA ILE C 357 13.86 16.68 -2.56
C ILE C 357 13.69 15.79 -3.78
N SER C 358 14.51 14.76 -3.90
CA SER C 358 14.43 13.86 -5.06
C SER C 358 14.03 12.42 -4.75
N PRO C 359 13.47 11.71 -5.74
CA PRO C 359 13.07 10.32 -5.55
C PRO C 359 14.37 9.54 -5.51
N ASP C 360 14.28 8.23 -5.65
CA ASP C 360 15.49 7.43 -5.64
C ASP C 360 15.67 6.61 -6.92
N VAL C 361 16.83 5.95 -7.00
CA VAL C 361 17.19 5.12 -8.14
C VAL C 361 16.60 3.73 -7.97
N PRO D 1 14.66 14.01 -37.65
CA PRO D 1 13.27 14.04 -37.12
C PRO D 1 12.24 13.52 -38.12
N GLU D 2 10.97 13.48 -37.68
CA GLU D 2 9.86 12.99 -38.51
C GLU D 2 8.80 14.10 -38.72
N TYR D 3 8.94 15.16 -37.94
CA TYR D 3 8.06 16.32 -38.05
C TYR D 3 8.70 17.31 -39.02
N ASP D 4 7.87 18.18 -39.58
CA ASP D 4 8.37 19.12 -40.58
C ASP D 4 8.95 20.35 -39.89
N ALA D 5 8.21 20.90 -38.93
CA ALA D 5 8.69 22.08 -38.20
C ALA D 5 8.56 21.94 -36.67
N LEU D 6 9.34 22.73 -35.95
CA LEU D 6 9.31 22.75 -34.49
C LEU D 6 9.23 24.20 -34.04
N PHE D 7 8.04 24.63 -33.64
CA PHE D 7 7.84 26.02 -33.22
C PHE D 7 7.83 26.23 -31.71
N LYS D 8 8.50 27.28 -31.27
CA LYS D 8 8.56 27.60 -29.86
C LYS D 8 7.65 28.80 -29.61
N LEU D 9 6.51 28.58 -28.99
CA LEU D 9 5.59 29.66 -28.69
C LEU D 9 5.66 29.99 -27.22
N LEU D 10 5.16 31.15 -26.82
CA LEU D 10 5.20 31.57 -25.42
C LEU D 10 3.96 32.36 -25.00
N LEU D 11 3.37 32.01 -23.86
CA LEU D 11 2.19 32.74 -23.36
C LEU D 11 2.62 33.78 -22.33
N ILE D 12 2.05 34.98 -22.42
CA ILE D 12 2.39 36.06 -21.50
C ILE D 12 1.11 36.79 -21.10
N GLY D 13 1.15 37.50 -19.98
CA GLY D 13 -0.03 38.23 -19.56
C GLY D 13 -0.10 38.27 -18.05
N ASP D 14 -0.96 39.11 -17.48
CA ASP D 14 -1.04 39.20 -16.03
C ASP D 14 -1.51 37.91 -15.41
N SER D 15 -1.42 37.85 -14.10
CA SER D 15 -1.82 36.69 -13.36
C SER D 15 -3.33 36.45 -13.31
N GLY D 16 -3.73 35.25 -13.68
CA GLY D 16 -5.14 34.89 -13.64
C GLY D 16 -5.94 35.15 -14.89
N VAL D 17 -5.28 35.64 -15.93
CA VAL D 17 -5.96 35.92 -17.19
C VAL D 17 -6.48 34.64 -17.82
N GLY D 18 -5.76 33.54 -17.60
CA GLY D 18 -6.15 32.25 -18.13
C GLY D 18 -5.14 31.59 -19.05
N LYS D 19 -3.90 32.02 -18.96
CA LYS D 19 -2.85 31.48 -19.80
C LYS D 19 -2.81 29.97 -19.83
N SER D 20 -2.81 29.37 -18.65
CA SER D 20 -2.74 27.94 -18.56
C SER D 20 -3.97 27.22 -19.08
N CYS D 21 -5.15 27.51 -18.51
CA CYS D 21 -6.39 26.86 -18.94
C CYS D 21 -6.48 26.87 -20.45
N LEU D 22 -5.88 27.90 -21.06
CA LEU D 22 -5.84 28.05 -22.51
C LEU D 22 -4.95 26.97 -23.08
N LEU D 23 -3.73 26.90 -22.57
CA LEU D 23 -2.78 25.90 -23.03
C LEU D 23 -3.30 24.46 -22.81
N LEU D 24 -3.93 24.22 -21.66
CA LEU D 24 -4.46 22.90 -21.35
C LEU D 24 -5.61 22.52 -22.29
N ARG D 25 -6.49 23.46 -22.57
CA ARG D 25 -7.60 23.19 -23.49
C ARG D 25 -7.04 22.89 -24.88
N PHE D 26 -5.90 23.49 -25.20
CA PHE D 26 -5.29 23.27 -26.51
C PHE D 26 -4.54 21.96 -26.59
N ALA D 27 -3.80 21.60 -25.54
CA ALA D 27 -3.05 20.36 -25.55
C ALA D 27 -3.87 19.11 -25.25
N ASP D 28 -4.51 19.09 -24.07
CA ASP D 28 -5.32 17.95 -23.62
C ASP D 28 -6.80 18.10 -23.90
N ASP D 29 -7.21 19.27 -24.37
CA ASP D 29 -8.60 19.55 -24.68
C ASP D 29 -9.53 19.39 -23.46
N THR D 30 -9.08 19.91 -22.32
CA THR D 30 -9.85 19.88 -21.07
C THR D 30 -9.66 21.18 -20.30
N TYR D 31 -10.61 21.48 -19.42
CA TYR D 31 -10.52 22.69 -18.62
C TYR D 31 -11.00 22.37 -17.21
N THR D 32 -10.15 22.64 -16.22
CA THR D 32 -10.51 22.38 -14.83
C THR D 32 -10.19 23.56 -13.92
N GLU D 33 -10.57 23.46 -12.66
CA GLU D 33 -10.32 24.53 -11.71
C GLU D 33 -9.52 24.04 -10.51
N SER D 34 -8.76 22.98 -10.71
CA SER D 34 -7.95 22.41 -9.65
C SER D 34 -6.45 22.76 -9.75
N TYR D 35 -5.87 22.66 -10.93
CA TYR D 35 -4.46 22.98 -11.09
C TYR D 35 -4.43 24.40 -10.61
N ILE D 36 -3.65 24.65 -9.56
CA ILE D 36 -3.53 25.99 -8.94
C ILE D 36 -2.60 26.89 -9.78
N SER D 37 -2.24 28.02 -9.18
CA SER D 37 -1.38 29.03 -9.80
C SER D 37 -0.08 28.45 -10.35
N THR D 38 0.55 29.20 -11.26
CA THR D 38 1.82 28.76 -11.85
C THR D 38 2.98 29.54 -11.27
N ILE D 39 3.90 28.83 -10.62
CA ILE D 39 5.06 29.47 -10.05
C ILE D 39 6.15 29.09 -11.02
N GLY D 40 6.88 30.07 -11.53
CA GLY D 40 7.95 29.78 -12.47
C GLY D 40 7.52 29.47 -13.88
N VAL D 41 8.26 28.60 -14.53
CA VAL D 41 7.97 28.25 -15.91
C VAL D 41 7.34 26.86 -16.03
N ASP D 42 6.87 26.53 -17.22
CA ASP D 42 6.24 25.24 -17.46
C ASP D 42 6.11 25.14 -18.98
N PHE D 43 5.77 23.96 -19.49
CA PHE D 43 5.61 23.83 -20.93
C PHE D 43 4.83 22.58 -21.29
N LYS D 44 4.17 22.63 -22.45
CA LYS D 44 3.38 21.53 -22.96
C LYS D 44 3.76 21.36 -24.43
N ILE D 45 3.63 20.14 -24.93
CA ILE D 45 3.98 19.88 -26.31
C ILE D 45 2.86 19.19 -27.07
N ARG D 46 2.42 19.82 -28.16
CA ARG D 46 1.37 19.28 -29.01
C ARG D 46 1.73 19.45 -30.49
N THR D 47 1.51 18.39 -31.27
CA THR D 47 1.81 18.39 -32.69
C THR D 47 0.55 18.43 -33.56
N ILE D 48 0.56 19.31 -34.55
CA ILE D 48 -0.58 19.48 -35.45
C ILE D 48 -0.18 19.29 -36.91
N GLU D 49 -1.15 19.50 -37.81
CA GLU D 49 -0.90 19.40 -39.24
C GLU D 49 -1.45 20.61 -39.97
N LEU D 50 -0.56 21.27 -40.70
CA LEU D 50 -0.90 22.46 -41.46
C LEU D 50 -0.37 22.32 -42.89
N ASP D 51 -1.28 22.27 -43.86
CA ASP D 51 -0.89 22.13 -45.26
C ASP D 51 -0.23 20.78 -45.51
N GLY D 52 -0.84 19.73 -44.96
CA GLY D 52 -0.30 18.38 -45.12
C GLY D 52 1.09 18.20 -44.51
N LYS D 53 1.45 19.10 -43.60
CA LYS D 53 2.74 19.07 -42.91
C LYS D 53 2.57 18.58 -41.47
N THR D 54 3.68 18.54 -40.72
CA THR D 54 3.65 18.11 -39.33
C THR D 54 4.44 19.11 -38.46
N ILE D 55 3.74 19.91 -37.67
CA ILE D 55 4.39 20.91 -36.83
C ILE D 55 4.32 20.57 -35.33
N LYS D 56 5.49 20.41 -34.72
CA LYS D 56 5.60 20.09 -33.31
C LYS D 56 5.62 21.43 -32.58
N LEU D 57 4.56 21.71 -31.82
CA LEU D 57 4.46 22.96 -31.08
C LEU D 57 4.91 22.83 -29.64
N GLN D 58 5.83 23.70 -29.23
CA GLN D 58 6.33 23.68 -27.87
C GLN D 58 5.94 24.99 -27.22
N ILE D 59 4.78 24.99 -26.59
CA ILE D 59 4.28 26.18 -25.93
C ILE D 59 4.82 26.32 -24.51
N TRP D 60 5.18 27.54 -24.11
CA TRP D 60 5.72 27.78 -22.77
C TRP D 60 4.73 28.59 -21.93
N ASP D 61 4.67 28.28 -20.63
CA ASP D 61 3.76 28.93 -19.68
C ASP D 61 4.57 29.77 -18.72
N THR D 62 3.96 30.79 -18.14
CA THR D 62 4.69 31.65 -17.20
C THR D 62 3.85 32.31 -16.12
N ALA D 63 4.52 32.87 -15.13
CA ALA D 63 3.83 33.54 -14.04
C ALA D 63 3.47 34.97 -14.42
N GLY D 64 2.22 35.34 -14.13
CA GLY D 64 1.72 36.66 -14.46
C GLY D 64 2.23 37.82 -13.60
N GLN D 65 2.63 37.55 -12.36
CA GLN D 65 3.11 38.60 -11.49
C GLN D 65 4.33 39.30 -12.10
N GLU D 66 4.43 40.59 -11.82
CA GLU D 66 5.50 41.42 -12.30
C GLU D 66 6.87 40.92 -11.86
N ARG D 67 6.95 40.48 -10.61
CA ARG D 67 8.21 40.01 -10.06
C ARG D 67 8.86 38.89 -10.87
N PHE D 68 8.04 38.10 -11.55
CA PHE D 68 8.55 36.99 -12.35
C PHE D 68 9.14 37.39 -13.70
N ARG D 69 8.81 38.60 -14.15
CA ARG D 69 9.26 39.10 -15.45
C ARG D 69 10.72 38.87 -15.75
N THR D 70 11.58 39.26 -14.81
CA THR D 70 13.02 39.11 -14.99
C THR D 70 13.42 37.71 -15.44
N ILE D 71 13.21 36.73 -14.57
CA ILE D 71 13.56 35.35 -14.86
C ILE D 71 12.77 34.77 -16.02
N THR D 72 11.57 35.29 -16.27
CA THR D 72 10.75 34.80 -17.38
C THR D 72 11.42 35.14 -18.71
N SER D 73 12.02 36.32 -18.77
CA SER D 73 12.69 36.83 -19.96
C SER D 73 13.60 35.84 -20.69
N SER D 74 14.37 35.06 -19.94
CA SER D 74 15.27 34.08 -20.51
C SER D 74 14.58 33.18 -21.53
N TYR D 75 13.28 33.01 -21.39
CA TYR D 75 12.51 32.16 -22.29
C TYR D 75 11.95 32.87 -23.52
N TYR D 76 11.96 34.20 -23.49
CA TYR D 76 11.46 34.99 -24.62
C TYR D 76 12.29 34.74 -25.88
N ARG D 77 13.59 34.98 -25.80
CA ARG D 77 14.47 34.76 -26.95
C ARG D 77 14.43 33.30 -27.36
N GLY D 78 14.41 33.04 -28.65
CA GLY D 78 14.34 31.68 -29.13
C GLY D 78 12.90 31.31 -29.45
N ALA D 79 11.99 32.26 -29.21
CA ALA D 79 10.57 32.03 -29.46
C ALA D 79 10.10 32.49 -30.84
N HIS D 80 9.45 31.58 -31.56
CA HIS D 80 8.91 31.89 -32.88
C HIS D 80 7.69 32.80 -32.78
N GLY D 81 6.88 32.61 -31.74
CA GLY D 81 5.70 33.43 -31.54
C GLY D 81 5.39 33.71 -30.07
N ILE D 82 4.62 34.76 -29.82
CA ILE D 82 4.22 35.15 -28.47
C ILE D 82 2.74 35.50 -28.42
N ILE D 83 2.01 34.90 -27.49
CA ILE D 83 0.59 35.15 -27.39
C ILE D 83 0.32 35.96 -26.14
N VAL D 84 -0.06 37.22 -26.28
CA VAL D 84 -0.35 38.02 -25.09
C VAL D 84 -1.82 37.82 -24.75
N VAL D 85 -2.06 37.32 -23.54
CA VAL D 85 -3.42 37.04 -23.07
C VAL D 85 -3.90 38.06 -22.05
N TYR D 86 -5.17 38.47 -22.16
CA TYR D 86 -5.76 39.41 -21.24
C TYR D 86 -7.19 38.96 -20.88
N ASP D 87 -7.65 39.42 -19.72
CA ASP D 87 -8.96 39.07 -19.19
C ASP D 87 -10.02 40.06 -19.63
N VAL D 88 -10.91 39.65 -20.51
CA VAL D 88 -11.93 40.56 -20.97
C VAL D 88 -12.89 41.01 -19.86
N THR D 89 -12.76 40.44 -18.67
CA THR D 89 -13.64 40.85 -17.58
C THR D 89 -12.85 41.71 -16.61
N ASP D 90 -11.58 41.94 -16.95
CA ASP D 90 -10.71 42.74 -16.11
C ASP D 90 -10.07 43.86 -16.91
N GLN D 91 -10.42 45.10 -16.58
CA GLN D 91 -9.88 46.23 -17.30
C GLN D 91 -8.36 46.25 -17.22
N GLU D 92 -7.85 46.23 -15.99
CA GLU D 92 -6.40 46.24 -15.73
C GLU D 92 -5.57 45.39 -16.71
N SER D 93 -5.93 44.11 -16.81
CA SER D 93 -5.22 43.15 -17.67
C SER D 93 -5.02 43.64 -19.08
N PHE D 94 -5.92 44.51 -19.54
CA PHE D 94 -5.81 45.04 -20.89
C PHE D 94 -4.90 46.27 -20.88
N ASN D 95 -5.06 47.13 -19.87
CA ASN D 95 -4.24 48.33 -19.78
C ASN D 95 -2.78 47.95 -19.78
N ASN D 96 -2.48 46.74 -19.31
CA ASN D 96 -1.09 46.30 -19.23
C ASN D 96 -0.58 45.64 -20.51
N VAL D 97 -1.47 45.37 -21.46
CA VAL D 97 -1.06 44.74 -22.71
C VAL D 97 0.06 45.57 -23.33
N LYS D 98 0.11 46.83 -22.90
CA LYS D 98 1.11 47.79 -23.34
C LYS D 98 2.50 47.30 -22.91
N GLN D 99 2.64 47.05 -21.61
CA GLN D 99 3.88 46.56 -21.01
C GLN D 99 4.32 45.18 -21.52
N TRP D 100 3.37 44.23 -21.58
CA TRP D 100 3.69 42.89 -22.05
C TRP D 100 4.21 42.96 -23.49
N LEU D 101 3.85 44.03 -24.19
CA LEU D 101 4.30 44.19 -25.55
C LEU D 101 5.71 44.76 -25.56
N GLN D 102 5.90 45.81 -24.76
CA GLN D 102 7.21 46.47 -24.66
C GLN D 102 8.26 45.46 -24.21
N GLU D 103 7.82 44.45 -23.47
CA GLU D 103 8.71 43.41 -22.97
C GLU D 103 9.15 42.50 -24.10
N ILE D 104 8.23 42.20 -25.01
CA ILE D 104 8.53 41.33 -26.14
C ILE D 104 9.67 41.90 -26.94
N ASP D 105 9.70 43.23 -27.02
CA ASP D 105 10.74 43.90 -27.77
C ASP D 105 12.08 43.81 -27.09
N ARG D 106 12.12 44.13 -25.79
CA ARG D 106 13.36 44.11 -25.05
C ARG D 106 14.05 42.75 -24.92
N TYR D 107 13.43 41.67 -25.39
CA TYR D 107 14.06 40.36 -25.26
C TYR D 107 13.95 39.43 -26.48
N ALA D 108 12.75 39.28 -27.03
CA ALA D 108 12.55 38.42 -28.20
C ALA D 108 13.09 39.04 -29.48
N SER D 109 13.14 38.26 -30.57
CA SER D 109 13.62 38.75 -31.85
C SER D 109 12.50 39.52 -32.56
N GLU D 110 12.81 40.68 -33.14
CA GLU D 110 11.81 41.51 -33.82
C GLU D 110 10.97 40.80 -34.89
N ASN D 111 11.53 39.77 -35.53
CA ASN D 111 10.83 39.01 -36.55
C ASN D 111 9.86 37.97 -35.95
N VAL D 112 9.51 38.16 -34.67
CA VAL D 112 8.60 37.27 -33.95
C VAL D 112 7.13 37.63 -34.21
N ASN D 113 6.30 36.60 -34.42
CA ASN D 113 4.88 36.81 -34.69
C ASN D 113 4.14 36.98 -33.38
N LYS D 114 3.22 37.95 -33.33
CA LYS D 114 2.45 38.22 -32.12
C LYS D 114 0.94 38.09 -32.35
N LEU D 115 0.25 37.60 -31.33
CA LEU D 115 -1.21 37.46 -31.36
C LEU D 115 -1.92 37.84 -30.07
N LEU D 116 -2.73 38.88 -30.09
CA LEU D 116 -3.44 39.25 -28.88
C LEU D 116 -4.65 38.32 -28.68
N VAL D 117 -4.99 38.01 -27.44
CA VAL D 117 -6.13 37.14 -27.13
C VAL D 117 -6.90 37.61 -25.90
N GLY D 118 -8.21 37.76 -26.04
CA GLY D 118 -9.03 38.18 -24.91
C GLY D 118 -9.77 36.98 -24.37
N ASN D 119 -9.36 36.47 -23.22
CA ASN D 119 -9.98 35.28 -22.66
C ASN D 119 -11.07 35.56 -21.65
N LYS D 120 -11.85 34.52 -21.35
CA LYS D 120 -12.95 34.56 -20.39
C LYS D 120 -14.17 35.25 -20.97
N CYS D 121 -14.20 35.36 -22.30
CA CYS D 121 -15.30 36.03 -22.96
C CYS D 121 -16.68 35.35 -22.75
N ASP D 122 -16.69 34.17 -22.14
CA ASP D 122 -17.96 33.49 -21.90
C ASP D 122 -18.73 34.15 -20.76
N LEU D 123 -18.02 34.92 -19.93
CA LEU D 123 -18.65 35.63 -18.82
C LEU D 123 -19.15 36.96 -19.36
N THR D 124 -20.17 36.91 -20.20
CA THR D 124 -20.74 38.09 -20.81
C THR D 124 -21.20 39.12 -19.80
N THR D 125 -21.73 38.65 -18.68
CA THR D 125 -22.20 39.53 -17.60
C THR D 125 -21.11 40.47 -17.14
N LYS D 126 -19.96 39.91 -16.78
CA LYS D 126 -18.82 40.68 -16.28
C LYS D 126 -17.93 41.34 -17.34
N LYS D 127 -18.19 41.09 -18.63
CA LYS D 127 -17.37 41.66 -19.67
C LYS D 127 -17.25 43.16 -19.52
N VAL D 128 -16.03 43.67 -19.73
CA VAL D 128 -15.77 45.11 -19.62
C VAL D 128 -14.80 45.63 -20.67
N VAL D 129 -14.28 44.74 -21.51
CA VAL D 129 -13.38 45.21 -22.55
C VAL D 129 -14.03 44.92 -23.88
N ASP D 130 -14.44 45.99 -24.56
CA ASP D 130 -15.13 45.89 -25.85
C ASP D 130 -14.31 45.33 -27.01
N TYR D 131 -14.93 44.40 -27.73
CA TYR D 131 -14.29 43.75 -28.86
C TYR D 131 -13.66 44.80 -29.77
N THR D 132 -14.40 45.88 -29.98
CA THR D 132 -13.97 46.96 -30.84
C THR D 132 -12.76 47.75 -30.31
N THR D 133 -12.73 48.03 -29.01
CA THR D 133 -11.63 48.77 -28.41
C THR D 133 -10.32 48.02 -28.59
N ALA D 134 -10.39 46.70 -28.42
CA ALA D 134 -9.24 45.81 -28.53
C ALA D 134 -8.92 45.54 -29.99
N LYS D 135 -9.95 45.22 -30.77
CA LYS D 135 -9.80 44.96 -32.19
C LYS D 135 -9.11 46.20 -32.77
N GLU D 136 -9.37 47.33 -32.12
CA GLU D 136 -8.79 48.61 -32.53
C GLU D 136 -7.29 48.55 -32.34
N PHE D 137 -6.88 48.54 -31.07
CA PHE D 137 -5.48 48.49 -30.69
C PHE D 137 -4.72 47.34 -31.38
N ALA D 138 -5.42 46.23 -31.61
CA ALA D 138 -4.81 45.07 -32.26
C ALA D 138 -4.37 45.36 -33.69
N ASP D 139 -5.25 46.03 -34.44
CA ASP D 139 -4.98 46.37 -35.83
C ASP D 139 -3.97 47.51 -35.95
N SER D 140 -3.99 48.41 -34.98
CA SER D 140 -3.07 49.55 -34.99
C SER D 140 -1.63 49.10 -34.84
N LEU D 141 -1.43 47.81 -34.62
CA LEU D 141 -0.09 47.23 -34.46
C LEU D 141 0.15 46.15 -35.48
N GLY D 142 -0.92 45.71 -36.14
CA GLY D 142 -0.82 44.67 -37.14
C GLY D 142 -0.80 43.31 -36.47
N ILE D 143 -1.32 43.26 -35.25
CA ILE D 143 -1.36 42.03 -34.47
C ILE D 143 -2.71 41.37 -34.60
N PRO D 144 -2.76 40.10 -35.05
CA PRO D 144 -4.06 39.42 -35.17
C PRO D 144 -4.73 39.33 -33.80
N PHE D 145 -6.05 39.46 -33.77
CA PHE D 145 -6.77 39.46 -32.51
C PHE D 145 -7.93 38.46 -32.50
N LEU D 146 -8.15 37.85 -31.34
CA LEU D 146 -9.26 36.92 -31.17
C LEU D 146 -9.81 36.90 -29.75
N GLU D 147 -11.09 36.54 -29.62
CA GLU D 147 -11.73 36.43 -28.30
C GLU D 147 -11.93 34.96 -28.01
N THR D 148 -11.33 34.49 -26.92
CA THR D 148 -11.40 33.08 -26.53
C THR D 148 -12.00 32.79 -25.17
N SER D 149 -12.48 31.56 -25.02
CA SER D 149 -13.06 31.09 -23.78
C SER D 149 -12.53 29.68 -23.58
N ALA D 150 -11.48 29.55 -22.77
CA ALA D 150 -10.88 28.25 -22.50
C ALA D 150 -11.91 27.32 -21.88
N LYS D 151 -12.87 27.90 -21.18
CA LYS D 151 -13.94 27.15 -20.52
C LYS D 151 -14.83 26.40 -21.52
N ASN D 152 -15.22 27.09 -22.59
CA ASN D 152 -16.08 26.51 -23.62
C ASN D 152 -15.33 26.15 -24.90
N ALA D 153 -14.02 26.31 -24.90
CA ALA D 153 -13.21 26.00 -26.07
C ALA D 153 -13.52 26.93 -27.21
N THR D 154 -13.85 28.18 -26.91
CA THR D 154 -14.18 29.15 -27.94
C THR D 154 -12.94 29.77 -28.56
N ASN D 155 -12.71 29.53 -29.85
CA ASN D 155 -11.56 30.06 -30.56
C ASN D 155 -10.23 29.71 -29.91
N VAL D 156 -10.21 28.69 -29.06
CA VAL D 156 -8.96 28.33 -28.43
C VAL D 156 -8.06 27.65 -29.44
N GLU D 157 -8.62 26.73 -30.22
CA GLU D 157 -7.81 26.04 -31.20
C GLU D 157 -7.40 26.97 -32.33
N GLN D 158 -8.30 27.88 -32.70
CA GLN D 158 -8.05 28.83 -33.77
C GLN D 158 -6.91 29.77 -33.41
N SER D 159 -6.83 30.14 -32.14
CA SER D 159 -5.78 31.02 -31.67
C SER D 159 -4.40 30.45 -31.94
N PHE D 160 -4.24 29.15 -31.71
CA PHE D 160 -2.94 28.53 -31.93
C PHE D 160 -2.74 28.16 -33.41
N MET D 161 -3.79 27.66 -34.05
CA MET D 161 -3.71 27.28 -35.46
C MET D 161 -3.34 28.52 -36.29
N THR D 162 -3.68 29.69 -35.77
CA THR D 162 -3.40 30.97 -36.42
C THR D 162 -1.93 31.30 -36.29
N MET D 163 -1.43 31.16 -35.08
CA MET D 163 -0.03 31.42 -34.77
C MET D 163 0.83 30.48 -35.59
N ALA D 164 0.37 29.24 -35.74
CA ALA D 164 1.10 28.23 -36.50
C ALA D 164 1.24 28.63 -37.95
N ALA D 165 0.15 29.13 -38.52
CA ALA D 165 0.14 29.55 -39.90
C ALA D 165 0.99 30.81 -40.08
N GLU D 166 0.81 31.75 -39.16
CA GLU D 166 1.54 33.01 -39.19
C GLU D 166 3.05 32.78 -39.30
N ILE D 167 3.54 31.81 -38.52
CA ILE D 167 4.96 31.47 -38.50
C ILE D 167 5.36 30.66 -39.74
N LYS D 168 4.56 29.66 -40.09
CA LYS D 168 4.85 28.82 -41.25
C LYS D 168 4.94 29.69 -42.49
N LYS D 169 4.20 30.78 -42.48
CA LYS D 169 4.18 31.72 -43.60
C LYS D 169 5.49 32.50 -43.67
N ARG D 170 6.53 31.99 -43.05
CA ARG D 170 7.83 32.65 -43.07
C ARG D 170 8.90 31.67 -43.46
N MET D 171 9.18 30.75 -42.56
CA MET D 171 10.20 29.74 -42.78
C MET D 171 9.62 28.50 -43.45
N GLY E 1 42.80 -11.62 33.82
CA GLY E 1 41.70 -10.87 33.14
C GLY E 1 40.63 -10.30 34.06
N PRO E 2 40.14 -11.08 35.04
CA PRO E 2 40.63 -12.46 35.18
C PRO E 2 40.25 -13.35 33.99
N LEU E 3 39.01 -13.25 33.52
CA LEU E 3 38.58 -14.06 32.38
C LEU E 3 38.82 -13.41 31.01
N GLY E 4 39.79 -12.49 30.94
CA GLY E 4 40.06 -11.82 29.69
C GLY E 4 39.50 -10.41 29.63
N SER E 5 39.31 -9.90 28.41
CA SER E 5 38.79 -8.56 28.23
C SER E 5 37.29 -8.58 28.03
N ILE E 6 36.67 -7.43 28.28
CA ILE E 6 35.25 -7.32 28.14
C ILE E 6 34.88 -6.88 26.71
N TYR E 7 35.85 -6.34 25.97
CA TYR E 7 35.61 -5.87 24.61
C TYR E 7 35.09 -6.93 23.65
N SER E 8 34.03 -6.63 22.91
CA SER E 8 33.48 -7.59 21.94
C SER E 8 33.35 -6.89 20.60
N PRO E 9 34.03 -7.44 19.58
CA PRO E 9 34.05 -6.93 18.20
C PRO E 9 32.66 -6.82 17.62
N HIS E 10 31.80 -7.74 18.02
CA HIS E 10 30.42 -7.78 17.54
C HIS E 10 29.67 -6.49 17.89
N GLU E 11 29.73 -6.10 19.16
CA GLU E 11 29.07 -4.89 19.64
C GLU E 11 29.58 -3.67 18.88
N THR E 12 30.86 -3.68 18.54
CA THR E 12 31.41 -2.57 17.78
C THR E 12 30.77 -2.51 16.41
N LEU E 13 30.94 -3.55 15.62
CA LEU E 13 30.37 -3.59 14.29
C LEU E 13 28.92 -3.19 14.32
N ALA E 14 28.23 -3.58 15.38
CA ALA E 14 26.82 -3.29 15.51
C ALA E 14 26.53 -1.79 15.63
N GLU E 15 27.30 -1.09 16.45
CA GLU E 15 27.07 0.33 16.63
C GLU E 15 27.91 1.20 15.73
N LYS E 16 28.72 0.54 14.91
CA LYS E 16 29.60 1.26 14.01
C LYS E 16 29.13 1.26 12.55
N HIS E 17 28.50 0.18 12.08
CA HIS E 17 28.03 0.11 10.69
C HIS E 17 26.62 -0.38 10.62
N SER E 18 25.96 -0.11 9.49
CA SER E 18 24.58 -0.53 9.27
C SER E 18 24.48 -2.05 9.31
N GLU E 19 23.26 -2.54 9.22
CA GLU E 19 23.08 -3.98 9.27
C GLU E 19 23.42 -4.53 7.89
N LYS E 20 22.98 -3.84 6.84
CA LYS E 20 23.25 -4.29 5.48
C LYS E 20 24.73 -4.11 5.15
N LYS E 21 25.33 -3.01 5.59
CA LYS E 21 26.75 -2.78 5.31
C LYS E 21 27.53 -3.99 5.76
N LEU E 22 27.12 -4.53 6.91
CA LEU E 22 27.75 -5.69 7.52
C LEU E 22 27.58 -6.94 6.65
N MET E 23 26.34 -7.22 6.29
CA MET E 23 26.04 -8.38 5.48
C MET E 23 26.69 -8.29 4.12
N ASP E 24 26.60 -7.13 3.49
CA ASP E 24 27.18 -6.99 2.17
C ASP E 24 28.69 -7.22 2.18
N SER E 25 29.29 -7.14 3.35
CA SER E 25 30.72 -7.34 3.47
C SER E 25 31.12 -8.82 3.47
N PHE E 26 30.14 -9.71 3.49
CA PHE E 26 30.42 -11.14 3.51
C PHE E 26 30.54 -11.69 2.12
N SER E 27 31.47 -12.62 1.96
CA SER E 27 31.72 -13.25 0.67
C SER E 27 31.91 -14.73 0.89
N PRO E 28 31.68 -15.56 -0.14
CA PRO E 28 31.87 -17.00 0.03
C PRO E 28 33.35 -17.32 0.18
N SER E 29 33.67 -18.19 1.13
CA SER E 29 35.05 -18.58 1.41
C SER E 29 35.48 -19.75 0.54
N LEU E 30 36.38 -19.47 -0.40
CA LEU E 30 36.87 -20.46 -1.35
C LEU E 30 38.33 -20.79 -1.04
N SER E 31 39.00 -19.88 -0.34
CA SER E 31 40.40 -20.06 0.04
C SER E 31 40.74 -21.46 0.59
N GLN E 32 42.03 -21.82 0.46
CA GLN E 32 42.51 -23.12 0.91
C GLN E 32 42.71 -23.12 2.42
N ASP E 33 43.13 -21.96 2.94
CA ASP E 33 43.36 -21.78 4.38
C ASP E 33 42.17 -21.10 5.05
N LYS E 34 41.07 -21.82 5.11
CA LYS E 34 39.87 -21.32 5.73
C LYS E 34 39.53 -22.23 6.90
N MET E 35 38.97 -21.66 7.97
CA MET E 35 38.61 -22.48 9.14
C MET E 35 37.72 -23.63 8.69
N ASP E 36 37.72 -24.68 9.48
CA ASP E 36 36.94 -25.86 9.17
C ASP E 36 35.47 -25.56 9.14
N GLY E 37 34.88 -25.70 7.96
CA GLY E 37 33.46 -25.46 7.82
C GLY E 37 33.13 -24.01 7.53
N GLU E 38 34.15 -23.19 7.27
CA GLU E 38 33.96 -21.78 6.97
C GLU E 38 33.27 -21.68 5.61
N PHE E 39 32.10 -21.08 5.54
CA PHE E 39 31.47 -21.00 4.23
C PHE E 39 31.46 -19.59 3.73
N ALA E 40 31.72 -18.65 4.62
CA ALA E 40 31.74 -17.23 4.26
C ALA E 40 32.59 -16.46 5.25
N HIS E 41 33.04 -15.28 4.83
CA HIS E 41 33.87 -14.43 5.65
C HIS E 41 33.65 -12.96 5.32
N ALA E 42 34.19 -12.09 6.17
CA ALA E 42 34.08 -10.66 5.96
C ALA E 42 35.18 -9.96 6.74
N ASN E 43 35.56 -8.79 6.26
CA ASN E 43 36.60 -7.98 6.90
C ASN E 43 36.18 -6.53 6.95
N ILE E 44 36.05 -5.99 8.15
CA ILE E 44 35.72 -4.58 8.28
C ILE E 44 36.34 -4.09 9.55
N ASP E 45 37.16 -3.05 9.41
CA ASP E 45 37.83 -2.45 10.57
C ASP E 45 38.83 -3.37 11.26
N GLY E 46 39.72 -3.97 10.48
CA GLY E 46 40.73 -4.83 11.07
C GLY E 46 40.21 -6.08 11.74
N ILE E 47 38.90 -6.29 11.65
CA ILE E 47 38.32 -7.49 12.23
C ILE E 47 38.00 -8.41 11.05
N SER E 48 37.96 -9.71 11.33
CA SER E 48 37.66 -10.70 10.31
C SER E 48 36.61 -11.67 10.86
N ILE E 49 35.38 -11.56 10.39
CA ILE E 49 34.33 -12.46 10.85
C ILE E 49 34.33 -13.69 9.94
N ARG E 50 34.06 -14.86 10.51
CA ARG E 50 34.03 -16.11 9.74
C ARG E 50 32.77 -16.86 10.08
N LEU E 51 31.97 -17.17 9.07
CA LEU E 51 30.73 -17.92 9.29
C LEU E 51 30.94 -19.39 8.97
N CYS E 52 31.20 -20.18 10.02
CA CYS E 52 31.44 -21.61 9.87
C CYS E 52 30.21 -22.44 10.15
N LEU E 53 30.19 -23.63 9.58
CA LEU E 53 29.07 -24.52 9.75
C LEU E 53 29.61 -25.92 9.99
N ASN E 54 29.28 -26.52 11.14
CA ASN E 54 29.77 -27.86 11.51
C ASN E 54 28.70 -28.64 12.25
N LYS E 55 28.45 -29.86 11.80
CA LYS E 55 27.44 -30.70 12.45
C LYS E 55 26.09 -30.01 12.24
N GLY E 56 26.02 -29.20 11.19
CA GLY E 56 24.80 -28.48 10.88
C GLY E 56 24.53 -27.33 11.83
N ILE E 57 25.54 -26.90 12.57
CA ILE E 57 25.38 -25.80 13.51
C ILE E 57 26.35 -24.68 13.16
N CYS E 58 25.77 -23.52 12.89
CA CYS E 58 26.53 -22.35 12.49
C CYS E 58 27.04 -21.56 13.66
N SER E 59 28.32 -21.19 13.60
CA SER E 59 28.95 -20.40 14.65
C SER E 59 29.72 -19.23 14.03
N VAL E 60 29.72 -18.09 14.71
CA VAL E 60 30.41 -16.92 14.19
C VAL E 60 31.74 -16.68 14.88
N PHE E 61 32.79 -16.53 14.09
CA PHE E 61 34.12 -16.29 14.64
C PHE E 61 34.60 -14.86 14.37
N TYR E 62 35.10 -14.20 15.39
CA TYR E 62 35.62 -12.85 15.24
C TYR E 62 37.09 -12.95 15.57
N LEU E 63 37.92 -12.61 14.58
CA LEU E 63 39.38 -12.63 14.70
C LEU E 63 39.85 -11.20 14.69
N ASP E 64 40.32 -10.74 15.84
CA ASP E 64 40.80 -9.36 16.00
C ASP E 64 42.30 -9.43 16.31
N GLY E 65 43.10 -9.34 15.26
CA GLY E 65 44.54 -9.42 15.42
C GLY E 65 44.96 -10.85 15.72
N ASP E 66 44.89 -11.22 17.00
CA ASP E 66 45.26 -12.54 17.46
C ASP E 66 44.18 -13.17 18.33
N LYS E 67 43.46 -12.34 19.09
CA LYS E 67 42.42 -12.86 19.94
C LYS E 67 41.37 -13.51 19.04
N ILE E 68 40.76 -14.58 19.56
CA ILE E 68 39.73 -15.27 18.82
C ILE E 68 38.53 -15.50 19.72
N GLN E 69 37.34 -15.21 19.21
CA GLN E 69 36.11 -15.38 19.97
C GLN E 69 35.08 -15.94 19.01
N SER E 70 34.15 -16.72 19.55
CA SER E 70 33.12 -17.31 18.72
C SER E 70 31.77 -17.41 19.43
N THR E 71 30.72 -17.51 18.64
CA THR E 71 29.37 -17.61 19.15
C THR E 71 28.67 -18.65 18.32
N GLN E 72 28.02 -19.59 19.00
CA GLN E 72 27.28 -20.62 18.30
C GLN E 72 25.87 -20.06 18.14
N LEU E 73 25.30 -20.17 16.95
CA LEU E 73 23.97 -19.64 16.68
C LEU E 73 22.87 -20.65 16.83
N SER E 74 21.80 -20.24 17.50
CA SER E 74 20.65 -21.10 17.69
C SER E 74 20.05 -21.34 16.33
N SER E 75 19.13 -22.28 16.26
CA SER E 75 18.47 -22.59 15.00
C SER E 75 17.85 -21.31 14.41
N LYS E 76 17.01 -20.66 15.21
CA LYS E 76 16.35 -19.43 14.77
C LYS E 76 17.36 -18.36 14.38
N GLU E 77 18.42 -18.20 15.17
CA GLU E 77 19.44 -17.21 14.86
C GLU E 77 20.06 -17.47 13.48
N TYR E 78 20.33 -18.74 13.17
CA TYR E 78 20.93 -19.13 11.91
C TYR E 78 19.98 -18.88 10.76
N ASN E 79 18.75 -19.39 10.87
CA ASN E 79 17.78 -19.20 9.79
C ASN E 79 17.64 -17.73 9.49
N ASN E 80 17.89 -16.90 10.50
CA ASN E 80 17.80 -15.48 10.33
C ASN E 80 19.04 -15.05 9.57
N LEU E 81 20.19 -15.57 9.96
CA LEU E 81 21.42 -15.22 9.29
C LEU E 81 21.26 -15.43 7.79
N LEU E 82 20.78 -16.59 7.41
CA LEU E 82 20.61 -16.91 6.01
C LEU E 82 19.60 -15.95 5.42
N SER E 83 18.58 -15.64 6.21
CA SER E 83 17.54 -14.74 5.73
C SER E 83 18.05 -13.32 5.47
N SER E 84 19.26 -13.01 5.91
CA SER E 84 19.79 -11.66 5.73
C SER E 84 21.19 -11.63 5.10
N LEU E 85 21.56 -12.71 4.43
CA LEU E 85 22.87 -12.79 3.77
C LEU E 85 22.70 -12.25 2.37
N PRO E 86 23.79 -11.70 1.81
CA PRO E 86 23.86 -11.11 0.47
C PRO E 86 23.44 -12.15 -0.56
N PRO E 87 22.83 -11.72 -1.65
CA PRO E 87 22.40 -12.68 -2.67
C PRO E 87 23.56 -13.37 -3.42
N LYS E 88 24.36 -14.14 -2.70
CA LYS E 88 25.48 -14.84 -3.33
C LYS E 88 25.29 -16.34 -3.27
N GLN E 89 26.33 -17.07 -3.67
CA GLN E 89 26.27 -18.53 -3.62
C GLN E 89 27.19 -19.06 -2.55
N PHE E 90 26.59 -19.53 -1.45
CA PHE E 90 27.38 -20.08 -0.35
C PHE E 90 27.20 -21.59 -0.30
N ASN E 91 28.21 -22.24 0.28
CA ASN E 91 28.19 -23.69 0.42
C ASN E 91 27.48 -24.00 1.74
N LEU E 92 26.16 -23.90 1.77
CA LEU E 92 25.42 -24.17 2.99
C LEU E 92 25.12 -25.63 3.13
N GLY E 93 25.51 -26.41 2.13
CA GLY E 93 25.29 -27.84 2.15
C GLY E 93 23.85 -28.29 2.37
N LYS E 94 22.87 -27.47 2.01
CA LYS E 94 21.48 -27.85 2.17
C LYS E 94 20.61 -26.76 1.57
N VAL E 95 19.49 -27.10 0.92
CA VAL E 95 18.66 -26.05 0.33
C VAL E 95 17.74 -25.57 1.44
N HIS E 96 17.94 -24.31 1.82
CA HIS E 96 17.16 -23.69 2.87
C HIS E 96 15.92 -23.03 2.33
N THR E 97 15.07 -22.57 3.23
CA THR E 97 13.84 -21.89 2.84
C THR E 97 13.67 -20.57 3.58
N ILE E 98 13.66 -19.48 2.81
CA ILE E 98 13.49 -18.14 3.37
C ILE E 98 12.01 -17.78 3.35
N THR E 99 11.52 -17.18 4.43
CA THR E 99 10.12 -16.81 4.46
C THR E 99 9.92 -15.31 4.30
N ALA E 100 9.05 -14.98 3.35
CA ALA E 100 8.74 -13.59 3.03
C ALA E 100 7.68 -12.96 3.89
N PRO E 101 7.77 -11.63 4.06
CA PRO E 101 6.87 -10.79 4.84
C PRO E 101 5.51 -10.62 4.17
N VAL E 102 4.76 -11.72 4.06
CA VAL E 102 3.43 -11.69 3.46
C VAL E 102 2.78 -13.06 3.63
N SER E 103 1.49 -13.05 3.91
CA SER E 103 0.74 -14.29 4.12
C SER E 103 0.22 -14.82 2.80
N GLY E 104 0.73 -15.97 2.40
CA GLY E 104 0.32 -16.55 1.13
C GLY E 104 -1.09 -17.08 1.16
N ASN E 105 -1.62 -17.38 -0.01
CA ASN E 105 -2.95 -17.96 -0.15
C ASN E 105 -2.88 -18.77 -1.42
N PHE E 106 -3.85 -19.66 -1.66
CA PHE E 106 -3.84 -20.50 -2.86
C PHE E 106 -4.84 -20.03 -3.91
N LYS E 107 -4.94 -18.72 -4.08
CA LYS E 107 -5.86 -18.14 -5.05
C LYS E 107 -5.23 -16.98 -5.80
N THR E 108 -4.02 -17.18 -6.30
CA THR E 108 -3.31 -16.14 -7.06
C THR E 108 -2.56 -16.83 -8.17
N HIS E 109 -2.31 -16.08 -9.24
CA HIS E 109 -1.57 -16.60 -10.39
C HIS E 109 -0.04 -16.41 -10.34
N LYS E 110 0.43 -15.55 -9.44
CA LYS E 110 1.86 -15.27 -9.30
C LYS E 110 2.26 -14.96 -7.87
N PRO E 111 3.56 -15.08 -7.56
CA PRO E 111 4.09 -14.81 -6.23
C PRO E 111 3.89 -13.35 -5.85
N ALA E 112 3.63 -13.11 -4.58
CA ALA E 112 3.42 -11.75 -4.09
C ALA E 112 4.68 -10.90 -4.25
N PRO E 113 4.51 -9.61 -4.54
CA PRO E 113 5.61 -8.65 -4.71
C PRO E 113 6.73 -8.85 -3.69
N GLU E 114 6.34 -9.23 -2.48
CA GLU E 114 7.27 -9.43 -1.38
C GLU E 114 8.07 -10.71 -1.56
N VAL E 115 7.43 -11.72 -2.12
CA VAL E 115 8.11 -12.99 -2.34
C VAL E 115 9.22 -12.78 -3.37
N ILE E 116 8.87 -12.09 -4.44
CA ILE E 116 9.82 -11.83 -5.52
C ILE E 116 11.01 -11.04 -5.00
N GLU E 117 10.73 -9.93 -4.35
CA GLU E 117 11.76 -9.09 -3.79
C GLU E 117 12.68 -9.95 -2.90
N THR E 118 12.07 -10.74 -2.02
CA THR E 118 12.82 -11.58 -1.09
C THR E 118 13.78 -12.49 -1.85
N ALA E 119 13.23 -13.11 -2.91
CA ALA E 119 13.90 -14.06 -3.79
C ALA E 119 15.12 -13.48 -4.49
N ILE E 120 14.86 -12.36 -5.15
CA ILE E 120 15.87 -11.62 -5.89
C ILE E 120 17.08 -11.24 -5.07
N ASN E 121 16.90 -11.15 -3.75
CA ASN E 121 17.99 -10.76 -2.89
C ASN E 121 18.49 -11.76 -1.87
N CYS E 122 17.92 -12.95 -1.84
CA CYS E 122 18.41 -13.90 -0.84
C CYS E 122 19.54 -14.75 -1.39
N CYS E 123 20.36 -15.27 -0.48
CA CYS E 123 21.44 -16.12 -0.89
C CYS E 123 20.94 -17.52 -1.22
N THR E 124 21.82 -18.27 -1.88
CA THR E 124 21.53 -19.62 -2.34
C THR E 124 22.60 -20.63 -1.92
N SER E 125 22.19 -21.90 -1.88
CA SER E 125 23.08 -22.98 -1.49
C SER E 125 23.60 -23.77 -2.70
N ILE E 126 24.93 -23.86 -2.79
CA ILE E 126 25.59 -24.56 -3.87
C ILE E 126 25.34 -26.06 -3.88
N ILE E 127 25.25 -26.61 -5.08
CA ILE E 127 25.06 -28.04 -5.28
C ILE E 127 26.33 -28.52 -5.97
N PRO E 128 27.16 -29.32 -5.28
CA PRO E 128 28.41 -29.85 -5.82
C PRO E 128 28.33 -30.42 -7.24
N ASN E 129 29.13 -29.79 -8.11
CA ASN E 129 29.20 -30.12 -9.52
C ASN E 129 30.48 -30.92 -9.82
N ASP E 130 30.43 -32.23 -9.59
CA ASP E 130 31.58 -33.11 -9.83
C ASP E 130 31.36 -34.07 -10.98
N ASP E 131 30.15 -34.61 -11.08
CA ASP E 131 29.79 -35.54 -12.14
C ASP E 131 29.19 -34.76 -13.31
N TYR E 132 29.72 -33.55 -13.52
CA TYR E 132 29.24 -32.69 -14.58
C TYR E 132 29.08 -33.42 -15.90
N PHE E 133 28.07 -33.01 -16.67
CA PHE E 133 27.83 -33.62 -17.97
C PHE E 133 28.83 -33.06 -18.99
N HIS E 134 28.85 -33.70 -20.16
CA HIS E 134 29.75 -33.28 -21.22
C HIS E 134 29.01 -32.46 -22.26
N VAL E 135 29.75 -31.58 -22.91
CA VAL E 135 29.17 -30.71 -23.91
C VAL E 135 28.44 -31.50 -24.99
N LYS E 136 27.20 -31.16 -25.25
CA LYS E 136 26.44 -31.81 -26.32
C LYS E 136 26.21 -30.75 -27.40
N ASP E 137 25.87 -31.20 -28.61
CA ASP E 137 25.68 -30.25 -29.68
C ASP E 137 24.36 -29.54 -29.64
N THR E 138 23.43 -30.07 -28.85
CA THR E 138 22.12 -29.44 -28.72
C THR E 138 22.17 -28.33 -27.64
N ASP E 139 23.35 -28.14 -27.05
CA ASP E 139 23.56 -27.10 -26.04
C ASP E 139 23.43 -25.73 -26.69
N PHE E 140 22.78 -24.81 -25.98
CA PHE E 140 22.51 -23.44 -26.43
C PHE E 140 21.83 -23.38 -27.79
N ASN E 141 21.22 -24.47 -28.19
CA ASN E 141 20.55 -24.50 -29.47
C ASN E 141 19.44 -23.45 -29.53
N SER E 142 18.77 -23.23 -28.39
CA SER E 142 17.65 -22.27 -28.34
C SER E 142 18.00 -20.91 -27.76
N VAL E 143 19.28 -20.68 -27.48
CA VAL E 143 19.70 -19.43 -26.89
C VAL E 143 19.04 -18.19 -27.52
N TRP E 144 19.15 -17.99 -28.82
CA TRP E 144 18.54 -16.79 -29.40
C TRP E 144 17.06 -16.63 -29.09
N HIS E 145 16.30 -17.70 -29.27
CA HIS E 145 14.86 -17.66 -29.05
C HIS E 145 14.49 -17.31 -27.62
N ASP E 146 15.25 -17.90 -26.69
CA ASP E 146 15.00 -17.67 -25.29
C ASP E 146 15.13 -16.19 -24.90
N ILE E 147 16.31 -15.60 -25.11
CA ILE E 147 16.51 -14.19 -24.75
C ILE E 147 15.47 -13.30 -25.41
N TYR E 148 15.09 -13.66 -26.64
CA TYR E 148 14.12 -12.88 -27.36
C TYR E 148 12.80 -12.84 -26.60
N ARG E 149 12.21 -14.03 -26.39
CA ARG E 149 10.93 -14.17 -25.69
C ARG E 149 10.94 -13.50 -24.31
N ASP E 150 12.04 -13.70 -23.57
CA ASP E 150 12.17 -13.13 -22.24
C ASP E 150 12.15 -11.60 -22.33
N ILE E 151 13.12 -11.02 -23.04
CA ILE E 151 13.19 -9.56 -23.17
C ILE E 151 11.92 -9.01 -23.79
N ARG E 152 11.34 -9.78 -24.70
CA ARG E 152 10.13 -9.37 -25.39
C ARG E 152 9.06 -9.01 -24.37
N ALA E 153 8.75 -9.97 -23.49
CA ALA E 153 7.75 -9.76 -22.46
C ALA E 153 8.35 -9.22 -21.17
N SER E 154 9.36 -8.35 -21.29
CA SER E 154 9.99 -7.79 -20.10
C SER E 154 9.07 -6.81 -19.39
N ASP E 155 8.15 -6.22 -20.15
CA ASP E 155 7.19 -5.24 -19.63
C ASP E 155 6.26 -5.83 -18.55
N SER E 156 6.16 -7.15 -18.50
CA SER E 156 5.33 -7.87 -17.54
C SER E 156 6.17 -9.04 -17.00
N ASN E 157 7.47 -8.78 -16.86
CA ASN E 157 8.43 -9.77 -16.41
C ASN E 157 9.26 -9.21 -15.28
N SER E 158 9.53 -10.00 -14.26
CA SER E 158 10.33 -9.50 -13.15
C SER E 158 11.81 -9.53 -13.50
N THR E 159 12.08 -9.66 -14.81
CA THR E 159 13.46 -9.70 -15.35
C THR E 159 14.23 -8.39 -15.24
N LYS E 160 15.48 -8.51 -14.81
CA LYS E 160 16.35 -7.35 -14.68
C LYS E 160 17.78 -7.71 -15.06
N ILE E 161 18.45 -6.83 -15.79
CA ILE E 161 19.83 -7.11 -16.17
C ILE E 161 20.75 -6.01 -15.62
N TYR E 162 21.78 -6.43 -14.90
CA TYR E 162 22.74 -5.50 -14.30
C TYR E 162 24.17 -5.74 -14.74
N PHE E 163 24.93 -4.65 -14.85
CA PHE E 163 26.34 -4.70 -15.20
C PHE E 163 27.08 -3.88 -14.17
N ASN E 164 27.70 -4.58 -13.22
CA ASN E 164 28.43 -3.93 -12.15
C ASN E 164 27.49 -3.03 -11.36
N ASN E 165 26.41 -3.64 -10.86
CA ASN E 165 25.39 -2.98 -10.06
C ASN E 165 24.79 -1.77 -10.74
N ILE E 166 24.85 -1.79 -12.06
CA ILE E 166 24.31 -0.71 -12.87
C ILE E 166 23.23 -1.33 -13.74
N GLU E 167 21.98 -1.01 -13.43
CA GLU E 167 20.86 -1.56 -14.18
C GLU E 167 20.91 -1.11 -15.63
N ILE E 168 20.90 -2.08 -16.52
CA ILE E 168 20.91 -1.80 -17.95
C ILE E 168 19.44 -1.78 -18.38
N PRO E 169 18.94 -0.60 -18.80
CA PRO E 169 17.55 -0.37 -19.26
C PRO E 169 17.07 -1.43 -20.24
N LEU E 170 15.94 -2.06 -19.93
CA LEU E 170 15.41 -3.12 -20.78
C LEU E 170 15.18 -2.66 -22.21
N LYS E 171 14.80 -1.40 -22.37
CA LYS E 171 14.57 -0.79 -23.67
C LYS E 171 15.86 -0.94 -24.47
N LEU E 172 16.96 -0.45 -23.89
CA LEU E 172 18.28 -0.53 -24.50
C LEU E 172 18.57 -1.95 -24.99
N ILE E 173 18.44 -2.92 -24.09
CA ILE E 173 18.66 -4.33 -24.42
C ILE E 173 17.71 -4.79 -25.52
N ALA E 174 16.54 -4.16 -25.56
CA ALA E 174 15.53 -4.50 -26.55
C ALA E 174 15.98 -4.16 -27.98
N ASP E 175 16.62 -3.00 -28.09
CA ASP E 175 17.11 -2.49 -29.38
C ASP E 175 18.43 -3.16 -29.72
N LEU E 176 19.26 -3.38 -28.70
CA LEU E 176 20.54 -4.04 -28.90
C LEU E 176 20.28 -5.44 -29.46
N ILE E 177 19.50 -6.21 -28.71
CA ILE E 177 19.15 -7.57 -29.08
C ILE E 177 18.63 -7.60 -30.53
N ASN E 178 17.94 -6.54 -30.92
CA ASN E 178 17.40 -6.44 -32.28
C ASN E 178 18.48 -6.05 -33.31
N GLU E 179 19.16 -4.93 -33.09
CA GLU E 179 20.22 -4.49 -34.01
C GLU E 179 21.24 -5.58 -34.22
N LEU E 180 21.25 -6.57 -33.33
CA LEU E 180 22.15 -7.70 -33.45
C LEU E 180 21.56 -8.76 -34.35
N GLY E 181 20.27 -8.59 -34.66
CA GLY E 181 19.58 -9.52 -35.54
C GLY E 181 18.73 -10.58 -34.86
N ILE E 182 18.45 -10.40 -33.58
CA ILE E 182 17.64 -11.38 -32.88
C ILE E 182 16.18 -10.97 -32.92
N ASN E 183 15.36 -11.80 -33.55
CA ASN E 183 13.93 -11.54 -33.67
C ASN E 183 13.14 -12.82 -33.72
N GLU E 184 11.83 -12.68 -33.89
CA GLU E 184 10.92 -13.81 -33.95
C GLU E 184 11.48 -14.99 -34.74
N PHE E 185 11.86 -14.74 -35.99
CA PHE E 185 12.41 -15.78 -36.87
C PHE E 185 13.87 -15.53 -37.19
N ILE E 186 14.76 -16.19 -36.46
CA ILE E 186 16.19 -16.05 -36.68
C ILE E 186 16.71 -17.49 -36.67
N ASP E 187 17.84 -17.74 -37.35
CA ASP E 187 18.36 -19.10 -37.38
C ASP E 187 18.98 -19.52 -36.07
N SER E 188 18.45 -20.61 -35.50
CA SER E 188 18.94 -21.13 -34.22
C SER E 188 20.45 -21.26 -34.16
N LYS E 189 21.02 -21.88 -35.20
CA LYS E 189 22.44 -22.10 -35.26
C LYS E 189 23.24 -20.93 -35.87
N LYS E 190 22.61 -19.76 -35.97
CA LYS E 190 23.28 -18.59 -36.54
C LYS E 190 24.36 -17.99 -35.63
N GLU E 191 25.26 -17.23 -36.24
CA GLU E 191 26.33 -16.57 -35.52
C GLU E 191 26.11 -15.07 -35.62
N LEU E 192 26.03 -14.40 -34.48
CA LEU E 192 25.79 -12.96 -34.47
C LEU E 192 27.00 -12.17 -34.94
N GLN E 193 26.71 -11.11 -35.68
CA GLN E 193 27.72 -10.20 -36.22
C GLN E 193 27.72 -8.94 -35.39
N MET E 194 28.91 -8.53 -34.96
CA MET E 194 29.03 -7.34 -34.13
C MET E 194 28.40 -6.13 -34.80
N LEU E 195 28.39 -5.01 -34.08
CA LEU E 195 27.79 -3.81 -34.63
C LEU E 195 28.81 -2.70 -34.88
N SER E 196 28.55 -1.91 -35.92
CA SER E 196 29.42 -0.81 -36.30
C SER E 196 29.31 0.30 -35.25
N TYR E 197 30.24 1.23 -35.26
CA TYR E 197 30.17 2.32 -34.31
C TYR E 197 28.85 3.09 -34.45
N ASN E 198 28.28 3.11 -35.65
CA ASN E 198 27.02 3.83 -35.88
C ASN E 198 25.87 3.10 -35.22
N GLN E 199 25.81 1.79 -35.44
CA GLN E 199 24.75 0.97 -34.88
C GLN E 199 24.64 1.16 -33.38
N VAL E 200 25.75 1.03 -32.65
CA VAL E 200 25.67 1.22 -31.21
C VAL E 200 25.23 2.64 -30.88
N ASN E 201 25.67 3.63 -31.66
CA ASN E 201 25.28 5.01 -31.39
C ASN E 201 23.79 5.22 -31.69
N LYS E 202 23.30 4.57 -32.73
CA LYS E 202 21.90 4.67 -33.09
C LYS E 202 21.13 4.22 -31.86
N ILE E 203 21.53 3.06 -31.34
CA ILE E 203 20.94 2.48 -30.15
C ILE E 203 21.11 3.38 -28.94
N ILE E 204 22.35 3.54 -28.50
CA ILE E 204 22.63 4.36 -27.33
C ILE E 204 21.95 5.71 -27.40
N ASN E 205 21.90 6.32 -28.58
CA ASN E 205 21.27 7.63 -28.69
C ASN E 205 19.74 7.57 -28.65
N SER E 206 19.17 6.41 -28.94
CA SER E 206 17.72 6.29 -28.91
C SER E 206 17.23 6.10 -27.48
N ASN E 207 18.17 6.01 -26.54
CA ASN E 207 17.82 5.82 -25.14
C ASN E 207 18.47 6.84 -24.23
N PHE E 208 19.41 7.60 -24.78
CA PHE E 208 20.12 8.60 -23.99
C PHE E 208 20.21 9.94 -24.72
N PRO E 209 19.66 10.99 -24.09
CA PRO E 209 19.69 12.34 -24.69
C PRO E 209 21.14 12.81 -24.82
N GLN E 210 21.58 13.17 -26.01
CA GLN E 210 22.96 13.63 -26.20
C GLN E 210 23.23 14.94 -25.44
N GLN E 211 22.16 15.63 -25.07
CA GLN E 211 22.29 16.88 -24.33
C GLN E 211 22.18 16.60 -22.84
N ASP E 212 22.45 15.35 -22.46
CA ASP E 212 22.36 14.93 -21.05
C ASP E 212 23.69 14.95 -20.32
N LEU E 213 23.63 15.28 -19.03
CA LEU E 213 24.80 15.32 -18.20
C LEU E 213 24.68 14.19 -17.17
N CYS E 214 23.44 13.83 -16.86
CA CYS E 214 23.11 12.77 -15.90
C CYS E 214 23.73 11.37 -16.00
N PHE E 215 23.30 10.66 -17.04
CA PHE E 215 23.73 9.29 -17.32
C PHE E 215 24.77 9.38 -18.43
N GLN E 216 25.74 10.26 -18.23
CA GLN E 216 26.78 10.44 -19.22
C GLN E 216 27.77 9.28 -19.18
N THR E 217 28.08 8.82 -17.98
CA THR E 217 29.01 7.71 -17.77
C THR E 217 28.40 6.39 -18.24
N GLU E 218 27.15 6.15 -17.87
CA GLU E 218 26.45 4.93 -18.26
C GLU E 218 26.48 4.84 -19.77
N LYS E 219 26.39 6.00 -20.42
CA LYS E 219 26.38 6.12 -21.87
C LYS E 219 27.66 5.52 -22.48
N LEU E 220 28.79 6.11 -22.13
CA LEU E 220 30.09 5.66 -22.63
C LEU E 220 30.34 4.19 -22.34
N LEU E 221 30.05 3.78 -21.10
CA LEU E 221 30.25 2.39 -20.72
C LEU E 221 29.55 1.43 -21.69
N PHE E 222 28.24 1.54 -21.78
CA PHE E 222 27.48 0.67 -22.67
C PHE E 222 27.94 0.77 -24.11
N THR E 223 28.44 1.93 -24.49
CA THR E 223 28.92 2.12 -25.86
C THR E 223 30.05 1.13 -26.14
N SER E 224 30.91 0.96 -25.15
CA SER E 224 32.02 0.04 -25.23
C SER E 224 31.48 -1.39 -25.29
N LEU E 225 30.92 -1.86 -24.16
CA LEU E 225 30.37 -3.22 -24.04
C LEU E 225 29.66 -3.77 -25.25
N PHE E 226 28.67 -3.05 -25.74
CA PHE E 226 27.90 -3.50 -26.89
C PHE E 226 28.73 -3.89 -28.12
N GLN E 227 30.00 -3.53 -28.13
CA GLN E 227 30.86 -3.88 -29.26
C GLN E 227 31.71 -5.11 -28.98
N ASP E 228 31.91 -5.44 -27.70
CA ASP E 228 32.70 -6.60 -27.30
C ASP E 228 31.89 -7.89 -27.48
N PRO E 229 32.34 -8.79 -28.38
CA PRO E 229 31.68 -10.07 -28.65
C PRO E 229 31.48 -10.88 -27.39
N ALA E 230 32.50 -10.91 -26.56
CA ALA E 230 32.43 -11.65 -25.31
C ALA E 230 31.22 -11.17 -24.50
N PHE E 231 31.04 -9.86 -24.38
CA PHE E 231 29.92 -9.32 -23.62
C PHE E 231 28.60 -9.84 -24.17
N ILE E 232 28.39 -9.67 -25.48
CA ILE E 232 27.16 -10.14 -26.10
C ILE E 232 26.93 -11.62 -25.82
N SER E 233 28.01 -12.38 -25.70
CA SER E 233 27.99 -13.81 -25.42
C SER E 233 27.44 -14.03 -24.01
N ALA E 234 28.01 -13.28 -23.06
CA ALA E 234 27.57 -13.34 -21.68
C ALA E 234 26.06 -13.00 -21.62
N LEU E 235 25.72 -11.76 -21.95
CA LEU E 235 24.33 -11.32 -21.92
C LEU E 235 23.37 -12.36 -22.51
N THR E 236 23.69 -12.88 -23.68
CA THR E 236 22.81 -13.85 -24.32
C THR E 236 22.85 -15.23 -23.69
N SER E 237 24.04 -15.73 -23.38
CA SER E 237 24.15 -17.06 -22.79
C SER E 237 23.23 -17.17 -21.59
N ALA E 238 23.30 -16.14 -20.75
CA ALA E 238 22.53 -16.05 -19.51
C ALA E 238 21.02 -16.39 -19.58
N PHE E 239 20.42 -16.40 -20.76
CA PHE E 239 18.99 -16.72 -20.84
C PHE E 239 18.70 -18.14 -21.27
N TRP E 240 19.71 -18.86 -21.78
CA TRP E 240 19.45 -20.23 -22.24
C TRP E 240 18.72 -21.07 -21.19
N GLN E 241 17.50 -21.46 -21.55
CA GLN E 241 16.64 -22.23 -20.68
C GLN E 241 17.19 -23.46 -19.97
N SER E 242 18.36 -23.93 -20.31
CA SER E 242 18.87 -25.12 -19.62
C SER E 242 20.20 -24.90 -18.97
N LEU E 243 20.52 -23.62 -18.78
CA LEU E 243 21.78 -23.24 -18.20
C LEU E 243 22.05 -23.90 -16.85
N HIS E 244 21.00 -24.15 -16.05
CA HIS E 244 21.22 -24.77 -14.75
C HIS E 244 21.36 -26.28 -14.75
N ILE E 245 20.88 -26.97 -15.79
CA ILE E 245 21.04 -28.42 -15.84
C ILE E 245 22.52 -28.66 -16.19
N THR E 246 23.31 -29.04 -15.20
CA THR E 246 24.75 -29.26 -15.40
C THR E 246 25.33 -30.57 -14.90
N SER E 247 24.58 -31.32 -14.09
CA SER E 247 25.08 -32.61 -13.62
C SER E 247 23.96 -33.43 -13.01
N SER E 248 24.20 -34.73 -12.83
CA SER E 248 23.20 -35.64 -12.28
C SER E 248 22.78 -35.19 -10.89
N SER E 249 23.76 -34.73 -10.10
CA SER E 249 23.52 -34.23 -8.74
C SER E 249 22.39 -33.19 -8.84
N VAL E 250 22.71 -32.09 -9.51
CA VAL E 250 21.77 -31.00 -9.72
C VAL E 250 20.43 -31.56 -10.14
N GLU E 251 20.44 -32.45 -11.13
CA GLU E 251 19.21 -33.07 -11.64
C GLU E 251 18.36 -33.71 -10.56
N HIS E 252 19.04 -34.46 -9.70
CA HIS E 252 18.40 -35.16 -8.60
C HIS E 252 17.63 -34.16 -7.73
N ILE E 253 18.34 -33.15 -7.27
CA ILE E 253 17.77 -32.09 -6.45
C ILE E 253 16.63 -31.43 -7.22
N TYR E 254 16.99 -30.73 -8.31
CA TYR E 254 16.02 -30.03 -9.15
C TYR E 254 14.78 -30.88 -9.40
N ALA E 255 14.99 -32.18 -9.56
CA ALA E 255 13.89 -33.10 -9.79
C ALA E 255 12.97 -33.13 -8.57
N GLN E 256 13.59 -33.30 -7.41
CA GLN E 256 12.87 -33.36 -6.14
C GLN E 256 12.06 -32.13 -5.87
N ILE E 257 12.72 -30.98 -5.96
CA ILE E 257 12.08 -29.70 -5.73
C ILE E 257 10.87 -29.53 -6.63
N MET E 258 10.97 -30.01 -7.86
CA MET E 258 9.87 -29.86 -8.80
C MET E 258 8.69 -30.72 -8.42
N SER E 259 9.00 -31.90 -7.87
CA SER E 259 7.99 -32.85 -7.44
C SER E 259 7.17 -32.20 -6.34
N GLU E 260 7.88 -31.72 -5.32
CA GLU E 260 7.29 -31.05 -4.16
C GLU E 260 6.40 -29.91 -4.64
N ASN E 261 6.91 -29.15 -5.59
CA ASN E 261 6.19 -28.04 -6.16
C ASN E 261 4.87 -28.56 -6.76
N ILE E 262 5.00 -29.53 -7.66
CA ILE E 262 3.86 -30.12 -8.35
C ILE E 262 2.85 -30.75 -7.39
N GLU E 263 3.35 -31.53 -6.45
CA GLU E 263 2.47 -32.16 -5.46
C GLU E 263 1.57 -31.11 -4.85
N ASN E 264 2.16 -30.19 -4.09
CA ASN E 264 1.41 -29.12 -3.46
C ASN E 264 0.46 -28.42 -4.42
N ARG E 265 0.92 -28.16 -5.65
CA ARG E 265 0.06 -27.48 -6.61
C ARG E 265 -1.19 -28.32 -6.93
N LEU E 266 -1.00 -29.63 -6.95
CA LEU E 266 -2.08 -30.56 -7.27
C LEU E 266 -3.12 -30.57 -6.15
N ASN E 267 -2.64 -30.73 -4.93
CA ASN E 267 -3.51 -30.79 -3.76
C ASN E 267 -4.14 -29.46 -3.36
N PHE E 268 -3.41 -28.36 -3.51
CA PHE E 268 -3.95 -27.07 -3.07
C PHE E 268 -4.51 -26.09 -4.07
N MET E 269 -4.23 -26.29 -5.35
CA MET E 269 -4.74 -25.36 -6.36
C MET E 269 -4.74 -26.04 -7.73
N PRO E 270 -5.72 -26.93 -7.96
CA PRO E 270 -5.86 -27.66 -9.21
C PRO E 270 -6.54 -26.82 -10.26
N GLU E 271 -7.34 -25.86 -9.82
CA GLU E 271 -8.06 -25.02 -10.76
C GLU E 271 -7.51 -23.60 -10.79
N GLN E 272 -6.36 -23.38 -10.15
CA GLN E 272 -5.77 -22.05 -10.11
C GLN E 272 -4.57 -21.92 -11.05
N ARG E 273 -4.63 -20.97 -11.98
CA ARG E 273 -3.53 -20.75 -12.92
C ARG E 273 -2.34 -20.15 -12.21
N VAL E 274 -1.14 -20.64 -12.54
CA VAL E 274 0.07 -20.16 -11.89
C VAL E 274 1.18 -19.96 -12.90
N ILE E 275 1.72 -18.75 -13.01
CA ILE E 275 2.80 -18.53 -13.99
C ILE E 275 3.95 -19.48 -13.68
N ASN E 276 4.60 -19.94 -14.73
CA ASN E 276 5.71 -20.87 -14.61
C ASN E 276 6.98 -20.16 -14.11
N ASN E 277 7.43 -19.18 -14.85
CA ASN E 277 8.63 -18.47 -14.47
C ASN E 277 8.34 -16.97 -14.29
N CYS E 278 9.00 -16.34 -13.33
CA CYS E 278 8.82 -14.92 -13.07
C CYS E 278 9.75 -14.06 -13.90
N GLY E 279 10.83 -14.68 -14.40
CA GLY E 279 11.78 -13.96 -15.22
C GLY E 279 13.22 -14.31 -14.91
N HIS E 280 14.11 -13.41 -15.32
CA HIS E 280 15.54 -13.61 -15.12
C HIS E 280 16.18 -12.46 -14.35
N ILE E 281 17.21 -12.77 -13.55
CA ILE E 281 17.93 -11.73 -12.85
C ILE E 281 19.40 -11.99 -13.22
N ILE E 282 19.87 -11.29 -14.24
CA ILE E 282 21.24 -11.47 -14.70
C ILE E 282 22.15 -10.35 -14.21
N LYS E 283 23.33 -10.71 -13.73
CA LYS E 283 24.30 -9.75 -13.23
C LYS E 283 25.65 -10.07 -13.84
N ILE E 284 26.15 -9.15 -14.67
CA ILE E 284 27.44 -9.33 -15.36
C ILE E 284 28.49 -8.32 -14.91
N ASN E 285 29.63 -8.82 -14.44
CA ASN E 285 30.70 -7.95 -13.96
C ASN E 285 31.91 -8.15 -14.84
N ALA E 286 32.60 -7.04 -15.11
CA ALA E 286 33.81 -7.07 -15.93
C ALA E 286 34.93 -7.60 -15.04
N VAL E 287 35.51 -8.73 -15.42
CA VAL E 287 36.59 -9.37 -14.64
C VAL E 287 37.85 -8.52 -14.51
N VAL E 288 38.36 -8.42 -13.29
CA VAL E 288 39.57 -7.65 -12.99
C VAL E 288 40.87 -8.33 -13.50
N PRO E 289 42.00 -7.57 -13.60
CA PRO E 289 43.30 -8.10 -14.08
C PRO E 289 43.42 -9.63 -14.19
N ARG E 301 38.36 -7.87 -22.53
CA ARG E 301 38.30 -8.34 -21.15
C ARG E 301 37.30 -9.50 -21.05
N ALA E 302 37.39 -10.25 -19.94
CA ALA E 302 36.48 -11.38 -19.71
C ALA E 302 35.33 -10.93 -18.80
N TYR E 303 34.30 -11.75 -18.71
CA TYR E 303 33.16 -11.40 -17.88
C TYR E 303 32.60 -12.49 -17.00
N GLU E 304 32.26 -12.11 -15.77
CA GLU E 304 31.68 -13.03 -14.81
C GLU E 304 30.19 -12.80 -14.85
N VAL E 305 29.44 -13.90 -14.86
CA VAL E 305 28.01 -13.81 -14.93
C VAL E 305 27.30 -14.54 -13.80
N SER E 306 26.09 -14.07 -13.51
CA SER E 306 25.25 -14.65 -12.50
C SER E 306 23.82 -14.57 -13.00
N SER E 307 23.32 -15.69 -13.50
CA SER E 307 21.98 -15.73 -14.04
C SER E 307 21.04 -16.52 -13.16
N SER E 308 20.01 -15.82 -12.64
CA SER E 308 19.03 -16.40 -11.73
C SER E 308 17.61 -16.42 -12.32
N ILE E 309 16.98 -17.60 -12.22
CA ILE E 309 15.61 -17.78 -12.69
C ILE E 309 14.67 -17.86 -11.50
N LEU E 310 13.49 -17.27 -11.65
CA LEU E 310 12.53 -17.27 -10.57
C LEU E 310 11.29 -18.07 -10.92
N PRO E 311 11.43 -19.40 -11.02
CA PRO E 311 10.31 -20.28 -11.35
C PRO E 311 9.39 -20.38 -10.14
N SER E 312 8.08 -20.28 -10.37
CA SER E 312 7.09 -20.35 -9.29
C SER E 312 7.23 -21.68 -8.58
N HIS E 313 6.95 -21.70 -7.28
CA HIS E 313 7.07 -22.91 -6.50
C HIS E 313 6.05 -22.90 -5.37
N ILE E 314 5.07 -23.80 -5.46
CA ILE E 314 4.02 -23.89 -4.46
C ILE E 314 4.39 -24.58 -3.15
N THR E 315 4.07 -23.94 -2.04
CA THR E 315 4.37 -24.46 -0.70
C THR E 315 3.11 -24.63 0.15
N CYS E 316 3.30 -24.97 1.43
CA CYS E 316 2.17 -25.17 2.32
C CYS E 316 1.48 -23.85 2.62
N ASN E 317 2.18 -22.74 2.38
CA ASN E 317 1.62 -21.42 2.64
C ASN E 317 0.94 -20.79 1.43
N GLY E 318 1.59 -20.85 0.27
CA GLY E 318 1.02 -20.26 -0.93
C GLY E 318 1.94 -20.33 -2.14
N VAL E 319 1.78 -19.39 -3.07
CA VAL E 319 2.62 -19.36 -4.27
C VAL E 319 3.99 -18.79 -3.96
N GLY E 320 5.00 -19.66 -3.94
CA GLY E 320 6.35 -19.24 -3.65
C GLY E 320 7.23 -19.22 -4.89
N ILE E 321 8.54 -19.11 -4.69
CA ILE E 321 9.49 -19.09 -5.80
C ILE E 321 10.72 -19.92 -5.47
N ASN E 322 11.20 -20.69 -6.44
CA ASN E 322 12.40 -21.48 -6.25
C ASN E 322 13.48 -20.79 -7.09
N LYS E 323 14.38 -20.07 -6.43
CA LYS E 323 15.44 -19.36 -7.12
C LYS E 323 16.55 -20.33 -7.47
N ILE E 324 16.95 -20.32 -8.73
CA ILE E 324 18.04 -21.17 -9.18
C ILE E 324 19.03 -20.22 -9.82
N GLU E 325 20.22 -20.16 -9.24
CA GLU E 325 21.27 -19.26 -9.70
C GLU E 325 22.44 -20.05 -10.27
N THR E 326 22.94 -19.58 -11.42
CA THR E 326 24.07 -20.19 -12.11
C THR E 326 25.15 -19.12 -12.34
N SER E 327 26.41 -19.48 -12.14
CA SER E 327 27.51 -18.53 -12.32
C SER E 327 28.64 -19.15 -13.12
N TYR E 328 29.16 -18.41 -14.08
CA TYR E 328 30.25 -18.91 -14.87
C TYR E 328 31.15 -17.76 -15.30
N LEU E 329 32.14 -18.07 -16.12
CA LEU E 329 33.06 -17.03 -16.58
C LEU E 329 33.28 -17.03 -18.09
N VAL E 330 32.79 -15.98 -18.74
CA VAL E 330 32.94 -15.84 -20.16
C VAL E 330 34.32 -15.24 -20.51
N HIS E 331 35.16 -16.03 -21.16
CA HIS E 331 36.52 -15.64 -21.54
C HIS E 331 36.58 -14.58 -22.61
N ALA E 332 37.53 -13.66 -22.46
CA ALA E 332 37.72 -12.53 -23.37
C ALA E 332 37.49 -12.87 -24.85
N GLY E 333 38.02 -14.00 -25.30
CA GLY E 333 37.83 -14.41 -26.68
C GLY E 333 36.67 -15.36 -26.75
N THR E 334 35.46 -14.84 -26.95
CA THR E 334 34.27 -15.69 -27.06
C THR E 334 33.40 -15.13 -28.14
N LEU E 335 32.73 -16.01 -28.86
CA LEU E 335 31.87 -15.59 -29.96
C LEU E 335 30.39 -15.92 -29.76
N PRO E 336 29.51 -14.96 -30.08
CA PRO E 336 28.06 -15.08 -29.96
C PRO E 336 27.42 -16.07 -30.92
N SER E 337 27.46 -17.35 -30.57
CA SER E 337 26.87 -18.39 -31.42
C SER E 337 26.59 -19.63 -30.60
N SER E 338 25.52 -20.33 -30.95
CA SER E 338 25.15 -21.55 -30.23
C SER E 338 26.39 -22.42 -29.98
N GLU E 339 27.27 -22.47 -30.97
CA GLU E 339 28.49 -23.26 -30.90
C GLU E 339 29.51 -22.65 -29.94
N GLY E 340 29.79 -21.35 -30.14
CA GLY E 340 30.76 -20.67 -29.30
C GLY E 340 30.48 -20.77 -27.81
N LEU E 341 29.21 -20.60 -27.45
CA LEU E 341 28.78 -20.66 -26.05
C LEU E 341 28.79 -22.06 -25.45
N ARG E 342 28.32 -23.06 -26.18
CA ARG E 342 28.31 -24.43 -25.62
C ARG E 342 29.71 -24.97 -25.39
N ASN E 343 30.71 -24.25 -25.88
CA ASN E 343 32.09 -24.68 -25.72
C ASN E 343 32.87 -23.80 -24.77
N ALA E 344 32.63 -22.50 -24.82
CA ALA E 344 33.34 -21.58 -23.92
C ALA E 344 32.73 -21.67 -22.51
N ILE E 345 31.46 -22.06 -22.44
CA ILE E 345 30.73 -22.19 -21.18
C ILE E 345 30.23 -23.62 -20.99
N PRO E 346 31.16 -24.57 -20.80
CA PRO E 346 30.78 -25.97 -20.61
C PRO E 346 30.16 -26.16 -19.23
N PRO E 347 29.43 -27.27 -19.04
CA PRO E 347 28.79 -27.57 -17.77
C PRO E 347 29.73 -27.47 -16.54
N GLU E 348 30.98 -27.90 -16.70
CA GLU E 348 31.93 -27.86 -15.59
C GLU E 348 32.43 -26.47 -15.18
N SER E 349 32.17 -25.47 -16.03
CA SER E 349 32.62 -24.11 -15.74
C SER E 349 31.50 -23.31 -15.08
N ARG E 350 30.37 -23.98 -14.88
CA ARG E 350 29.21 -23.36 -14.25
C ARG E 350 29.00 -23.88 -12.83
N GLN E 351 28.50 -22.99 -11.96
CA GLN E 351 28.18 -23.34 -10.57
C GLN E 351 26.71 -23.03 -10.30
N VAL E 352 25.95 -24.06 -9.95
CA VAL E 352 24.53 -23.89 -9.67
C VAL E 352 24.24 -23.99 -8.18
N SER E 353 23.26 -23.20 -7.74
CA SER E 353 22.85 -23.13 -6.35
C SER E 353 21.35 -22.92 -6.28
N PHE E 354 20.73 -23.46 -5.23
CA PHE E 354 19.30 -23.36 -5.02
C PHE E 354 18.92 -22.67 -3.72
N ALA E 355 17.66 -22.23 -3.70
CA ALA E 355 17.08 -21.56 -2.54
C ALA E 355 15.58 -21.49 -2.75
N ILE E 356 14.82 -21.68 -1.68
CA ILE E 356 13.37 -21.61 -1.81
C ILE E 356 12.82 -20.47 -0.97
N ILE E 357 11.99 -19.63 -1.60
CA ILE E 357 11.40 -18.49 -0.92
C ILE E 357 9.89 -18.70 -0.82
N SER E 358 9.38 -18.75 0.40
CA SER E 358 7.95 -18.96 0.63
C SER E 358 7.19 -17.83 1.28
N PRO E 359 5.87 -17.76 1.04
CA PRO E 359 5.07 -16.71 1.65
C PRO E 359 4.94 -17.09 3.11
N ASP E 360 3.99 -16.48 3.81
CA ASP E 360 3.82 -16.80 5.21
C ASP E 360 2.43 -17.28 5.54
N VAL E 361 2.25 -17.71 6.79
CA VAL E 361 0.98 -18.23 7.28
C VAL E 361 0.08 -17.10 7.75
N GLU F 2 -17.25 -35.40 -9.73
CA GLU F 2 -18.39 -35.10 -10.58
C GLU F 2 -18.02 -35.16 -12.05
N TYR F 3 -17.67 -36.36 -12.51
CA TYR F 3 -17.29 -36.55 -13.91
C TYR F 3 -17.29 -38.04 -14.28
N ASP F 4 -17.12 -38.32 -15.56
CA ASP F 4 -17.09 -39.70 -16.04
C ASP F 4 -15.66 -40.23 -16.11
N ALA F 5 -14.75 -39.45 -16.69
CA ALA F 5 -13.37 -39.87 -16.83
C ALA F 5 -12.35 -38.78 -16.48
N LEU F 6 -11.12 -39.21 -16.18
CA LEU F 6 -10.03 -38.31 -15.86
C LEU F 6 -8.81 -38.74 -16.67
N PHE F 7 -8.54 -38.01 -17.75
CA PHE F 7 -7.42 -38.34 -18.63
C PHE F 7 -6.16 -37.50 -18.40
N LYS F 8 -5.01 -38.18 -18.42
CA LYS F 8 -3.74 -37.51 -18.24
C LYS F 8 -3.03 -37.45 -19.58
N LEU F 9 -2.99 -36.27 -20.18
CA LEU F 9 -2.32 -36.07 -21.46
C LEU F 9 -1.01 -35.36 -21.24
N LEU F 10 -0.12 -35.44 -22.21
CA LEU F 10 1.21 -34.83 -22.11
C LEU F 10 1.70 -34.22 -23.44
N LEU F 11 2.19 -33.00 -23.41
CA LEU F 11 2.73 -32.37 -24.61
C LEU F 11 4.26 -32.51 -24.65
N ILE F 12 4.78 -32.84 -25.82
CA ILE F 12 6.22 -33.02 -25.98
C ILE F 12 6.65 -32.41 -27.31
N GLY F 13 7.94 -32.14 -27.45
CA GLY F 13 8.44 -31.55 -28.67
C GLY F 13 9.56 -30.58 -28.37
N ASP F 14 10.29 -30.15 -29.41
CA ASP F 14 11.39 -29.23 -29.17
C ASP F 14 10.94 -27.90 -28.64
N SER F 15 11.93 -27.13 -28.21
CA SER F 15 11.68 -25.82 -27.64
C SER F 15 11.20 -24.78 -28.64
N GLY F 16 10.08 -24.14 -28.32
CA GLY F 16 9.56 -23.10 -29.17
C GLY F 16 8.57 -23.54 -30.24
N VAL F 17 8.27 -24.83 -30.29
CA VAL F 17 7.34 -25.37 -31.27
C VAL F 17 5.93 -24.78 -31.07
N GLY F 18 5.59 -24.51 -29.81
CA GLY F 18 4.28 -23.93 -29.48
C GLY F 18 3.43 -24.76 -28.54
N LYS F 19 4.07 -25.67 -27.82
CA LYS F 19 3.37 -26.54 -26.88
C LYS F 19 2.41 -25.80 -25.95
N SER F 20 2.93 -24.77 -25.29
CA SER F 20 2.14 -23.99 -24.37
C SER F 20 1.01 -23.20 -25.02
N CYS F 21 1.33 -22.30 -25.96
CA CYS F 21 0.31 -21.50 -26.65
C CYS F 21 -0.85 -22.39 -27.09
N LEU F 22 -0.51 -23.65 -27.37
CA LEU F 22 -1.48 -24.67 -27.78
C LEU F 22 -2.38 -24.97 -26.60
N LEU F 23 -1.74 -25.36 -25.49
CA LEU F 23 -2.47 -25.69 -24.29
C LEU F 23 -3.31 -24.51 -23.79
N LEU F 24 -2.75 -23.30 -23.86
CA LEU F 24 -3.46 -22.10 -23.41
C LEU F 24 -4.68 -21.81 -24.27
N ARG F 25 -4.53 -21.95 -25.59
CA ARG F 25 -5.63 -21.71 -26.51
C ARG F 25 -6.74 -22.74 -26.23
N PHE F 26 -6.34 -23.93 -25.82
CA PHE F 26 -7.29 -24.98 -25.52
C PHE F 26 -8.01 -24.80 -24.17
N ALA F 27 -7.27 -24.40 -23.14
CA ALA F 27 -7.84 -24.21 -21.81
C ALA F 27 -8.58 -22.89 -21.63
N ASP F 28 -7.87 -21.79 -21.83
CA ASP F 28 -8.44 -20.44 -21.65
C ASP F 28 -8.94 -19.82 -22.95
N ASP F 29 -8.63 -20.48 -24.07
CA ASP F 29 -9.02 -20.00 -25.41
C ASP F 29 -8.43 -18.63 -25.74
N THR F 30 -7.14 -18.45 -25.43
CA THR F 30 -6.45 -17.19 -25.69
C THR F 30 -5.01 -17.50 -26.12
N TYR F 31 -4.40 -16.55 -26.82
CA TYR F 31 -3.04 -16.71 -27.29
C TYR F 31 -2.29 -15.39 -27.11
N THR F 32 -1.18 -15.42 -26.38
CA THR F 32 -0.39 -14.20 -26.17
C THR F 32 1.09 -14.46 -26.41
N GLU F 33 1.88 -13.38 -26.34
CA GLU F 33 3.33 -13.49 -26.55
C GLU F 33 4.11 -12.98 -25.35
N SER F 34 3.47 -13.01 -24.18
CA SER F 34 4.10 -12.54 -22.96
C SER F 34 4.62 -13.65 -22.04
N TYR F 35 3.82 -14.70 -21.83
CA TYR F 35 4.24 -15.80 -20.96
C TYR F 35 5.50 -16.24 -21.66
N ILE F 36 6.63 -16.19 -20.95
CA ILE F 36 7.94 -16.56 -21.50
C ILE F 36 8.10 -18.08 -21.54
N SER F 37 9.33 -18.51 -21.78
CA SER F 37 9.69 -19.92 -21.87
C SER F 37 9.22 -20.75 -20.67
N THR F 38 9.16 -22.06 -20.85
CA THR F 38 8.77 -22.95 -19.76
C THR F 38 9.97 -23.68 -19.20
N ILE F 39 10.25 -23.46 -17.92
CA ILE F 39 11.35 -24.12 -17.25
C ILE F 39 10.66 -25.17 -16.42
N GLY F 40 11.07 -26.42 -16.58
CA GLY F 40 10.46 -27.49 -15.81
C GLY F 40 9.10 -27.96 -16.30
N VAL F 41 8.26 -28.35 -15.35
CA VAL F 41 6.92 -28.84 -15.68
C VAL F 41 5.83 -27.83 -15.39
N ASP F 42 4.62 -28.12 -15.83
CA ASP F 42 3.49 -27.24 -15.62
C ASP F 42 2.27 -28.05 -16.03
N PHE F 43 1.08 -27.55 -15.74
CA PHE F 43 -0.13 -28.27 -16.11
C PHE F 43 -1.37 -27.39 -16.06
N LYS F 44 -2.35 -27.74 -16.86
CA LYS F 44 -3.63 -27.02 -16.93
C LYS F 44 -4.73 -28.07 -16.90
N ILE F 45 -5.88 -27.68 -16.40
CA ILE F 45 -7.00 -28.60 -16.31
C ILE F 45 -8.27 -28.06 -16.95
N ARG F 46 -8.79 -28.79 -17.93
CA ARG F 46 -10.03 -28.42 -18.61
C ARG F 46 -10.93 -29.64 -18.80
N THR F 47 -12.22 -29.45 -18.50
CA THR F 47 -13.23 -30.51 -18.61
C THR F 47 -14.16 -30.31 -19.81
N ILE F 48 -14.33 -31.38 -20.59
CA ILE F 48 -15.18 -31.37 -21.78
C ILE F 48 -16.29 -32.42 -21.71
N GLU F 49 -17.06 -32.51 -22.78
CA GLU F 49 -18.14 -33.48 -22.88
C GLU F 49 -18.07 -34.23 -24.20
N LEU F 50 -17.99 -35.55 -24.08
CA LEU F 50 -17.90 -36.45 -25.22
C LEU F 50 -18.93 -37.57 -25.07
N ASP F 51 -19.92 -37.61 -25.98
CA ASP F 51 -20.95 -38.63 -25.94
C ASP F 51 -21.82 -38.47 -24.69
N GLY F 52 -22.21 -37.22 -24.40
CA GLY F 52 -23.02 -36.94 -23.23
C GLY F 52 -22.34 -37.31 -21.92
N LYS F 53 -21.01 -37.41 -21.95
CA LYS F 53 -20.21 -37.74 -20.76
C LYS F 53 -19.48 -36.49 -20.25
N THR F 54 -18.67 -36.67 -19.21
CA THR F 54 -17.89 -35.57 -18.62
C THR F 54 -16.44 -36.03 -18.39
N ILE F 55 -15.52 -35.54 -19.23
CA ILE F 55 -14.11 -35.90 -19.13
C ILE F 55 -13.21 -34.75 -18.63
N LYS F 56 -12.57 -34.97 -17.48
CA LYS F 56 -11.68 -34.00 -16.86
C LYS F 56 -10.30 -34.25 -17.46
N LEU F 57 -9.83 -33.30 -18.26
CA LEU F 57 -8.54 -33.43 -18.91
C LEU F 57 -7.42 -32.75 -18.14
N GLN F 58 -6.38 -33.51 -17.84
CA GLN F 58 -5.25 -32.95 -17.13
C GLN F 58 -4.02 -32.99 -18.04
N ILE F 59 -3.85 -31.92 -18.82
CA ILE F 59 -2.72 -31.82 -19.75
C ILE F 59 -1.44 -31.32 -19.06
N TRP F 60 -0.31 -31.92 -19.42
CA TRP F 60 0.97 -31.53 -18.83
C TRP F 60 1.86 -30.84 -19.86
N ASP F 61 2.61 -29.84 -19.40
CA ASP F 61 3.51 -29.04 -20.24
C ASP F 61 4.96 -29.37 -19.90
N THR F 62 5.88 -29.14 -20.82
CA THR F 62 7.27 -29.44 -20.54
C THR F 62 8.27 -28.62 -21.33
N ALA F 63 9.52 -28.70 -20.90
CA ALA F 63 10.60 -27.98 -21.56
C ALA F 63 11.11 -28.73 -22.78
N GLY F 64 11.23 -28.00 -23.90
CA GLY F 64 11.70 -28.59 -25.16
C GLY F 64 13.17 -28.96 -25.24
N GLN F 65 14.03 -28.26 -24.48
CA GLN F 65 15.45 -28.57 -24.52
C GLN F 65 15.72 -30.04 -24.14
N GLU F 66 16.73 -30.59 -24.77
CA GLU F 66 17.15 -31.96 -24.56
C GLU F 66 17.51 -32.22 -23.10
N ARG F 67 18.20 -31.27 -22.48
CA ARG F 67 18.63 -31.42 -21.09
C ARG F 67 17.50 -31.74 -20.12
N PHE F 68 16.29 -31.27 -20.45
CA PHE F 68 15.12 -31.49 -19.61
C PHE F 68 14.51 -32.89 -19.71
N ARG F 69 14.82 -33.59 -20.80
CA ARG F 69 14.28 -34.93 -21.05
C ARG F 69 14.28 -35.87 -19.85
N THR F 70 15.43 -36.00 -19.20
CA THR F 70 15.56 -36.89 -18.05
C THR F 70 14.45 -36.68 -17.03
N ILE F 71 14.44 -35.50 -16.41
CA ILE F 71 13.47 -35.16 -15.39
C ILE F 71 12.05 -35.11 -15.91
N THR F 72 11.89 -34.82 -17.20
CA THR F 72 10.55 -34.78 -17.82
C THR F 72 9.93 -36.18 -17.85
N SER F 73 10.77 -37.19 -18.09
CA SER F 73 10.36 -38.59 -18.16
C SER F 73 9.41 -39.06 -17.04
N SER F 74 9.68 -38.65 -15.81
CA SER F 74 8.87 -39.03 -14.67
C SER F 74 7.38 -38.79 -14.91
N TYR F 75 7.06 -37.84 -15.77
CA TYR F 75 5.68 -37.49 -16.08
C TYR F 75 5.06 -38.28 -17.22
N TYR F 76 5.91 -38.97 -17.99
CA TYR F 76 5.46 -39.78 -19.12
C TYR F 76 4.55 -40.92 -18.65
N ARG F 77 5.07 -41.78 -17.78
CA ARG F 77 4.30 -42.89 -17.24
C ARG F 77 3.09 -42.38 -16.47
N GLY F 78 1.93 -43.01 -16.68
CA GLY F 78 0.72 -42.58 -16.03
C GLY F 78 -0.09 -41.74 -17.00
N ALA F 79 0.46 -41.52 -18.20
CA ALA F 79 -0.21 -40.72 -19.21
C ALA F 79 -1.07 -41.53 -20.18
N HIS F 80 -2.33 -41.12 -20.32
CA HIS F 80 -3.26 -41.78 -21.22
C HIS F 80 -2.93 -41.47 -22.69
N GLY F 81 -2.45 -40.25 -22.93
CA GLY F 81 -2.09 -39.85 -24.29
C GLY F 81 -0.89 -38.91 -24.33
N ILE F 82 -0.25 -38.83 -25.49
CA ILE F 82 0.91 -37.97 -25.69
C ILE F 82 0.81 -37.23 -27.03
N ILE F 83 0.91 -35.92 -27.00
CA ILE F 83 0.81 -35.14 -28.22
C ILE F 83 2.19 -34.62 -28.60
N VAL F 84 2.77 -35.14 -29.69
CA VAL F 84 4.08 -34.65 -30.11
C VAL F 84 3.85 -33.47 -31.05
N VAL F 85 4.37 -32.31 -30.64
CA VAL F 85 4.24 -31.07 -31.41
C VAL F 85 5.53 -30.70 -32.13
N TYR F 86 5.38 -30.21 -33.37
CA TYR F 86 6.53 -29.78 -34.15
C TYR F 86 6.15 -28.49 -34.89
N ASP F 87 7.19 -27.72 -35.23
CA ASP F 87 7.05 -26.43 -35.90
C ASP F 87 7.09 -26.60 -37.41
N VAL F 88 5.94 -26.39 -38.07
CA VAL F 88 5.91 -26.54 -39.51
C VAL F 88 6.78 -25.53 -40.26
N THR F 89 7.36 -24.56 -39.54
CA THR F 89 8.23 -23.57 -40.18
C THR F 89 9.68 -23.90 -39.84
N ASP F 90 9.86 -24.98 -39.09
CA ASP F 90 11.19 -25.40 -38.70
C ASP F 90 11.43 -26.84 -39.08
N GLN F 91 12.37 -27.07 -39.99
CA GLN F 91 12.68 -28.43 -40.43
C GLN F 91 13.13 -29.30 -39.25
N GLU F 92 14.16 -28.82 -38.55
CA GLU F 92 14.70 -29.51 -37.37
C GLU F 92 13.63 -30.17 -36.46
N SER F 93 12.68 -29.36 -35.99
CA SER F 93 11.61 -29.80 -35.09
C SER F 93 10.90 -31.06 -35.57
N PHE F 94 10.87 -31.25 -36.89
CA PHE F 94 10.23 -32.42 -37.47
C PHE F 94 11.21 -33.61 -37.50
N ASN F 95 12.47 -33.32 -37.86
CA ASN F 95 13.50 -34.36 -37.92
C ASN F 95 13.63 -35.05 -36.57
N ASN F 96 13.31 -34.31 -35.51
CA ASN F 96 13.42 -34.86 -34.16
C ASN F 96 12.17 -35.60 -33.67
N VAL F 97 11.06 -35.53 -34.42
CA VAL F 97 9.83 -36.23 -34.05
C VAL F 97 10.18 -37.69 -33.82
N LYS F 98 11.28 -38.11 -34.45
CA LYS F 98 11.80 -39.47 -34.35
C LYS F 98 12.16 -39.76 -32.89
N GLN F 99 13.01 -38.92 -32.32
CA GLN F 99 13.46 -39.04 -30.92
C GLN F 99 12.33 -38.90 -29.89
N TRP F 100 11.47 -37.90 -30.08
CA TRP F 100 10.34 -37.67 -29.15
C TRP F 100 9.42 -38.90 -29.14
N LEU F 101 9.47 -39.68 -30.21
CA LEU F 101 8.67 -40.89 -30.30
C LEU F 101 9.37 -42.03 -29.58
N GLN F 102 10.67 -42.18 -29.84
CA GLN F 102 11.47 -43.23 -29.20
C GLN F 102 11.44 -43.05 -27.68
N GLU F 103 11.27 -41.79 -27.26
CA GLU F 103 11.21 -41.48 -25.83
C GLU F 103 9.89 -41.96 -25.22
N ILE F 104 8.81 -41.80 -25.98
CA ILE F 104 7.50 -42.23 -25.49
C ILE F 104 7.56 -43.71 -25.13
N ASP F 105 8.31 -44.46 -25.92
CA ASP F 105 8.43 -45.91 -25.71
C ASP F 105 9.21 -46.23 -24.46
N ARG F 106 10.38 -45.61 -24.31
CA ARG F 106 11.23 -45.89 -23.16
C ARG F 106 10.65 -45.52 -21.80
N TYR F 107 9.49 -44.87 -21.75
CA TYR F 107 8.90 -44.47 -20.45
C TYR F 107 7.39 -44.70 -20.27
N ALA F 108 6.60 -44.26 -21.24
CA ALA F 108 5.14 -44.41 -21.16
C ALA F 108 4.72 -45.85 -21.42
N SER F 109 3.43 -46.13 -21.21
CA SER F 109 2.87 -47.46 -21.44
C SER F 109 2.53 -47.63 -22.94
N GLU F 110 2.92 -48.77 -23.52
CA GLU F 110 2.69 -49.06 -24.94
C GLU F 110 1.24 -48.84 -25.41
N ASN F 111 0.28 -49.05 -24.52
CA ASN F 111 -1.14 -48.87 -24.85
C ASN F 111 -1.57 -47.39 -24.85
N VAL F 112 -0.58 -46.49 -24.92
CA VAL F 112 -0.81 -45.04 -24.91
C VAL F 112 -1.14 -44.53 -26.31
N ASN F 113 -2.13 -43.65 -26.39
CA ASN F 113 -2.57 -43.06 -27.67
C ASN F 113 -1.67 -41.91 -28.03
N LYS F 114 -1.25 -41.84 -29.29
CA LYS F 114 -0.38 -40.77 -29.75
C LYS F 114 -1.01 -39.94 -30.88
N LEU F 115 -0.68 -38.66 -30.91
CA LEU F 115 -1.16 -37.74 -31.94
C LEU F 115 -0.13 -36.71 -32.38
N LEU F 116 0.30 -36.77 -33.64
CA LEU F 116 1.26 -35.79 -34.12
C LEU F 116 0.53 -34.49 -34.48
N VAL F 117 1.19 -33.35 -34.24
CA VAL F 117 0.61 -32.04 -34.53
C VAL F 117 1.64 -31.06 -35.09
N GLY F 118 1.31 -30.46 -36.24
CA GLY F 118 2.20 -29.49 -36.84
C GLY F 118 1.66 -28.09 -36.56
N ASN F 119 2.33 -27.37 -35.64
CA ASN F 119 1.87 -26.04 -35.29
C ASN F 119 2.57 -24.91 -36.04
N LYS F 120 1.94 -23.72 -35.97
CA LYS F 120 2.40 -22.49 -36.61
C LYS F 120 2.11 -22.48 -38.11
N CYS F 121 1.20 -23.37 -38.53
CA CYS F 121 0.83 -23.47 -39.93
C CYS F 121 0.24 -22.16 -40.51
N ASP F 122 -0.05 -21.17 -39.66
CA ASP F 122 -0.61 -19.92 -40.17
C ASP F 122 0.46 -19.09 -40.88
N LEU F 123 1.72 -19.41 -40.62
CA LEU F 123 2.86 -18.73 -41.24
C LEU F 123 3.17 -19.45 -42.55
N THR F 124 2.24 -19.35 -43.49
CA THR F 124 2.36 -20.00 -44.78
C THR F 124 3.66 -19.63 -45.50
N THR F 125 4.07 -18.36 -45.36
CA THR F 125 5.30 -17.85 -45.97
C THR F 125 6.51 -18.70 -45.61
N LYS F 126 6.70 -18.88 -44.30
CA LYS F 126 7.83 -19.64 -43.77
C LYS F 126 7.65 -21.15 -43.73
N LYS F 127 6.46 -21.65 -44.07
CA LYS F 127 6.23 -23.09 -44.02
C LYS F 127 7.31 -23.84 -44.78
N VAL F 128 7.76 -24.97 -44.23
CA VAL F 128 8.81 -25.79 -44.85
C VAL F 128 8.58 -27.28 -44.66
N VAL F 129 7.54 -27.66 -43.94
CA VAL F 129 7.26 -29.08 -43.77
C VAL F 129 5.91 -29.35 -44.40
N ASP F 130 5.95 -30.09 -45.52
CA ASP F 130 4.78 -30.44 -46.31
C ASP F 130 3.78 -31.35 -45.62
N TYR F 131 2.50 -30.96 -45.72
CA TYR F 131 1.41 -31.70 -45.12
C TYR F 131 1.53 -33.18 -45.47
N THR F 132 1.84 -33.43 -46.73
CA THR F 132 1.99 -34.77 -47.25
C THR F 132 3.17 -35.56 -46.65
N THR F 133 4.32 -34.91 -46.49
CA THR F 133 5.51 -35.58 -45.94
C THR F 133 5.22 -36.08 -44.52
N ALA F 134 4.53 -35.23 -43.77
CA ALA F 134 4.15 -35.52 -42.37
C ALA F 134 2.98 -36.49 -42.31
N LYS F 135 1.94 -36.17 -43.10
CA LYS F 135 0.75 -37.02 -43.18
C LYS F 135 1.26 -38.44 -43.52
N GLU F 136 2.39 -38.47 -44.24
CA GLU F 136 3.02 -39.72 -44.65
C GLU F 136 3.50 -40.45 -43.41
N PHE F 137 4.52 -39.90 -42.80
CA PHE F 137 5.12 -40.47 -41.60
C PHE F 137 4.09 -40.76 -40.50
N ALA F 138 3.05 -39.91 -40.42
CA ALA F 138 2.00 -40.07 -39.42
C ALA F 138 1.22 -41.37 -39.60
N ASP F 139 0.86 -41.66 -40.86
CA ASP F 139 0.11 -42.87 -41.20
C ASP F 139 0.96 -44.13 -41.15
N SER F 140 2.26 -43.99 -41.45
CA SER F 140 3.17 -45.13 -41.44
C SER F 140 3.36 -45.66 -40.01
N LEU F 141 2.78 -44.95 -39.04
CA LEU F 141 2.86 -45.33 -37.63
C LEU F 141 1.46 -45.56 -37.03
N GLY F 142 0.44 -45.11 -37.76
CA GLY F 142 -0.94 -45.26 -37.32
C GLY F 142 -1.28 -44.16 -36.34
N ILE F 143 -0.52 -43.08 -36.42
CA ILE F 143 -0.69 -41.93 -35.53
C ILE F 143 -1.52 -40.86 -36.20
N PRO F 144 -2.65 -40.46 -35.58
CA PRO F 144 -3.48 -39.42 -36.20
C PRO F 144 -2.67 -38.15 -36.33
N PHE F 145 -2.89 -37.40 -37.41
CA PHE F 145 -2.12 -36.19 -37.66
C PHE F 145 -3.00 -34.99 -37.99
N LEU F 146 -2.59 -33.81 -37.50
CA LEU F 146 -3.30 -32.57 -37.77
C LEU F 146 -2.39 -31.36 -37.85
N GLU F 147 -2.83 -30.34 -38.59
CA GLU F 147 -2.07 -29.10 -38.69
C GLU F 147 -2.81 -28.03 -37.89
N THR F 148 -2.13 -27.46 -36.89
CA THR F 148 -2.73 -26.45 -36.01
C THR F 148 -2.02 -25.10 -35.96
N SER F 149 -2.79 -24.09 -35.58
CA SER F 149 -2.29 -22.73 -35.45
C SER F 149 -2.88 -22.19 -34.16
N ALA F 150 -2.13 -22.29 -33.07
CA ALA F 150 -2.59 -21.79 -31.78
C ALA F 150 -2.96 -20.31 -31.87
N LYS F 151 -2.30 -19.60 -32.79
CA LYS F 151 -2.52 -18.18 -33.00
C LYS F 151 -3.95 -17.88 -33.48
N ASN F 152 -4.42 -18.67 -34.44
CA ASN F 152 -5.76 -18.51 -35.02
C ASN F 152 -6.76 -19.55 -34.55
N ALA F 153 -6.34 -20.39 -33.62
CA ALA F 153 -7.22 -21.45 -33.08
C ALA F 153 -7.59 -22.47 -34.18
N THR F 154 -6.66 -22.72 -35.09
CA THR F 154 -6.90 -23.67 -36.18
C THR F 154 -6.67 -25.10 -35.72
N ASN F 155 -7.73 -25.90 -35.71
CA ASN F 155 -7.64 -27.31 -35.30
C ASN F 155 -7.06 -27.50 -33.93
N VAL F 156 -7.05 -26.46 -33.10
CA VAL F 156 -6.49 -26.62 -31.77
C VAL F 156 -7.45 -27.45 -30.93
N GLU F 157 -8.73 -27.12 -30.99
CA GLU F 157 -9.70 -27.85 -30.21
C GLU F 157 -9.88 -29.28 -30.70
N GLN F 158 -9.81 -29.43 -32.02
CA GLN F 158 -9.97 -30.74 -32.65
C GLN F 158 -8.84 -31.68 -32.24
N SER F 159 -7.64 -31.11 -32.09
CA SER F 159 -6.47 -31.90 -31.70
C SER F 159 -6.68 -32.60 -30.37
N PHE F 160 -7.29 -31.87 -29.41
CA PHE F 160 -7.55 -32.44 -28.09
C PHE F 160 -8.81 -33.30 -28.09
N MET F 161 -9.87 -32.81 -28.74
CA MET F 161 -11.13 -33.54 -28.82
C MET F 161 -10.91 -34.93 -29.47
N THR F 162 -9.88 -35.01 -30.31
CA THR F 162 -9.49 -36.24 -31.01
C THR F 162 -8.84 -37.19 -30.02
N MET F 163 -7.89 -36.65 -29.26
CA MET F 163 -7.17 -37.42 -28.28
C MET F 163 -8.14 -37.96 -27.23
N ALA F 164 -9.14 -37.15 -26.89
CA ALA F 164 -10.15 -37.52 -25.90
C ALA F 164 -10.97 -38.71 -26.37
N ALA F 165 -11.36 -38.68 -27.65
CA ALA F 165 -12.13 -39.76 -28.27
C ALA F 165 -11.26 -41.01 -28.41
N GLU F 166 -10.03 -40.82 -28.88
CA GLU F 166 -9.09 -41.93 -29.07
C GLU F 166 -8.94 -42.76 -27.80
N ILE F 167 -8.85 -42.07 -26.66
CA ILE F 167 -8.69 -42.71 -25.36
C ILE F 167 -10.01 -43.31 -24.85
N LYS F 168 -11.09 -42.54 -24.95
CA LYS F 168 -12.41 -42.99 -24.51
C LYS F 168 -12.80 -44.27 -25.25
N LYS F 169 -12.30 -44.39 -26.48
CA LYS F 169 -12.56 -45.55 -27.34
C LYS F 169 -11.80 -46.78 -26.82
N ARG F 170 -11.38 -46.73 -25.55
CA ARG F 170 -10.67 -47.86 -24.95
C ARG F 170 -11.31 -48.23 -23.63
N MET F 171 -11.15 -47.36 -22.66
CA MET F 171 -11.70 -47.57 -21.33
C MET F 171 -13.10 -47.00 -21.21
AL AF3 G . -30.14 -8.05 15.85
F1 AF3 G . -31.65 -7.40 16.11
F2 AF3 G . -28.94 -7.00 15.30
F3 AF3 G . -29.84 -9.69 16.19
PB GDP H . -31.99 -7.81 13.40
O1B GDP H . -30.65 -8.41 14.02
O2B GDP H . -33.21 -8.18 14.22
O3B GDP H . -31.67 -6.36 13.14
O3A GDP H . -32.25 -8.61 12.01
PA GDP H . -31.52 -8.46 10.56
O1A GDP H . -32.32 -7.45 9.76
O2A GDP H . -30.00 -8.34 10.54
O5' GDP H . -31.89 -9.98 10.02
C5' GDP H . -31.07 -11.16 10.20
C4' GDP H . -31.35 -12.05 9.01
O4' GDP H . -32.72 -11.88 8.78
C3' GDP H . -30.90 -11.53 7.66
O3' GDP H . -29.52 -11.45 7.30
C2' GDP H . -31.70 -12.34 6.68
O2' GDP H . -31.22 -13.69 6.37
C1' GDP H . -32.99 -12.36 7.47
N9 GDP H . -33.95 -11.47 6.80
C8 GDP H . -34.20 -10.20 7.06
N7 GDP H . -35.17 -9.76 6.20
C5 GDP H . -35.51 -10.79 5.41
C6 GDP H . -36.48 -10.97 4.30
O6 GDP H . -37.29 -9.98 3.84
N1 GDP H . -36.55 -12.19 3.74
C2 GDP H . -35.76 -13.23 4.16
N2 GDP H . -35.84 -14.47 3.57
N3 GDP H . -34.87 -13.03 5.19
C4 GDP H . -34.74 -11.85 5.81
MG MG I . -29.65 -5.40 13.52
AL AF3 J . -0.69 32.44 -13.17
F1 AF3 J . -0.10 33.16 -14.55
F2 AF3 J . -0.23 30.86 -12.97
F3 AF3 J . -1.54 33.21 -11.93
PB GDP K . -2.84 31.96 -15.51
O1B GDP K . -2.33 31.75 -13.98
O2B GDP K . -2.85 33.44 -15.84
O3B GDP K . -2.17 30.95 -16.43
O3A GDP K . -4.45 31.68 -15.43
PA GDP K . -5.40 30.35 -15.20
O1A GDP K . -5.52 29.54 -16.45
O2A GDP K . -4.98 29.71 -13.90
O5' GDP K . -6.84 31.03 -14.94
C5' GDP K . -7.10 31.39 -13.60
C4' GDP K . -8.54 31.09 -13.26
O4' GDP K . -9.30 31.89 -14.12
C3' GDP K . -9.00 29.68 -13.55
O3' GDP K . -8.74 28.73 -12.51
C2' GDP K . -10.48 29.86 -13.85
O2' GDP K . -11.34 29.75 -12.70
C1' GDP K . -10.56 31.28 -14.41
N9 GDP K . -10.63 31.10 -15.88
C8 GDP K . -9.60 30.78 -16.69
N7 GDP K . -10.04 30.69 -17.96
C5 GDP K . -11.35 30.95 -17.91
C6 GDP K . -12.37 31.00 -18.97
O6 GDP K . -11.98 30.75 -20.24
N1 GDP K . -13.64 31.29 -18.57
C2 GDP K . -13.92 31.54 -17.25
N2 GDP K . -15.18 31.83 -16.82
N3 GDP K . -12.99 31.49 -16.29
C4 GDP K . -11.72 31.21 -16.61
MG MG L . -0.56 29.48 -15.16
AL AF3 M . 9.54 -24.39 -24.28
F1 AF3 M . 9.22 -25.89 -24.94
F2 AF3 M . 8.94 -24.05 -22.75
F3 AF3 M . 10.46 -23.23 -25.07
PB GDP N . 7.02 -24.18 -26.18
O1B GDP N . 7.99 -23.53 -25.08
O2B GDP N . 7.87 -25.07 -27.05
O3B GDP N . 5.83 -24.76 -25.47
O3A GDP N . 6.57 -22.91 -27.09
PA GDP N . 5.40 -21.79 -26.87
O1A GDP N . 4.03 -22.39 -26.86
O2A GDP N . 5.78 -20.86 -25.75
O5' GDP N . 5.58 -20.91 -28.23
C5' GDP N . 6.65 -19.96 -28.28
C4' GDP N . 6.42 -18.83 -29.30
O4' GDP N . 6.41 -19.38 -30.60
C3' GDP N . 5.12 -17.97 -29.20
O3' GDP N . 4.97 -16.90 -28.25
C2' GDP N . 4.96 -17.44 -30.62
O2' GDP N . 5.66 -16.20 -30.92
C1' GDP N . 5.44 -18.67 -31.42
N9 GDP N . 4.18 -19.49 -31.65
C8 GDP N . 3.71 -20.44 -30.83
N7 GDP N . 2.56 -20.97 -31.34
C5 GDP N . 2.28 -20.33 -32.50
C6 GDP N . 1.17 -20.44 -33.54
O6 GDP N . 0.14 -21.33 -33.44
N1 GDP N . 1.24 -19.61 -34.61
C2 GDP N . 2.28 -18.73 -34.72
N2 GDP N . 2.36 -17.90 -35.77
N3 GDP N . 3.27 -18.62 -33.79
C4 GDP N . 3.31 -19.41 -32.69
MG MG O . 6.14 -23.93 -22.78
#